data_5NWK
#
_entry.id   5NWK
#
_cell.length_a   99.806
_cell.length_b   165.661
_cell.length_c   170.552
_cell.angle_alpha   90.00
_cell.angle_beta   90.00
_cell.angle_gamma   90.00
#
_symmetry.space_group_name_H-M   'P 21 21 21'
#
loop_
_entity.id
_entity.type
_entity.pdbx_description
1 polymer '14-3-3 c-1 protein'
2 polymer 'Potassium channel KAT1'
3 non-polymer FUSICOCCIN
4 non-polymer PHOSPHOSERINE
5 water water
#
loop_
_entity_poly.entity_id
_entity_poly.type
_entity_poly.pdbx_seq_one_letter_code
_entity_poly.pdbx_strand_id
1 'polypeptide(L)'
;PGMAVAPTAREENVYMAKLAEQAERYEEMVEFMEKVSNSLGSEELTVEERNLLSVAYKNVIGARRASWRIISSIEQKEES
RGNEEHVNSIREYRSKIENELSKICDGILKLLDAKLIPSAASGDSKVFYLKMKGDYHRYLAEFKTGAERKEAAESTLTAY
KAAQDIATTELAPTHPIRLGLALNFSVFYYEILNSPDRACNLAKQAFDEAIAELDTLGEESYKDSTLIMQLLRDNLTLWT
SDMQDDGADEIKEDPKPDEAKN
;
A,B,C,D,E,F,G,H
2 'polypeptide(L)' YFS(SEP)N P,Q,R,S,T,U,V,W
#
# COMPACT_ATOMS: atom_id res chain seq x y z
N PRO A 7 11.84 72.21 -46.62
CA PRO A 7 10.45 72.25 -46.14
C PRO A 7 10.25 73.29 -45.03
N THR A 8 9.23 74.13 -45.18
CA THR A 8 8.94 75.16 -44.17
C THR A 8 8.75 74.55 -42.79
N ALA A 9 8.88 75.38 -41.75
CA ALA A 9 8.69 74.88 -40.38
C ALA A 9 7.33 74.23 -40.21
N ARG A 10 6.33 74.68 -40.98
CA ARG A 10 5.01 74.05 -40.95
C ARG A 10 5.10 72.58 -41.32
N GLU A 11 5.75 72.28 -42.46
CA GLU A 11 5.86 70.89 -42.90
C GLU A 11 6.67 70.05 -41.94
N GLU A 12 7.67 70.64 -41.28
CA GLU A 12 8.44 69.88 -40.29
C GLU A 12 7.56 69.46 -39.13
N ASN A 13 6.87 70.41 -38.50
CA ASN A 13 5.98 70.07 -37.39
C ASN A 13 4.89 69.10 -37.83
N VAL A 14 4.33 69.29 -39.03
CA VAL A 14 3.34 68.37 -39.56
C VAL A 14 3.95 66.98 -39.74
N TYR A 15 5.15 66.91 -40.31
CA TYR A 15 5.82 65.63 -40.44
C TYR A 15 6.25 65.08 -39.09
N MET A 16 6.79 65.92 -38.21
CA MET A 16 7.15 65.48 -36.88
C MET A 16 5.93 65.05 -36.08
N ALA A 17 4.76 65.62 -36.39
CA ALA A 17 3.53 65.15 -35.76
C ALA A 17 3.14 63.77 -36.26
N LYS A 18 3.34 63.51 -37.56
CA LYS A 18 3.07 62.17 -38.09
C LYS A 18 4.11 61.16 -37.61
N LEU A 19 5.35 61.61 -37.38
CA LEU A 19 6.34 60.72 -36.77
C LEU A 19 5.95 60.36 -35.35
N ALA A 20 5.39 61.32 -34.60
CA ALA A 20 5.00 61.06 -33.22
C ALA A 20 3.82 60.11 -33.15
N GLU A 21 2.88 60.22 -34.09
CA GLU A 21 1.74 59.31 -34.11
C GLU A 21 2.18 57.87 -34.32
N GLN A 22 3.06 57.65 -35.31
CA GLN A 22 3.54 56.30 -35.57
C GLN A 22 4.30 55.74 -34.37
N ALA A 23 5.08 56.59 -33.69
CA ALA A 23 5.73 56.17 -32.45
C ALA A 23 4.78 56.21 -31.26
N GLU A 24 3.56 56.71 -31.45
CA GLU A 24 2.55 56.80 -30.39
C GLU A 24 3.04 57.66 -29.22
N ARG A 25 3.82 58.69 -29.52
CA ARG A 25 4.26 59.67 -28.54
C ARG A 25 3.29 60.86 -28.62
N TYR A 26 2.11 60.65 -28.04
CA TYR A 26 1.00 61.58 -28.28
C TYR A 26 1.15 62.88 -27.52
N GLU A 27 1.92 62.90 -26.42
CA GLU A 27 2.16 64.15 -25.72
C GLU A 27 3.00 65.10 -26.58
N GLU A 28 4.02 64.58 -27.25
CA GLU A 28 4.81 65.41 -28.16
C GLU A 28 4.07 65.74 -29.44
N MET A 29 3.17 64.85 -29.87
CA MET A 29 2.40 65.09 -31.09
C MET A 29 1.53 66.34 -30.95
N VAL A 30 0.97 66.56 -29.76
CA VAL A 30 0.13 67.73 -29.52
C VAL A 30 0.94 69.01 -29.74
N GLU A 31 2.15 69.05 -29.20
CA GLU A 31 2.96 70.26 -29.28
C GLU A 31 3.34 70.60 -30.71
N PHE A 32 3.50 69.59 -31.57
CA PHE A 32 3.81 69.85 -32.97
C PHE A 32 2.63 70.48 -33.69
N MET A 33 1.43 69.91 -33.48
CA MET A 33 0.24 70.47 -34.13
C MET A 33 -0.17 71.79 -33.50
N GLU A 34 0.06 71.97 -32.20
CA GLU A 34 -0.22 73.25 -31.57
C GLU A 34 0.67 74.36 -32.14
N LYS A 35 1.92 74.02 -32.46
CA LYS A 35 2.80 74.99 -33.11
C LYS A 35 2.31 75.34 -34.50
N VAL A 36 1.64 74.40 -35.17
CA VAL A 36 1.06 74.69 -36.49
C VAL A 36 -0.21 75.51 -36.35
N SER A 37 -1.04 75.19 -35.35
CA SER A 37 -2.29 75.92 -35.16
C SER A 37 -2.05 77.37 -34.77
N ASN A 38 -0.97 77.64 -34.05
CA ASN A 38 -0.66 79.00 -33.59
C ASN A 38 0.18 79.79 -34.58
N SER A 39 0.67 79.16 -35.64
CA SER A 39 1.45 79.86 -36.67
C SER A 39 0.62 80.12 -37.92
N LEU A 40 -0.67 80.35 -37.78
CA LEU A 40 -1.55 80.63 -38.90
C LEU A 40 -2.27 81.96 -38.68
N GLY A 41 -2.48 82.70 -39.76
CA GLY A 41 -3.16 83.97 -39.69
C GLY A 41 -4.66 83.84 -39.89
N SER A 42 -5.15 84.30 -41.04
CA SER A 42 -6.57 84.18 -41.34
C SER A 42 -6.95 82.76 -41.74
N GLU A 43 -6.02 82.02 -42.35
CA GLU A 43 -6.34 80.70 -42.87
C GLU A 43 -6.50 79.68 -41.75
N GLU A 44 -7.39 78.72 -42.00
CA GLU A 44 -7.62 77.62 -41.07
C GLU A 44 -6.73 76.43 -41.43
N LEU A 45 -6.76 75.41 -40.59
CA LEU A 45 -5.96 74.21 -40.83
C LEU A 45 -6.50 73.43 -42.02
N THR A 46 -5.60 72.74 -42.71
CA THR A 46 -6.00 71.82 -43.75
C THR A 46 -6.56 70.55 -43.14
N VAL A 47 -7.34 69.82 -43.95
CA VAL A 47 -8.06 68.63 -43.45
C VAL A 47 -7.10 67.64 -42.80
N GLU A 48 -5.93 67.44 -43.41
CA GLU A 48 -4.95 66.51 -42.83
C GLU A 48 -4.45 67.01 -41.49
N GLU A 49 -3.99 68.26 -41.44
CA GLU A 49 -3.52 68.83 -40.18
C GLU A 49 -4.67 68.98 -39.18
N ARG A 50 -5.87 69.30 -39.66
CA ARG A 50 -7.01 69.48 -38.77
C ARG A 50 -7.34 68.18 -38.03
N ASN A 51 -7.41 67.06 -38.77
CA ASN A 51 -7.68 65.78 -38.12
C ASN A 51 -6.51 65.32 -37.28
N LEU A 52 -5.28 65.65 -37.69
CA LEU A 52 -4.12 65.32 -36.88
C LEU A 52 -4.21 65.95 -35.49
N LEU A 53 -4.80 67.13 -35.39
CA LEU A 53 -4.96 67.77 -34.09
C LEU A 53 -6.05 67.11 -33.26
N SER A 54 -7.13 66.68 -33.91
CA SER A 54 -8.16 65.93 -33.18
C SER A 54 -7.62 64.60 -32.69
N VAL A 55 -6.79 63.94 -33.49
CA VAL A 55 -6.22 62.66 -33.11
C VAL A 55 -5.14 62.85 -32.04
N ALA A 56 -4.40 63.96 -32.11
CA ALA A 56 -3.39 64.23 -31.09
C ALA A 56 -4.01 64.28 -29.70
N TYR A 57 -5.03 65.13 -29.52
CA TYR A 57 -5.74 65.18 -28.25
C TYR A 57 -6.61 63.95 -28.01
N LYS A 58 -6.88 63.14 -29.03
CA LYS A 58 -7.69 61.94 -28.84
C LYS A 58 -7.00 60.95 -27.91
N ASN A 59 -5.76 60.58 -28.23
CA ASN A 59 -5.03 59.61 -27.43
C ASN A 59 -4.49 60.20 -26.14
N VAL A 60 -4.28 61.51 -26.08
CA VAL A 60 -3.86 62.14 -24.83
C VAL A 60 -4.98 62.06 -23.80
N ILE A 61 -6.18 62.48 -24.17
CA ILE A 61 -7.31 62.38 -23.26
C ILE A 61 -7.70 60.92 -23.04
N GLY A 62 -7.48 60.07 -24.04
CA GLY A 62 -7.94 58.69 -23.96
C GLY A 62 -7.14 57.86 -22.97
N ALA A 63 -5.83 58.10 -22.89
CA ALA A 63 -5.00 57.38 -21.92
C ALA A 63 -5.42 57.68 -20.49
N ARG A 64 -5.89 58.91 -20.23
CA ARG A 64 -6.31 59.28 -18.89
C ARG A 64 -7.72 58.78 -18.59
N ARG A 65 -8.60 58.79 -19.59
CA ARG A 65 -9.95 58.26 -19.39
C ARG A 65 -9.91 56.77 -19.11
N ALA A 66 -9.07 56.02 -19.84
CA ALA A 66 -8.92 54.60 -19.58
C ALA A 66 -8.40 54.36 -18.16
N SER A 67 -7.36 55.10 -17.77
CA SER A 67 -6.82 54.95 -16.42
C SER A 67 -7.85 55.34 -15.36
N TRP A 68 -8.60 56.41 -15.61
CA TRP A 68 -9.59 56.87 -14.63
C TRP A 68 -10.73 55.87 -14.48
N ARG A 69 -11.15 55.24 -15.58
CA ARG A 69 -12.28 54.33 -15.54
C ARG A 69 -11.98 53.10 -14.70
N ILE A 70 -10.76 52.56 -14.81
CA ILE A 70 -10.40 51.39 -14.02
C ILE A 70 -10.17 51.77 -12.57
N ILE A 71 -9.56 52.94 -12.33
CA ILE A 71 -9.37 53.42 -10.96
C ILE A 71 -10.73 53.66 -10.30
N SER A 72 -11.73 54.11 -11.08
CA SER A 72 -13.06 54.31 -10.52
C SER A 72 -13.70 52.99 -10.12
N SER A 73 -13.58 51.96 -10.96
CA SER A 73 -14.12 50.65 -10.60
C SER A 73 -13.40 50.08 -9.39
N ILE A 74 -12.07 50.14 -9.38
CA ILE A 74 -11.31 49.69 -8.21
C ILE A 74 -11.71 50.49 -6.98
N GLU A 75 -12.05 51.77 -7.15
CA GLU A 75 -12.51 52.57 -6.02
C GLU A 75 -13.89 52.13 -5.57
N GLN A 76 -14.78 51.82 -6.50
CA GLN A 76 -16.12 51.37 -6.13
C GLN A 76 -16.08 50.03 -5.41
N LYS A 77 -15.21 49.12 -5.87
CA LYS A 77 -15.09 47.81 -5.23
C LYS A 77 -14.50 47.93 -3.83
N GLU A 78 -13.58 48.86 -3.61
CA GLU A 78 -13.01 49.04 -2.28
C GLU A 78 -13.96 49.72 -1.33
N GLU A 79 -14.86 50.58 -1.84
CA GLU A 79 -15.85 51.21 -0.99
C GLU A 79 -16.86 50.19 -0.47
N SER A 80 -17.25 49.24 -1.32
CA SER A 80 -18.18 48.20 -0.89
C SER A 80 -17.57 47.33 0.22
N ARG A 81 -16.30 46.96 0.07
CA ARG A 81 -15.60 46.20 1.09
C ARG A 81 -15.24 47.02 2.32
N GLY A 82 -15.37 48.35 2.25
CA GLY A 82 -15.03 49.18 3.40
C GLY A 82 -13.56 49.21 3.75
N ASN A 83 -12.69 48.89 2.80
CA ASN A 83 -11.24 48.92 3.04
C ASN A 83 -10.77 50.37 2.96
N GLU A 84 -10.92 51.07 4.09
CA GLU A 84 -10.54 52.49 4.14
C GLU A 84 -9.06 52.71 3.85
N GLU A 85 -8.22 51.69 4.04
CA GLU A 85 -6.79 51.83 3.78
C GLU A 85 -6.54 52.26 2.34
N HIS A 86 -6.99 51.44 1.38
CA HIS A 86 -6.73 51.68 -0.03
C HIS A 86 -7.59 52.80 -0.60
N VAL A 87 -8.76 53.06 -0.01
CA VAL A 87 -9.67 54.07 -0.55
C VAL A 87 -9.00 55.44 -0.58
N ASN A 88 -8.37 55.83 0.53
CA ASN A 88 -7.65 57.10 0.57
C ASN A 88 -6.59 57.18 -0.51
N SER A 89 -5.91 56.05 -0.77
CA SER A 89 -4.91 56.02 -1.83
C SER A 89 -5.56 56.13 -3.20
N ILE A 90 -6.62 55.34 -3.44
CA ILE A 90 -7.29 55.38 -4.74
C ILE A 90 -7.95 56.72 -4.98
N ARG A 91 -8.32 57.44 -3.91
CA ARG A 91 -8.87 58.78 -4.08
C ARG A 91 -7.79 59.78 -4.45
N GLU A 92 -6.61 59.65 -3.84
CA GLU A 92 -5.53 60.58 -4.12
C GLU A 92 -4.86 60.28 -5.46
N TYR A 93 -4.89 59.02 -5.90
CA TYR A 93 -4.37 58.70 -7.23
C TYR A 93 -5.37 59.08 -8.32
N ARG A 94 -6.67 58.94 -8.04
CA ARG A 94 -7.69 59.39 -8.99
C ARG A 94 -7.70 60.90 -9.09
N SER A 95 -7.48 61.60 -7.96
CA SER A 95 -7.35 63.05 -7.98
C SER A 95 -6.27 63.49 -8.96
N LYS A 96 -5.23 62.69 -9.12
CA LYS A 96 -4.17 63.03 -10.07
C LYS A 96 -4.69 62.98 -11.51
N ILE A 97 -5.41 61.92 -11.87
CA ILE A 97 -5.86 61.75 -13.24
C ILE A 97 -6.96 62.75 -13.57
N GLU A 98 -7.86 63.02 -12.63
CA GLU A 98 -8.87 64.05 -12.85
C GLU A 98 -8.24 65.41 -13.09
N ASN A 99 -7.15 65.71 -12.38
CA ASN A 99 -6.46 66.98 -12.59
C ASN A 99 -5.79 67.02 -13.94
N GLU A 100 -5.22 65.90 -14.40
CA GLU A 100 -4.64 65.84 -15.73
C GLU A 100 -5.71 65.97 -16.80
N LEU A 101 -6.86 65.32 -16.60
CA LEU A 101 -7.96 65.45 -17.55
C LEU A 101 -8.38 66.91 -17.73
N SER A 102 -8.47 67.66 -16.63
CA SER A 102 -8.91 69.05 -16.71
C SER A 102 -7.91 69.92 -17.46
N LYS A 103 -6.61 69.64 -17.33
CA LYS A 103 -5.62 70.42 -18.07
C LYS A 103 -5.66 70.10 -19.56
N ILE A 104 -5.91 68.83 -19.90
CA ILE A 104 -5.98 68.44 -21.32
C ILE A 104 -7.17 69.10 -21.98
N CYS A 105 -8.35 69.02 -21.34
CA CYS A 105 -9.54 69.65 -21.89
C CYS A 105 -9.37 71.17 -21.98
N ASP A 106 -8.88 71.78 -20.89
CA ASP A 106 -8.75 73.23 -20.88
C ASP A 106 -7.78 73.71 -21.97
N GLY A 107 -6.71 72.96 -22.20
CA GLY A 107 -5.75 73.36 -23.23
C GLY A 107 -6.36 73.38 -24.62
N ILE A 108 -7.13 72.35 -24.97
CA ILE A 108 -7.73 72.30 -26.30
C ILE A 108 -8.96 73.20 -26.37
N LEU A 109 -9.73 73.30 -25.27
CA LEU A 109 -10.92 74.15 -25.28
C LEU A 109 -10.55 75.62 -25.44
N LYS A 110 -9.45 76.05 -24.83
CA LYS A 110 -8.98 77.41 -25.02
C LYS A 110 -8.53 77.64 -26.46
N LEU A 111 -7.81 76.66 -27.03
CA LEU A 111 -7.36 76.79 -28.42
C LEU A 111 -8.53 76.81 -29.39
N LEU A 112 -9.60 76.06 -29.10
CA LEU A 112 -10.76 76.07 -29.96
C LEU A 112 -11.44 77.43 -29.98
N ASP A 113 -11.73 77.98 -28.80
CA ASP A 113 -12.44 79.24 -28.72
C ASP A 113 -11.59 80.41 -29.23
N ALA A 114 -10.27 80.31 -29.11
CA ALA A 114 -9.40 81.43 -29.42
C ALA A 114 -8.96 81.46 -30.88
N LYS A 115 -8.70 80.31 -31.49
CA LYS A 115 -8.15 80.28 -32.85
C LYS A 115 -8.97 79.45 -33.81
N LEU A 116 -9.25 78.18 -33.48
CA LEU A 116 -9.80 77.26 -34.46
C LEU A 116 -11.24 77.62 -34.84
N ILE A 117 -12.12 77.71 -33.85
CA ILE A 117 -13.51 78.10 -34.13
C ILE A 117 -13.61 79.45 -34.81
N PRO A 118 -12.86 80.49 -34.39
CA PRO A 118 -12.88 81.74 -35.17
C PRO A 118 -12.42 81.57 -36.61
N SER A 119 -11.42 80.72 -36.85
CA SER A 119 -10.91 80.50 -38.20
C SER A 119 -11.82 79.64 -39.05
N ALA A 120 -12.84 79.00 -38.45
CA ALA A 120 -13.71 78.09 -39.17
C ALA A 120 -14.45 78.80 -40.30
N ALA A 121 -14.02 78.55 -41.55
CA ALA A 121 -14.59 79.19 -42.72
C ALA A 121 -15.61 78.31 -43.42
N SER A 122 -15.19 77.12 -43.85
CA SER A 122 -16.11 76.21 -44.53
C SER A 122 -16.99 75.49 -43.52
N GLY A 123 -18.18 75.09 -43.99
CA GLY A 123 -19.10 74.36 -43.12
C GLY A 123 -18.51 73.06 -42.60
N ASP A 124 -17.56 72.47 -43.35
CA ASP A 124 -16.88 71.27 -42.89
C ASP A 124 -16.11 71.54 -41.61
N SER A 125 -15.32 72.62 -41.59
CA SER A 125 -14.51 72.95 -40.42
C SER A 125 -15.34 73.59 -39.31
N LYS A 126 -16.43 74.27 -39.67
CA LYS A 126 -17.32 74.82 -38.65
C LYS A 126 -17.83 73.73 -37.72
N VAL A 127 -18.41 72.68 -38.31
CA VAL A 127 -18.94 71.57 -37.54
C VAL A 127 -17.84 70.71 -36.94
N PHE A 128 -16.68 70.66 -37.60
CA PHE A 128 -15.57 69.88 -37.10
C PHE A 128 -15.14 70.38 -35.72
N TYR A 129 -14.77 71.65 -35.65
CA TYR A 129 -14.33 72.24 -34.38
C TYR A 129 -15.45 72.24 -33.34
N LEU A 130 -16.67 72.55 -33.76
CA LEU A 130 -17.81 72.58 -32.85
C LEU A 130 -17.93 71.22 -32.19
N LYS A 131 -17.97 70.17 -33.00
CA LYS A 131 -18.06 68.80 -32.49
C LYS A 131 -16.93 68.52 -31.51
N MET A 132 -15.72 69.03 -31.81
CA MET A 132 -14.61 68.84 -30.89
C MET A 132 -14.81 69.63 -29.59
N LYS A 133 -15.58 70.71 -29.64
CA LYS A 133 -15.87 71.45 -28.42
C LYS A 133 -16.82 70.67 -27.52
N GLY A 134 -17.88 70.11 -28.09
CA GLY A 134 -18.77 69.27 -27.32
C GLY A 134 -18.12 67.97 -26.88
N ASP A 135 -17.12 67.51 -27.63
CA ASP A 135 -16.41 66.29 -27.28
C ASP A 135 -15.76 66.41 -25.90
N TYR A 136 -14.95 67.45 -25.71
CA TYR A 136 -14.16 67.56 -24.50
C TYR A 136 -14.93 68.18 -23.34
N HIS A 137 -15.99 68.93 -23.61
CA HIS A 137 -16.94 69.25 -22.56
C HIS A 137 -17.62 68.00 -22.03
N ARG A 138 -17.91 67.04 -22.93
CA ARG A 138 -18.51 65.79 -22.51
C ARG A 138 -17.53 64.93 -21.72
N TYR A 139 -16.23 65.03 -22.02
CA TYR A 139 -15.22 64.32 -21.24
C TYR A 139 -15.10 64.87 -19.84
N LEU A 140 -15.48 66.13 -19.62
CA LEU A 140 -15.51 66.68 -18.28
C LEU A 140 -16.73 66.19 -17.51
N ALA A 141 -17.89 66.17 -18.16
CA ALA A 141 -19.10 65.62 -17.54
C ALA A 141 -18.98 64.14 -17.22
N GLU A 142 -17.94 63.47 -17.71
CA GLU A 142 -17.73 62.06 -17.38
C GLU A 142 -17.22 61.89 -15.95
N PHE A 143 -16.36 62.80 -15.49
CA PHE A 143 -15.75 62.67 -14.16
C PHE A 143 -16.10 63.81 -13.22
N LYS A 144 -16.81 64.84 -13.68
CA LYS A 144 -17.14 65.98 -12.83
C LYS A 144 -18.53 65.80 -12.23
N THR A 145 -18.75 66.45 -11.09
CA THR A 145 -19.98 66.30 -10.33
C THR A 145 -20.45 67.66 -9.83
N GLY A 146 -21.77 67.81 -9.73
CA GLY A 146 -22.34 69.04 -9.22
C GLY A 146 -22.49 70.10 -10.29
N ALA A 147 -22.33 71.36 -9.86
CA ALA A 147 -22.42 72.47 -10.80
C ALA A 147 -21.42 72.32 -11.94
N GLU A 148 -20.26 71.72 -11.68
CA GLU A 148 -19.30 71.45 -12.74
C GLU A 148 -19.89 70.53 -13.79
N ARG A 149 -20.54 69.44 -13.35
CA ARG A 149 -21.15 68.52 -14.30
C ARG A 149 -22.31 69.17 -15.03
N LYS A 150 -23.12 69.95 -14.33
CA LYS A 150 -24.24 70.60 -14.98
C LYS A 150 -23.73 71.55 -16.05
N GLU A 151 -22.67 72.30 -15.72
CA GLU A 151 -22.07 73.22 -16.67
C GLU A 151 -21.49 72.46 -17.86
N ALA A 152 -20.82 71.35 -17.56
CA ALA A 152 -20.21 70.51 -18.60
C ALA A 152 -21.28 69.89 -19.50
N ALA A 153 -22.37 69.46 -18.88
CA ALA A 153 -23.48 68.85 -19.60
C ALA A 153 -24.25 69.89 -20.40
N GLU A 154 -24.38 71.11 -19.86
CA GLU A 154 -25.08 72.16 -20.59
C GLU A 154 -24.21 72.71 -21.72
N SER A 155 -22.91 72.88 -21.47
CA SER A 155 -22.00 73.34 -22.51
C SER A 155 -21.85 72.31 -23.62
N THR A 156 -22.01 71.01 -23.29
CA THR A 156 -21.89 69.97 -24.31
C THR A 156 -23.06 70.00 -25.27
N LEU A 157 -24.30 69.99 -24.74
CA LEU A 157 -25.47 70.08 -25.59
C LEU A 157 -25.48 71.39 -26.36
N THR A 158 -24.99 72.47 -25.74
CA THR A 158 -24.90 73.75 -26.44
C THR A 158 -24.01 73.64 -27.66
N ALA A 159 -22.93 72.86 -27.57
CA ALA A 159 -22.03 72.71 -28.72
C ALA A 159 -22.59 71.72 -29.74
N TYR A 160 -23.07 70.57 -29.28
CA TYR A 160 -23.57 69.56 -30.21
C TYR A 160 -24.80 70.06 -30.98
N LYS A 161 -25.70 70.76 -30.29
CA LYS A 161 -26.84 71.35 -30.99
C LYS A 161 -26.39 72.42 -31.98
N ALA A 162 -25.30 73.12 -31.67
CA ALA A 162 -24.77 74.12 -32.59
C ALA A 162 -24.17 73.47 -33.83
N ALA A 163 -23.33 72.45 -33.63
CA ALA A 163 -22.77 71.73 -34.77
C ALA A 163 -23.85 70.98 -35.54
N GLN A 164 -24.95 70.62 -34.87
CA GLN A 164 -26.05 69.95 -35.55
C GLN A 164 -26.77 70.90 -36.49
N ASP A 165 -26.97 72.15 -36.09
CA ASP A 165 -27.66 73.12 -36.92
C ASP A 165 -26.93 73.37 -38.23
N ILE A 166 -25.62 73.16 -38.25
CA ILE A 166 -24.84 73.38 -39.47
C ILE A 166 -24.68 72.09 -40.26
N ALA A 167 -24.39 70.98 -39.59
CA ALA A 167 -24.17 69.72 -40.29
C ALA A 167 -25.44 69.24 -40.99
N THR A 168 -26.60 69.38 -40.33
CA THR A 168 -27.84 68.93 -40.93
C THR A 168 -28.28 69.79 -42.10
N THR A 169 -27.73 71.00 -42.24
CA THR A 169 -28.12 71.91 -43.30
C THR A 169 -27.06 72.12 -44.36
N GLU A 170 -25.78 72.16 -43.98
CA GLU A 170 -24.70 72.42 -44.92
C GLU A 170 -23.96 71.17 -45.38
N LEU A 171 -24.04 70.09 -44.61
CA LEU A 171 -23.30 68.87 -44.91
C LEU A 171 -24.24 67.77 -45.38
N ALA A 172 -23.67 66.81 -46.10
CA ALA A 172 -24.43 65.68 -46.60
C ALA A 172 -24.66 64.66 -45.48
N PRO A 173 -25.76 63.91 -45.54
CA PRO A 173 -25.97 62.83 -44.56
C PRO A 173 -24.84 61.81 -44.57
N THR A 174 -24.20 61.61 -45.72
CA THR A 174 -23.08 60.69 -45.85
C THR A 174 -21.76 61.31 -45.44
N HIS A 175 -21.75 62.56 -44.97
CA HIS A 175 -20.51 63.23 -44.60
C HIS A 175 -19.95 62.61 -43.33
N PRO A 176 -18.64 62.30 -43.29
CA PRO A 176 -18.08 61.66 -42.09
C PRO A 176 -18.21 62.50 -40.84
N ILE A 177 -18.16 63.82 -40.96
CA ILE A 177 -18.28 64.68 -39.79
C ILE A 177 -19.72 64.73 -39.28
N ARG A 178 -20.68 64.85 -40.20
CA ARG A 178 -22.09 64.85 -39.78
C ARG A 178 -22.46 63.52 -39.14
N LEU A 179 -21.99 62.41 -39.71
CA LEU A 179 -22.20 61.11 -39.08
C LEU A 179 -21.38 60.97 -37.81
N GLY A 180 -20.21 61.60 -37.76
CA GLY A 180 -19.41 61.56 -36.56
C GLY A 180 -20.05 62.34 -35.42
N LEU A 181 -20.52 63.55 -35.72
CA LEU A 181 -21.21 64.36 -34.72
C LEU A 181 -22.41 63.62 -34.15
N ALA A 182 -23.23 63.03 -35.03
CA ALA A 182 -24.43 62.34 -34.58
C ALA A 182 -24.10 61.10 -33.76
N LEU A 183 -22.94 60.48 -34.00
CA LEU A 183 -22.55 59.32 -33.21
C LEU A 183 -22.26 59.72 -31.77
N ASN A 184 -21.41 60.72 -31.56
CA ASN A 184 -21.10 61.15 -30.20
C ASN A 184 -22.27 61.85 -29.54
N PHE A 185 -23.16 62.46 -30.34
CA PHE A 185 -24.36 63.06 -29.77
C PHE A 185 -25.27 61.99 -29.16
N SER A 186 -25.42 60.87 -29.86
CA SER A 186 -26.18 59.75 -29.29
C SER A 186 -25.46 59.18 -28.08
N VAL A 187 -24.14 59.15 -28.11
CA VAL A 187 -23.37 58.71 -26.94
C VAL A 187 -23.53 59.71 -25.80
N PHE A 188 -23.64 61.00 -26.12
CA PHE A 188 -23.87 62.01 -25.08
C PHE A 188 -25.21 61.79 -24.40
N TYR A 189 -26.24 61.43 -25.17
CA TYR A 189 -27.56 61.18 -24.59
C TYR A 189 -27.57 59.95 -23.69
N TYR A 190 -26.78 58.93 -24.02
CA TYR A 190 -26.86 57.65 -23.32
C TYR A 190 -26.15 57.71 -21.97
N GLU A 191 -24.85 58.01 -21.99
CA GLU A 191 -24.02 57.82 -20.80
C GLU A 191 -23.89 59.06 -19.92
N ILE A 192 -24.36 60.23 -20.37
CA ILE A 192 -24.34 61.45 -19.56
C ILE A 192 -25.75 61.89 -19.19
N LEU A 193 -26.62 62.09 -20.18
CA LEU A 193 -27.99 62.50 -19.90
C LEU A 193 -28.88 61.34 -19.50
N ASN A 194 -28.39 60.10 -19.58
CA ASN A 194 -29.13 58.91 -19.16
C ASN A 194 -30.51 58.85 -19.81
N SER A 195 -30.54 59.09 -21.12
CA SER A 195 -31.77 59.02 -21.91
C SER A 195 -31.53 58.16 -23.13
N PRO A 196 -31.46 56.83 -22.94
CA PRO A 196 -31.23 55.90 -24.03
C PRO A 196 -32.35 55.98 -25.07
N ASP A 197 -33.55 56.36 -24.63
CA ASP A 197 -34.69 56.47 -25.53
C ASP A 197 -34.48 57.54 -26.61
N ARG A 198 -33.90 58.67 -26.23
CA ARG A 198 -33.65 59.76 -27.17
C ARG A 198 -32.42 59.47 -28.01
N ALA A 199 -31.45 58.78 -27.41
CA ALA A 199 -30.21 58.43 -28.10
C ALA A 199 -30.48 57.57 -29.33
N CYS A 200 -31.34 56.56 -29.20
CA CYS A 200 -31.63 55.68 -30.31
C CYS A 200 -32.45 56.40 -31.39
N ASN A 201 -33.31 57.34 -31.01
CA ASN A 201 -34.04 58.12 -32.00
C ASN A 201 -33.12 59.04 -32.78
N LEU A 202 -32.03 59.51 -32.15
CA LEU A 202 -31.08 60.37 -32.85
C LEU A 202 -30.08 59.55 -33.66
N ALA A 203 -29.58 58.45 -33.10
CA ALA A 203 -28.58 57.65 -33.81
C ALA A 203 -29.17 56.95 -35.02
N LYS A 204 -30.46 56.59 -34.98
CA LYS A 204 -31.05 55.90 -36.11
C LYS A 204 -31.52 56.87 -37.20
N GLN A 205 -31.99 58.06 -36.82
CA GLN A 205 -32.33 59.06 -37.83
C GLN A 205 -31.11 59.42 -38.68
N ALA A 206 -29.94 59.53 -38.05
CA ALA A 206 -28.72 59.79 -38.80
C ALA A 206 -28.34 58.59 -39.67
N PHE A 207 -28.56 57.38 -39.17
CA PHE A 207 -28.27 56.19 -39.95
C PHE A 207 -29.22 56.05 -41.13
N ASP A 208 -30.50 56.39 -40.92
CA ASP A 208 -31.48 56.29 -42.00
C ASP A 208 -31.23 57.35 -43.07
N GLU A 209 -30.98 58.60 -42.65
CA GLU A 209 -30.71 59.65 -43.61
C GLU A 209 -29.45 59.37 -44.42
N ALA A 210 -28.47 58.70 -43.83
CA ALA A 210 -27.27 58.34 -44.57
C ALA A 210 -27.56 57.26 -45.61
N ILE A 211 -28.38 56.28 -45.26
CA ILE A 211 -28.80 55.27 -46.22
C ILE A 211 -29.64 55.90 -47.33
N ALA A 212 -30.33 57.00 -47.02
CA ALA A 212 -31.16 57.67 -48.01
C ALA A 212 -30.35 58.15 -49.20
N GLU A 213 -29.28 58.91 -48.94
CA GLU A 213 -28.47 59.43 -50.03
C GLU A 213 -27.69 58.32 -50.73
N LEU A 214 -27.33 57.26 -50.00
CA LEU A 214 -26.64 56.13 -50.63
C LEU A 214 -27.55 55.40 -51.61
N ASP A 215 -28.87 55.49 -51.41
CA ASP A 215 -29.85 54.86 -52.28
C ASP A 215 -30.40 55.80 -53.34
N THR A 216 -30.77 57.02 -52.94
CA THR A 216 -31.40 57.94 -53.88
C THR A 216 -30.37 58.50 -54.86
N LEU A 217 -29.19 58.88 -54.37
CA LEU A 217 -28.17 59.47 -55.22
C LEU A 217 -27.18 58.46 -55.76
N GLY A 218 -27.19 57.23 -55.24
CA GLY A 218 -26.36 56.17 -55.78
C GLY A 218 -24.87 56.47 -55.82
N GLU A 219 -24.39 57.32 -54.91
CA GLU A 219 -22.99 57.68 -54.87
C GLU A 219 -22.20 56.68 -54.04
N GLU A 220 -20.93 56.51 -54.38
CA GLU A 220 -20.07 55.58 -53.67
C GLU A 220 -19.81 56.06 -52.26
N SER A 221 -19.78 55.12 -51.31
CA SER A 221 -19.57 55.46 -49.91
C SER A 221 -18.11 55.81 -49.66
N TYR A 222 -17.89 56.71 -48.71
CA TYR A 222 -16.55 56.92 -48.20
C TYR A 222 -16.16 55.76 -47.29
N LYS A 223 -14.88 55.38 -47.34
CA LYS A 223 -14.38 54.35 -46.45
C LYS A 223 -14.53 54.90 -45.03
N ASP A 224 -14.36 56.22 -44.90
CA ASP A 224 -14.49 56.90 -43.61
C ASP A 224 -15.92 56.82 -43.05
N SER A 225 -16.90 57.00 -43.91
CA SER A 225 -18.30 56.97 -43.50
C SER A 225 -18.74 55.56 -43.08
N THR A 226 -18.40 54.58 -43.90
CA THR A 226 -18.72 53.18 -43.65
C THR A 226 -18.31 52.77 -42.24
N LEU A 227 -17.18 53.29 -41.75
CA LEU A 227 -16.71 52.92 -40.42
C LEU A 227 -17.63 53.48 -39.34
N ILE A 228 -17.97 54.77 -39.45
CA ILE A 228 -18.80 55.40 -38.42
C ILE A 228 -20.19 54.79 -38.40
N MET A 229 -20.75 54.49 -39.57
CA MET A 229 -22.08 53.90 -39.62
C MET A 229 -22.12 52.51 -38.99
N GLN A 230 -21.00 51.80 -38.97
CA GLN A 230 -20.97 50.51 -38.28
C GLN A 230 -20.94 50.69 -36.77
N LEU A 231 -20.29 51.75 -36.29
CA LEU A 231 -20.31 52.05 -34.86
C LEU A 231 -21.69 52.56 -34.42
N LEU A 232 -22.40 53.26 -35.32
CA LEU A 232 -23.76 53.69 -35.01
C LEU A 232 -24.66 52.49 -34.75
N ARG A 233 -24.58 51.47 -35.61
CA ARG A 233 -25.38 50.27 -35.39
C ARG A 233 -24.82 49.44 -34.24
N ASP A 234 -23.49 49.41 -34.09
CA ASP A 234 -22.88 48.72 -32.96
C ASP A 234 -23.44 49.25 -31.64
N ASN A 235 -23.54 50.57 -31.51
CA ASN A 235 -24.18 51.14 -30.33
C ASN A 235 -25.68 50.83 -30.30
N LEU A 236 -26.34 50.93 -31.46
CA LEU A 236 -27.78 50.69 -31.51
C LEU A 236 -28.13 49.26 -31.12
N THR A 237 -27.21 48.32 -31.32
CA THR A 237 -27.45 46.93 -30.95
C THR A 237 -27.70 46.79 -29.45
N LEU A 238 -26.65 46.97 -28.65
CA LEU A 238 -26.76 46.79 -27.21
C LEU A 238 -27.43 47.96 -26.51
N TRP A 239 -27.97 48.92 -27.25
CA TRP A 239 -28.83 49.93 -26.65
C TRP A 239 -30.30 49.54 -26.70
N THR A 240 -30.75 49.01 -27.84
CA THR A 240 -32.11 48.53 -27.95
C THR A 240 -32.28 47.19 -27.21
N SER A 241 -31.21 46.42 -27.08
CA SER A 241 -31.28 45.18 -26.34
C SER A 241 -31.17 45.39 -24.83
N ASP A 242 -30.50 46.47 -24.41
CA ASP A 242 -30.48 46.80 -22.99
C ASP A 242 -31.83 47.31 -22.50
N MET A 243 -32.60 47.95 -23.39
CA MET A 243 -33.93 48.39 -23.03
C MET A 243 -34.91 47.22 -22.85
N GLN A 244 -34.60 46.07 -23.43
CA GLN A 244 -35.44 44.88 -23.30
C GLN A 244 -35.27 44.26 -21.92
N ASP A 245 -34.13 43.63 -21.69
CA ASP A 245 -33.86 42.97 -20.41
C ASP A 245 -32.78 43.72 -19.63
N PHE B 2 -17.19 52.08 -24.90
CA PHE B 2 -18.28 52.25 -25.85
C PHE B 2 -17.76 52.86 -27.15
N SER B 3 -18.45 52.57 -28.25
CA SER B 3 -18.04 53.08 -29.56
C SER B 3 -18.35 54.57 -29.72
N ASN B 5 -16.87 58.57 -31.52
CA ASN B 5 -16.04 59.33 -32.47
C ASN B 5 -15.72 58.58 -33.76
N MET C 3 -5.68 52.33 11.48
CA MET C 3 -5.74 51.44 10.32
C MET C 3 -6.23 52.18 9.08
N ALA C 4 -6.70 53.41 9.26
CA ALA C 4 -7.35 54.12 8.16
C ALA C 4 -6.35 54.50 7.07
N VAL C 5 -5.07 54.63 7.41
CA VAL C 5 -4.04 54.94 6.43
C VAL C 5 -3.00 53.83 6.48
N ALA C 6 -2.15 53.80 5.45
CA ALA C 6 -1.14 52.77 5.33
C ALA C 6 -0.16 52.86 6.49
N PRO C 7 0.16 51.74 7.15
CA PRO C 7 1.10 51.79 8.27
C PRO C 7 2.51 52.18 7.86
N THR C 8 3.02 51.59 6.78
CA THR C 8 4.35 51.92 6.27
C THR C 8 4.24 52.47 4.86
N ALA C 9 5.24 53.28 4.48
CA ALA C 9 5.29 53.79 3.12
C ALA C 9 5.47 52.66 2.12
N ARG C 10 6.28 51.66 2.48
CA ARG C 10 6.45 50.48 1.62
C ARG C 10 5.13 49.80 1.34
N GLU C 11 4.27 49.67 2.37
CA GLU C 11 2.96 49.08 2.15
C GLU C 11 2.10 49.95 1.25
N GLU C 12 2.28 51.28 1.28
CA GLU C 12 1.50 52.16 0.43
C GLU C 12 2.05 52.20 -0.98
N ASN C 13 3.37 52.31 -1.13
CA ASN C 13 3.97 52.35 -2.46
C ASN C 13 3.79 51.05 -3.21
N VAL C 14 3.76 49.92 -2.50
CA VAL C 14 3.53 48.63 -3.14
C VAL C 14 2.12 48.59 -3.74
N TYR C 15 1.12 48.98 -2.96
CA TYR C 15 -0.25 49.00 -3.47
C TYR C 15 -0.42 50.09 -4.53
N MET C 16 0.22 51.24 -4.32
CA MET C 16 0.22 52.28 -5.36
C MET C 16 0.82 51.75 -6.66
N ALA C 17 1.90 50.97 -6.56
CA ALA C 17 2.47 50.34 -7.75
C ALA C 17 1.51 49.34 -8.38
N LYS C 18 0.73 48.63 -7.56
CA LYS C 18 -0.35 47.82 -8.10
C LYS C 18 -1.40 48.70 -8.77
N LEU C 19 -1.68 49.86 -8.17
CA LEU C 19 -2.62 50.80 -8.76
C LEU C 19 -2.11 51.32 -10.11
N ALA C 20 -0.84 51.75 -10.15
CA ALA C 20 -0.26 52.27 -11.38
C ALA C 20 -0.12 51.21 -12.45
N GLU C 21 -0.13 49.93 -12.07
CA GLU C 21 -0.11 48.86 -13.07
C GLU C 21 -1.44 48.78 -13.81
N GLN C 22 -2.55 48.63 -13.06
CA GLN C 22 -3.86 48.59 -13.68
C GLN C 22 -4.17 49.89 -14.42
N ALA C 23 -3.65 51.02 -13.93
CA ALA C 23 -3.82 52.29 -14.61
C ALA C 23 -2.89 52.44 -15.81
N GLU C 24 -1.90 51.56 -15.96
CA GLU C 24 -0.93 51.60 -17.06
C GLU C 24 -0.25 52.97 -17.15
N ARG C 25 0.20 53.46 -15.99
CA ARG C 25 1.03 54.66 -15.89
C ARG C 25 2.34 54.20 -15.26
N TYR C 26 3.19 53.57 -16.06
CA TYR C 26 4.30 52.78 -15.54
C TYR C 26 5.48 53.61 -15.08
N GLU C 27 5.59 54.88 -15.50
CA GLU C 27 6.61 55.74 -14.93
C GLU C 27 6.34 56.00 -13.46
N GLU C 28 5.08 56.28 -13.11
CA GLU C 28 4.70 56.40 -11.71
C GLU C 28 4.85 55.08 -10.99
N MET C 29 4.58 53.97 -11.69
CA MET C 29 4.78 52.65 -11.09
C MET C 29 6.25 52.42 -10.76
N VAL C 30 7.15 52.91 -11.63
CA VAL C 30 8.58 52.81 -11.35
C VAL C 30 8.95 53.63 -10.13
N GLU C 31 8.40 54.84 -10.02
CA GLU C 31 8.67 55.69 -8.86
C GLU C 31 8.28 54.99 -7.57
N PHE C 32 7.09 54.39 -7.53
CA PHE C 32 6.61 53.75 -6.32
C PHE C 32 7.46 52.55 -5.93
N MET C 33 7.85 51.74 -6.91
CA MET C 33 8.66 50.56 -6.61
C MET C 33 10.10 50.92 -6.31
N GLU C 34 10.63 51.98 -6.95
CA GLU C 34 11.96 52.45 -6.60
C GLU C 34 12.04 52.89 -5.14
N LYS C 35 10.95 53.43 -4.61
CA LYS C 35 10.91 53.77 -3.19
C LYS C 35 10.99 52.50 -2.33
N VAL C 36 10.24 51.47 -2.70
CA VAL C 36 10.22 50.22 -1.94
C VAL C 36 11.61 49.59 -1.92
N SER C 37 12.29 49.66 -3.05
CA SER C 37 13.65 49.10 -3.15
C SER C 37 14.59 49.80 -2.18
N ASN C 38 14.56 51.12 -2.18
CA ASN C 38 15.40 51.93 -1.32
C ASN C 38 15.01 51.80 0.15
N SER C 39 13.73 51.53 0.39
CA SER C 39 13.24 51.38 1.76
C SER C 39 13.47 49.96 2.27
N LEU C 40 14.73 49.65 2.56
CA LEU C 40 15.11 48.32 3.05
C LEU C 40 16.38 48.41 3.88
N GLY C 41 16.72 47.31 4.54
CA GLY C 41 17.91 47.26 5.36
C GLY C 41 18.97 46.45 4.65
N SER C 42 18.96 45.13 4.91
CA SER C 42 19.74 44.19 4.12
C SER C 42 18.87 43.11 3.48
N GLU C 43 17.57 43.14 3.72
CA GLU C 43 16.66 42.14 3.17
C GLU C 43 16.44 42.40 1.68
N GLU C 44 15.54 41.64 1.07
CA GLU C 44 15.25 41.73 -0.34
C GLU C 44 13.75 41.87 -0.55
N LEU C 45 13.38 42.23 -1.79
CA LEU C 45 11.98 42.40 -2.14
C LEU C 45 11.25 41.06 -2.13
N THR C 46 9.98 41.09 -1.75
CA THR C 46 9.15 39.91 -1.87
C THR C 46 8.87 39.60 -3.35
N VAL C 47 8.55 38.34 -3.62
CA VAL C 47 8.33 37.90 -5.00
C VAL C 47 7.27 38.76 -5.68
N GLU C 48 6.24 39.14 -4.94
CA GLU C 48 5.21 40.05 -5.48
C GLU C 48 5.82 41.39 -5.83
N GLU C 49 6.49 42.03 -4.87
CA GLU C 49 7.17 43.30 -5.13
C GLU C 49 8.22 43.13 -6.23
N ARG C 50 9.05 42.09 -6.12
CA ARG C 50 10.09 41.82 -7.11
C ARG C 50 9.52 41.78 -8.53
N ASN C 51 8.43 41.05 -8.71
CA ASN C 51 7.79 40.98 -10.02
C ASN C 51 7.22 42.33 -10.45
N LEU C 52 6.74 43.13 -9.48
CA LEU C 52 6.20 44.44 -9.81
C LEU C 52 7.26 45.36 -10.38
N LEU C 53 8.51 45.23 -9.92
CA LEU C 53 9.57 46.10 -10.42
C LEU C 53 9.98 45.71 -11.83
N SER C 54 9.87 44.43 -12.19
CA SER C 54 10.14 44.02 -13.57
C SER C 54 9.06 44.54 -14.50
N VAL C 55 7.80 44.25 -14.17
CA VAL C 55 6.68 44.68 -14.97
C VAL C 55 6.71 46.18 -15.21
N ALA C 56 7.00 46.94 -14.16
CA ALA C 56 7.07 48.39 -14.26
C ALA C 56 8.06 48.82 -15.34
N TYR C 57 9.33 48.46 -15.16
CA TYR C 57 10.37 48.88 -16.09
C TYR C 57 10.17 48.29 -17.48
N LYS C 58 9.65 47.06 -17.53
CA LYS C 58 9.42 46.40 -18.82
C LYS C 58 8.54 47.26 -19.70
N ASN C 59 7.37 47.64 -19.20
CA ASN C 59 6.45 48.47 -19.97
C ASN C 59 7.04 49.84 -20.33
N VAL C 60 7.73 50.45 -19.38
CA VAL C 60 8.35 51.75 -19.62
C VAL C 60 9.27 51.67 -20.82
N ILE C 61 10.30 50.83 -20.70
CA ILE C 61 11.25 50.61 -21.78
C ILE C 61 10.57 49.97 -22.99
N GLY C 62 9.52 49.16 -22.75
CA GLY C 62 8.81 48.55 -23.86
C GLY C 62 8.02 49.55 -24.68
N ALA C 63 7.62 50.67 -24.07
CA ALA C 63 6.95 51.71 -24.80
C ALA C 63 7.92 52.42 -25.75
N ARG C 64 9.05 52.86 -25.19
CA ARG C 64 10.07 53.58 -25.94
C ARG C 64 10.69 52.72 -27.04
N ARG C 65 10.98 51.46 -26.72
CA ARG C 65 11.57 50.55 -27.70
C ARG C 65 10.64 50.33 -28.88
N ALA C 66 9.34 50.21 -28.59
CA ALA C 66 8.34 50.04 -29.63
C ALA C 66 8.47 51.25 -30.54
N SER C 67 8.41 52.44 -29.93
CA SER C 67 8.56 53.68 -30.68
C SER C 67 9.87 53.70 -31.48
N TRP C 68 10.96 53.20 -30.89
CA TRP C 68 12.24 53.19 -31.59
C TRP C 68 12.22 52.25 -32.79
N ARG C 69 11.62 51.06 -32.63
CA ARG C 69 11.55 50.11 -33.73
C ARG C 69 10.82 50.70 -34.92
N ILE C 70 9.73 51.43 -34.68
CA ILE C 70 8.97 52.03 -35.77
C ILE C 70 9.76 53.14 -36.44
N ILE C 71 10.42 53.99 -35.65
CA ILE C 71 11.20 55.08 -36.22
C ILE C 71 12.37 54.53 -37.03
N SER C 72 13.01 53.47 -36.54
CA SER C 72 14.13 52.89 -37.27
C SER C 72 13.68 52.28 -38.58
N SER C 73 12.54 51.59 -38.58
CA SER C 73 12.04 50.99 -39.81
C SER C 73 11.58 52.05 -40.81
N ILE C 74 11.07 53.18 -40.32
CA ILE C 74 10.68 54.27 -41.21
C ILE C 74 11.93 54.96 -41.75
N GLU C 75 12.94 55.14 -40.92
CA GLU C 75 14.21 55.70 -41.40
C GLU C 75 14.80 54.85 -42.50
N GLN C 76 14.68 53.52 -42.37
CA GLN C 76 15.14 52.61 -43.42
C GLN C 76 14.39 52.87 -44.72
N LYS C 77 13.09 53.13 -44.64
CA LYS C 77 12.29 53.41 -45.84
C LYS C 77 12.73 54.71 -46.49
N GLU C 78 12.83 55.79 -45.71
CA GLU C 78 13.19 57.09 -46.27
C GLU C 78 14.61 57.10 -46.82
N GLU C 79 15.49 56.26 -46.25
CA GLU C 79 16.85 56.16 -46.78
C GLU C 79 16.86 55.51 -48.16
N SER C 80 15.89 54.65 -48.44
CA SER C 80 15.81 54.03 -49.76
C SER C 80 15.38 55.03 -50.83
N ARG C 81 14.50 55.96 -50.47
CA ARG C 81 14.07 57.02 -51.39
C ARG C 81 15.07 58.17 -51.49
N GLY C 82 16.08 58.20 -50.62
CA GLY C 82 17.05 59.28 -50.66
C GLY C 82 16.52 60.63 -50.23
N ASN C 83 15.52 60.65 -49.36
CA ASN C 83 14.94 61.90 -48.85
C ASN C 83 15.79 62.35 -47.67
N GLU C 84 16.74 63.23 -47.95
CA GLU C 84 17.64 63.75 -46.92
C GLU C 84 16.95 64.57 -45.84
N GLU C 85 16.01 65.42 -46.24
CA GLU C 85 15.30 66.26 -45.28
C GLU C 85 14.48 65.47 -44.27
N HIS C 86 13.75 64.48 -44.74
CA HIS C 86 12.94 63.66 -43.85
C HIS C 86 13.76 62.83 -42.87
N VAL C 87 14.86 62.26 -43.36
CA VAL C 87 15.75 61.50 -42.50
C VAL C 87 16.41 62.42 -41.48
N ASN C 88 16.70 63.66 -41.86
CA ASN C 88 17.27 64.62 -40.93
C ASN C 88 16.37 64.79 -39.70
N SER C 89 15.06 64.95 -39.92
CA SER C 89 14.14 65.09 -38.81
C SER C 89 13.95 63.77 -38.06
N ILE C 90 14.08 62.64 -38.77
CA ILE C 90 13.92 61.34 -38.12
C ILE C 90 15.02 61.11 -37.10
N ARG C 91 16.28 61.32 -37.51
CA ARG C 91 17.40 61.08 -36.61
C ARG C 91 17.36 62.00 -35.40
N GLU C 92 16.90 63.24 -35.59
CA GLU C 92 16.69 64.12 -34.45
C GLU C 92 15.65 63.53 -33.51
N TYR C 93 14.64 62.86 -34.06
CA TYR C 93 13.61 62.23 -33.24
C TYR C 93 14.05 60.86 -32.73
N ARG C 94 14.82 60.12 -33.52
CA ARG C 94 15.33 58.83 -33.06
C ARG C 94 16.35 59.02 -31.93
N SER C 95 17.26 59.99 -32.08
CA SER C 95 18.22 60.28 -31.02
C SER C 95 17.53 60.69 -29.73
N LYS C 96 16.40 61.39 -29.84
CA LYS C 96 15.63 61.76 -28.66
C LYS C 96 15.09 60.53 -27.94
N ILE C 97 14.58 59.57 -28.71
CA ILE C 97 14.07 58.34 -28.11
C ILE C 97 15.22 57.51 -27.53
N GLU C 98 16.34 57.41 -28.26
CA GLU C 98 17.50 56.69 -27.74
C GLU C 98 18.00 57.31 -26.45
N ASN C 99 17.95 58.64 -26.35
CA ASN C 99 18.35 59.31 -25.11
C ASN C 99 17.43 58.93 -23.96
N GLU C 100 16.12 58.88 -24.22
CA GLU C 100 15.20 58.41 -23.19
C GLU C 100 15.43 56.94 -22.88
N LEU C 101 15.73 56.13 -23.90
CA LEU C 101 16.05 54.73 -23.67
C LEU C 101 17.29 54.59 -22.78
N SER C 102 18.32 55.41 -23.05
CA SER C 102 19.53 55.35 -22.23
C SER C 102 19.25 55.72 -20.79
N LYS C 103 18.38 56.71 -20.57
CA LYS C 103 17.93 57.05 -19.22
C LYS C 103 17.32 55.83 -18.54
N ILE C 104 16.30 55.24 -19.16
CA ILE C 104 15.53 54.18 -18.52
C ILE C 104 16.42 52.99 -18.19
N CYS C 105 17.26 52.57 -19.15
CA CYS C 105 18.13 51.43 -18.92
C CYS C 105 19.09 51.70 -17.77
N ASP C 106 19.67 52.89 -17.71
CA ASP C 106 20.63 53.20 -16.65
C ASP C 106 19.97 53.17 -15.28
N GLY C 107 18.70 53.59 -15.20
CA GLY C 107 18.04 53.64 -13.90
C GLY C 107 17.97 52.30 -13.23
N ILE C 108 17.49 51.28 -13.96
CA ILE C 108 17.38 49.96 -13.37
C ILE C 108 18.74 49.30 -13.25
N LEU C 109 19.67 49.59 -14.17
CA LEU C 109 20.98 48.95 -14.14
C LEU C 109 21.75 49.33 -12.89
N LYS C 110 21.80 50.63 -12.58
CA LYS C 110 22.46 51.06 -11.35
C LYS C 110 21.71 50.56 -10.11
N LEU C 111 20.38 50.53 -10.18
CA LEU C 111 19.60 50.01 -9.07
C LEU C 111 19.90 48.53 -8.84
N LEU C 112 20.10 47.77 -9.92
CA LEU C 112 20.44 46.36 -9.78
C LEU C 112 21.82 46.18 -9.18
N ASP C 113 22.80 46.91 -9.69
CA ASP C 113 24.19 46.76 -9.27
C ASP C 113 24.50 47.42 -7.93
N ALA C 114 23.51 48.05 -7.29
CA ALA C 114 23.71 48.71 -6.00
C ALA C 114 23.01 48.01 -4.86
N LYS C 115 21.73 47.67 -5.01
CA LYS C 115 20.95 47.11 -3.92
C LYS C 115 20.32 45.76 -4.26
N LEU C 116 19.77 45.61 -5.46
CA LEU C 116 18.96 44.43 -5.76
C LEU C 116 19.80 43.16 -5.79
N ILE C 117 20.91 43.18 -6.52
CA ILE C 117 21.80 42.01 -6.60
C ILE C 117 22.51 41.79 -5.26
N PRO C 118 23.01 42.83 -4.58
CA PRO C 118 23.56 42.60 -3.23
C PRO C 118 22.56 42.03 -2.24
N SER C 119 21.28 42.40 -2.34
CA SER C 119 20.29 41.89 -1.41
C SER C 119 19.91 40.44 -1.67
N ALA C 120 20.27 39.90 -2.83
CA ALA C 120 19.83 38.56 -3.21
C ALA C 120 20.29 37.52 -2.21
N ALA C 121 19.36 36.66 -1.79
CA ALA C 121 19.64 35.63 -0.79
C ALA C 121 19.23 34.22 -1.21
N SER C 122 18.40 34.06 -2.23
CA SER C 122 18.03 32.75 -2.73
C SER C 122 18.35 32.66 -4.21
N GLY C 123 18.39 31.43 -4.73
CA GLY C 123 18.61 31.24 -6.15
C GLY C 123 17.53 31.87 -7.00
N ASP C 124 16.34 32.04 -6.43
CA ASP C 124 15.25 32.65 -7.18
C ASP C 124 15.55 34.11 -7.48
N SER C 125 15.95 34.88 -6.46
CA SER C 125 16.19 36.31 -6.65
C SER C 125 17.50 36.55 -7.39
N LYS C 126 18.52 35.74 -7.11
CA LYS C 126 19.81 35.90 -7.79
C LYS C 126 19.64 35.86 -9.30
N VAL C 127 19.00 34.79 -9.80
CA VAL C 127 18.77 34.68 -11.24
C VAL C 127 17.83 35.79 -11.72
N PHE C 128 16.87 36.17 -10.86
CA PHE C 128 15.90 37.18 -11.26
C PHE C 128 16.57 38.53 -11.53
N TYR C 129 17.53 38.91 -10.69
CA TYR C 129 18.20 40.20 -10.87
C TYR C 129 19.33 40.09 -11.89
N LEU C 130 20.03 38.96 -11.92
CA LEU C 130 21.12 38.78 -12.88
C LEU C 130 20.61 38.70 -14.30
N LYS C 131 19.44 38.09 -14.53
CA LYS C 131 18.82 38.13 -15.85
C LYS C 131 18.38 39.53 -16.21
N MET C 132 17.80 40.25 -15.24
CA MET C 132 17.30 41.60 -15.50
C MET C 132 18.43 42.52 -15.97
N LYS C 133 19.63 42.35 -15.41
CA LYS C 133 20.76 43.17 -15.84
C LYS C 133 21.11 42.90 -17.31
N GLY C 134 21.10 41.63 -17.71
CA GLY C 134 21.37 41.31 -19.10
C GLY C 134 20.28 41.77 -20.05
N ASP C 135 19.03 41.85 -19.56
CA ASP C 135 17.94 42.33 -20.40
C ASP C 135 18.15 43.78 -20.79
N TYR C 136 18.42 44.65 -19.82
CA TYR C 136 18.59 46.07 -20.10
C TYR C 136 19.98 46.39 -20.64
N HIS C 137 20.95 45.49 -20.48
CA HIS C 137 22.17 45.59 -21.26
C HIS C 137 21.91 45.23 -22.72
N ARG C 138 21.00 44.29 -22.97
CA ARG C 138 20.64 43.96 -24.34
C ARG C 138 19.84 45.07 -25.00
N TYR C 139 19.04 45.81 -24.22
CA TYR C 139 18.30 46.93 -24.78
C TYR C 139 19.24 48.08 -25.15
N LEU C 140 20.36 48.21 -24.43
CA LEU C 140 21.41 49.13 -24.87
C LEU C 140 22.03 48.65 -26.18
N ALA C 141 22.33 47.35 -26.25
CA ALA C 141 22.92 46.78 -27.46
C ALA C 141 21.98 46.83 -28.65
N GLU C 142 20.68 46.92 -28.37
CA GLU C 142 19.67 46.97 -29.42
C GLU C 142 19.78 48.21 -30.31
N PHE C 143 20.08 49.36 -29.71
CA PHE C 143 20.18 50.59 -30.48
C PHE C 143 21.60 51.15 -30.62
N LYS C 144 22.55 50.61 -29.86
CA LYS C 144 23.92 51.11 -29.95
C LYS C 144 24.65 50.41 -31.09
N THR C 145 25.69 51.09 -31.60
CA THR C 145 26.42 50.61 -32.77
C THR C 145 27.92 50.69 -32.53
N GLY C 146 28.65 49.84 -33.24
CA GLY C 146 30.10 49.85 -33.25
C GLY C 146 30.75 49.64 -31.90
N ALA C 147 31.44 50.67 -31.40
CA ALA C 147 32.17 50.54 -30.14
C ALA C 147 31.21 50.32 -28.97
N GLU C 148 30.14 51.11 -28.89
CA GLU C 148 29.18 50.95 -27.81
C GLU C 148 28.37 49.67 -27.94
N ARG C 149 28.22 49.13 -29.16
CA ARG C 149 27.53 47.87 -29.32
C ARG C 149 28.40 46.69 -28.90
N LYS C 150 29.68 46.70 -29.27
CA LYS C 150 30.59 45.67 -28.80
C LYS C 150 30.76 45.75 -27.29
N GLU C 151 30.72 46.95 -26.73
CA GLU C 151 30.83 47.11 -25.28
C GLU C 151 29.58 46.60 -24.58
N ALA C 152 28.41 46.79 -25.19
CA ALA C 152 27.15 46.40 -24.55
C ALA C 152 26.86 44.91 -24.75
N ALA C 153 27.08 44.38 -25.96
CA ALA C 153 26.90 42.95 -26.18
C ALA C 153 27.89 42.15 -25.33
N GLU C 154 29.07 42.70 -25.08
CA GLU C 154 30.02 42.07 -24.16
C GLU C 154 29.49 42.08 -22.74
N SER C 155 28.75 43.12 -22.35
CA SER C 155 28.15 43.17 -21.02
C SER C 155 26.87 42.34 -20.93
N THR C 156 26.15 42.20 -22.05
CA THR C 156 24.95 41.37 -22.04
C THR C 156 25.29 39.90 -21.91
N LEU C 157 26.35 39.45 -22.59
CA LEU C 157 26.77 38.06 -22.49
C LEU C 157 27.24 37.73 -21.08
N THR C 158 27.95 38.65 -20.43
CA THR C 158 28.46 38.40 -19.09
C THR C 158 27.33 38.18 -18.09
N ALA C 159 26.26 38.97 -18.20
CA ALA C 159 25.16 38.84 -17.26
C ALA C 159 24.37 37.56 -17.51
N TYR C 160 24.06 37.26 -18.78
CA TYR C 160 23.32 36.05 -19.11
C TYR C 160 24.10 34.80 -18.77
N LYS C 161 25.40 34.78 -19.09
CA LYS C 161 26.21 33.60 -18.78
C LYS C 161 26.34 33.40 -17.28
N ALA C 162 26.46 34.48 -16.51
CA ALA C 162 26.51 34.35 -15.06
C ALA C 162 25.17 33.91 -14.48
N ALA C 163 24.07 34.41 -15.06
CA ALA C 163 22.76 34.02 -14.58
C ALA C 163 22.42 32.59 -14.99
N GLN C 164 22.88 32.16 -16.16
CA GLN C 164 22.62 30.78 -16.60
C GLN C 164 23.45 29.78 -15.80
N ASP C 165 24.61 30.21 -15.28
CA ASP C 165 25.39 29.34 -14.41
C ASP C 165 24.60 28.97 -13.15
N ILE C 166 23.86 29.94 -12.59
CA ILE C 166 23.09 29.68 -11.38
C ILE C 166 21.77 29.00 -11.72
N ALA C 167 21.14 29.40 -12.83
CA ALA C 167 19.82 28.87 -13.17
C ALA C 167 19.86 27.39 -13.48
N THR C 168 20.95 26.90 -14.08
CA THR C 168 21.04 25.50 -14.44
C THR C 168 21.40 24.62 -13.23
N THR C 169 22.07 25.18 -12.24
CA THR C 169 22.53 24.41 -11.09
C THR C 169 21.57 24.47 -9.91
N GLU C 170 21.04 25.65 -9.61
CA GLU C 170 20.19 25.83 -8.44
C GLU C 170 18.70 25.75 -8.77
N LEU C 171 18.24 26.42 -9.82
CA LEU C 171 16.84 26.39 -10.18
C LEU C 171 16.52 25.14 -11.00
N ALA C 172 15.21 24.79 -11.04
CA ALA C 172 14.65 23.65 -11.75
C ALA C 172 14.35 24.02 -13.21
N PRO C 173 14.40 23.04 -14.11
CA PRO C 173 14.11 23.32 -15.52
C PRO C 173 12.73 23.90 -15.75
N THR C 174 11.74 23.53 -14.93
CA THR C 174 10.37 24.00 -15.09
C THR C 174 10.11 25.34 -14.40
N HIS C 175 11.13 25.93 -13.77
CA HIS C 175 10.94 27.20 -13.09
C HIS C 175 10.71 28.31 -14.12
N PRO C 176 9.80 29.25 -13.85
CA PRO C 176 9.55 30.31 -14.83
C PRO C 176 10.73 31.24 -15.05
N ILE C 177 11.50 31.54 -13.99
CA ILE C 177 12.62 32.47 -14.13
C ILE C 177 13.71 31.87 -15.01
N ARG C 178 13.93 30.56 -14.90
CA ARG C 178 14.91 29.89 -15.77
C ARG C 178 14.45 29.93 -17.22
N LEU C 179 13.20 29.56 -17.48
CA LEU C 179 12.66 29.61 -18.84
C LEU C 179 12.59 31.03 -19.37
N GLY C 180 12.33 32.00 -18.49
CA GLY C 180 12.40 33.39 -18.93
C GLY C 180 13.81 33.81 -19.28
N LEU C 181 14.79 33.34 -18.52
CA LEU C 181 16.18 33.66 -18.82
C LEU C 181 16.61 33.07 -20.16
N ALA C 182 16.34 31.79 -20.34
CA ALA C 182 16.69 31.09 -21.57
C ALA C 182 15.94 31.67 -22.77
N LEU C 183 14.71 32.11 -22.54
CA LEU C 183 13.89 32.68 -23.60
C LEU C 183 14.52 33.95 -24.17
N ASN C 184 15.06 34.78 -23.29
CA ASN C 184 15.70 36.02 -23.70
C ASN C 184 17.12 35.74 -24.20
N PHE C 185 17.83 34.88 -23.48
CA PHE C 185 19.19 34.51 -23.85
C PHE C 185 19.25 34.02 -25.29
N SER C 186 18.25 33.25 -25.71
CA SER C 186 18.19 32.81 -27.10
C SER C 186 17.96 33.98 -28.04
N VAL C 187 17.11 34.93 -27.65
CA VAL C 187 16.88 36.11 -28.47
C VAL C 187 18.16 36.93 -28.59
N PHE C 188 18.93 37.03 -27.50
CA PHE C 188 20.19 37.76 -27.55
C PHE C 188 21.17 37.12 -28.53
N TYR C 189 21.30 35.79 -28.48
CA TYR C 189 22.15 35.10 -29.43
C TYR C 189 21.68 35.32 -30.86
N TYR C 190 20.38 35.42 -31.06
CA TYR C 190 19.82 35.52 -32.40
C TYR C 190 19.70 36.96 -32.86
N GLU C 191 18.99 37.80 -32.07
CA GLU C 191 18.75 39.17 -32.49
C GLU C 191 20.04 39.98 -32.56
N ILE C 192 20.93 39.80 -31.58
CA ILE C 192 22.13 40.63 -31.48
C ILE C 192 23.30 39.95 -32.19
N LEU C 193 23.83 38.88 -31.58
CA LEU C 193 25.06 38.27 -32.09
C LEU C 193 24.88 37.66 -33.47
N ASN C 194 23.66 37.59 -33.98
CA ASN C 194 23.35 37.02 -35.30
C ASN C 194 23.88 35.60 -35.41
N SER C 195 23.37 34.74 -34.53
CA SER C 195 23.72 33.32 -34.49
C SER C 195 22.44 32.51 -34.38
N PRO C 196 21.70 32.34 -35.48
CA PRO C 196 20.55 31.42 -35.47
C PRO C 196 20.91 30.01 -35.02
N ASP C 197 22.17 29.60 -35.18
CA ASP C 197 22.61 28.30 -34.67
C ASP C 197 22.55 28.26 -33.15
N ARG C 198 23.32 29.13 -32.50
CA ARG C 198 23.39 29.13 -31.04
C ARG C 198 22.04 29.42 -30.41
N ALA C 199 21.23 30.28 -31.04
CA ALA C 199 19.94 30.65 -30.46
C ALA C 199 19.01 29.46 -30.36
N CYS C 200 18.94 28.65 -31.43
CA CYS C 200 18.04 27.50 -31.43
C CYS C 200 18.55 26.39 -30.53
N ASN C 201 19.87 26.28 -30.34
CA ASN C 201 20.41 25.27 -29.43
C ASN C 201 20.01 25.56 -27.99
N LEU C 202 20.20 26.81 -27.55
CA LEU C 202 19.83 27.18 -26.18
C LEU C 202 18.33 27.20 -26.00
N ALA C 203 17.57 27.58 -27.04
CA ALA C 203 16.12 27.65 -26.92
C ALA C 203 15.50 26.25 -26.91
N LYS C 204 16.03 25.33 -27.71
CA LYS C 204 15.47 23.98 -27.76
C LYS C 204 15.78 23.22 -26.48
N GLN C 205 17.04 23.29 -26.00
CA GLN C 205 17.42 22.54 -24.81
C GLN C 205 16.66 23.00 -23.57
N ALA C 206 16.33 24.28 -23.50
CA ALA C 206 15.53 24.77 -22.37
C ALA C 206 14.12 24.20 -22.41
N PHE C 207 13.55 24.07 -23.62
CA PHE C 207 12.21 23.49 -23.75
C PHE C 207 12.24 21.99 -23.51
N ASP C 208 13.33 21.32 -23.87
CA ASP C 208 13.42 19.88 -23.70
C ASP C 208 13.58 19.50 -22.24
N GLU C 209 14.43 20.23 -21.51
CA GLU C 209 14.63 19.93 -20.09
C GLU C 209 13.37 20.18 -19.28
N ALA C 210 12.60 21.21 -19.65
CA ALA C 210 11.35 21.48 -18.96
C ALA C 210 10.36 20.34 -19.15
N ILE C 211 10.23 19.84 -20.37
CA ILE C 211 9.36 18.69 -20.65
C ILE C 211 9.85 17.46 -19.89
N ALA C 212 11.16 17.32 -19.72
CA ALA C 212 11.72 16.16 -19.03
C ALA C 212 11.20 16.05 -17.60
N GLU C 213 11.18 17.17 -16.87
CA GLU C 213 10.69 17.14 -15.49
C GLU C 213 9.17 17.00 -15.44
N LEU C 214 8.46 17.60 -16.40
CA LEU C 214 7.01 17.41 -16.46
C LEU C 214 6.64 15.96 -16.71
N ASP C 215 7.55 15.18 -17.29
CA ASP C 215 7.31 13.76 -17.57
C ASP C 215 7.79 12.87 -16.43
N THR C 216 9.06 12.99 -16.06
CA THR C 216 9.62 12.13 -15.02
C THR C 216 9.00 12.40 -13.65
N LEU C 217 8.65 13.66 -13.38
CA LEU C 217 8.01 14.00 -12.12
C LEU C 217 6.49 14.10 -12.23
N GLY C 218 5.95 14.19 -13.44
CA GLY C 218 4.50 14.21 -13.64
C GLY C 218 3.78 15.29 -12.87
N GLU C 219 4.40 16.45 -12.74
CA GLU C 219 3.79 17.58 -12.04
C GLU C 219 3.10 18.46 -13.06
N GLU C 220 2.07 19.19 -12.64
CA GLU C 220 1.34 20.06 -13.55
C GLU C 220 2.22 21.17 -14.09
N SER C 221 2.07 21.47 -15.37
CA SER C 221 2.84 22.53 -16.01
C SER C 221 2.30 23.87 -15.53
N TYR C 222 3.18 24.71 -14.98
CA TYR C 222 2.74 26.00 -14.47
C TYR C 222 2.12 26.84 -15.57
N LYS C 223 0.93 27.39 -15.28
CA LYS C 223 0.42 28.48 -16.12
C LYS C 223 1.46 29.59 -16.22
N ASP C 224 2.30 29.69 -15.21
CA ASP C 224 3.37 30.68 -15.17
C ASP C 224 4.47 30.33 -16.18
N SER C 225 4.74 29.04 -16.36
CA SER C 225 5.79 28.60 -17.27
C SER C 225 5.26 28.19 -18.65
N THR C 226 4.05 27.63 -18.72
CA THR C 226 3.49 27.27 -20.02
C THR C 226 3.36 28.49 -20.93
N LEU C 227 3.21 29.68 -20.35
CA LEU C 227 3.27 30.90 -21.13
C LEU C 227 4.65 31.06 -21.76
N ILE C 228 5.70 30.91 -20.95
CA ILE C 228 7.06 31.07 -21.46
C ILE C 228 7.43 29.91 -22.37
N MET C 229 7.02 28.69 -22.02
CA MET C 229 7.28 27.54 -22.88
C MET C 229 6.64 27.70 -24.25
N GLN C 230 5.47 28.34 -24.31
CA GLN C 230 4.83 28.59 -25.60
C GLN C 230 5.62 29.62 -26.41
N LEU C 231 6.25 30.60 -25.75
CA LEU C 231 7.09 31.55 -26.45
C LEU C 231 8.39 30.91 -26.90
N LEU C 232 8.96 30.03 -26.07
CA LEU C 232 10.14 29.27 -26.49
C LEU C 232 9.85 28.43 -27.72
N ARG C 233 8.58 28.11 -27.99
CA ARG C 233 8.20 27.39 -29.20
C ARG C 233 8.03 28.34 -30.38
N ASP C 234 7.35 29.47 -30.15
CA ASP C 234 7.11 30.42 -31.24
C ASP C 234 8.41 30.87 -31.89
N ASN C 235 9.44 31.14 -31.09
CA ASN C 235 10.74 31.47 -31.64
C ASN C 235 11.28 30.32 -32.47
N LEU C 236 11.32 29.11 -31.90
CA LEU C 236 11.93 27.97 -32.58
C LEU C 236 11.23 27.66 -33.90
N THR C 237 9.90 27.66 -33.90
CA THR C 237 9.17 27.31 -35.12
C THR C 237 9.48 28.26 -36.27
N LEU C 238 9.69 29.55 -35.97
CA LEU C 238 10.04 30.51 -37.01
C LEU C 238 11.54 30.65 -37.19
N TRP C 239 12.33 30.51 -36.11
CA TRP C 239 13.78 30.56 -36.25
C TRP C 239 14.27 29.44 -37.16
N THR C 240 13.73 28.24 -37.00
CA THR C 240 14.12 27.13 -37.87
C THR C 240 13.59 27.35 -39.29
N SER C 241 12.37 27.87 -39.41
CA SER C 241 11.75 28.02 -40.73
C SER C 241 12.60 28.89 -41.66
N ASP C 242 13.13 30.00 -41.13
CA ASP C 242 13.96 30.87 -41.96
C ASP C 242 15.26 30.18 -42.36
N MET C 243 15.89 29.47 -41.43
CA MET C 243 17.15 28.81 -41.74
C MET C 243 16.96 27.59 -42.63
N GLN C 244 15.87 26.85 -42.42
CA GLN C 244 15.59 25.72 -43.29
C GLN C 244 15.18 26.17 -44.69
N ASP C 245 14.52 27.32 -44.79
CA ASP C 245 14.13 27.83 -46.11
C ASP C 245 15.34 28.29 -46.91
N ASP C 246 16.31 28.91 -46.25
CA ASP C 246 17.52 29.43 -46.89
C ASP C 246 18.75 28.59 -46.54
N GLY C 247 18.56 27.32 -46.22
CA GLY C 247 19.66 26.45 -45.88
C GLY C 247 19.55 25.06 -46.48
N TYR D 1 12.13 41.60 -34.19
CA TYR D 1 11.13 41.39 -33.14
C TYR D 1 10.95 39.90 -32.87
N PHE D 2 11.24 39.49 -31.64
CA PHE D 2 11.01 38.13 -31.18
C PHE D 2 10.38 38.18 -29.80
N SER D 3 9.63 37.13 -29.49
CA SER D 3 8.91 37.03 -28.22
C SER D 3 9.87 37.12 -27.04
N ASN D 5 10.27 37.55 -22.46
CA ASN D 5 9.82 37.64 -21.07
C ASN D 5 8.46 37.00 -20.78
N ALA E 9 27.48 18.78 -5.39
CA ALA E 9 27.00 18.00 -4.26
C ALA E 9 25.56 18.37 -3.93
N ARG E 10 25.34 19.64 -3.58
CA ARG E 10 23.99 20.10 -3.23
C ARG E 10 23.01 19.84 -4.37
N GLU E 11 23.45 20.04 -5.61
CA GLU E 11 22.59 19.77 -6.76
C GLU E 11 22.18 18.30 -6.80
N GLU E 12 23.02 17.42 -6.26
CA GLU E 12 22.72 15.99 -6.31
C GLU E 12 21.63 15.62 -5.31
N ASN E 13 21.76 16.09 -4.06
CA ASN E 13 20.82 15.70 -3.02
C ASN E 13 19.42 16.19 -3.30
N VAL E 14 19.27 17.31 -4.00
CA VAL E 14 17.95 17.82 -4.34
C VAL E 14 17.22 16.82 -5.23
N TYR E 15 17.92 16.28 -6.23
CA TYR E 15 17.31 15.28 -7.10
C TYR E 15 16.96 14.01 -6.32
N MET E 16 17.88 13.55 -5.49
CA MET E 16 17.59 12.40 -4.61
C MET E 16 16.37 12.67 -3.76
N ALA E 17 16.24 13.89 -3.24
CA ALA E 17 15.06 14.25 -2.46
C ALA E 17 13.81 14.26 -3.34
N LYS E 18 13.93 14.71 -4.59
CA LYS E 18 12.79 14.66 -5.50
C LYS E 18 12.44 13.24 -5.89
N LEU E 19 13.43 12.36 -6.01
CA LEU E 19 13.14 10.96 -6.33
C LEU E 19 12.40 10.28 -5.18
N ALA E 20 12.77 10.60 -3.94
CA ALA E 20 12.09 10.02 -2.79
C ALA E 20 10.64 10.47 -2.70
N GLU E 21 10.34 11.71 -3.10
CA GLU E 21 8.96 12.18 -3.10
C GLU E 21 8.12 11.42 -4.12
N GLN E 22 8.71 11.02 -5.24
CA GLN E 22 8.00 10.20 -6.21
C GLN E 22 7.83 8.77 -5.69
N ALA E 23 8.88 8.21 -5.10
CA ALA E 23 8.80 6.89 -4.49
C ALA E 23 8.07 6.91 -3.15
N GLU E 24 7.75 8.10 -2.63
CA GLU E 24 7.07 8.26 -1.35
C GLU E 24 7.87 7.66 -0.19
N ARG E 25 9.19 7.71 -0.30
CA ARG E 25 10.09 7.26 0.76
C ARG E 25 10.57 8.48 1.55
N TYR E 26 9.64 9.01 2.35
CA TYR E 26 9.81 10.33 2.94
C TYR E 26 10.82 10.36 4.08
N GLU E 27 11.10 9.22 4.72
CA GLU E 27 12.13 9.19 5.75
C GLU E 27 13.49 9.57 5.18
N GLU E 28 13.80 9.06 3.98
CA GLU E 28 15.04 9.42 3.32
C GLU E 28 14.96 10.80 2.67
N MET E 29 13.77 11.20 2.22
CA MET E 29 13.59 12.52 1.63
C MET E 29 13.94 13.63 2.61
N VAL E 30 13.54 13.46 3.88
CA VAL E 30 13.93 14.41 4.91
C VAL E 30 15.44 14.43 5.08
N GLU E 31 16.07 13.25 4.99
CA GLU E 31 17.52 13.16 5.15
C GLU E 31 18.25 13.91 4.04
N PHE E 32 17.73 13.86 2.82
CA PHE E 32 18.40 14.53 1.70
C PHE E 32 18.25 16.04 1.79
N MET E 33 17.06 16.53 2.15
CA MET E 33 16.85 17.97 2.23
C MET E 33 17.57 18.59 3.43
N GLU E 34 17.88 17.80 4.46
CA GLU E 34 18.68 18.31 5.56
C GLU E 34 20.13 18.49 5.16
N LYS E 35 20.65 17.61 4.29
CA LYS E 35 22.01 17.78 3.78
C LYS E 35 22.13 19.05 2.95
N VAL E 36 21.09 19.38 2.19
CA VAL E 36 21.09 20.62 1.42
C VAL E 36 20.99 21.82 2.35
N SER E 37 20.14 21.72 3.37
CA SER E 37 19.96 22.78 4.33
C SER E 37 21.27 23.13 5.04
N ASN E 38 21.98 22.10 5.50
CA ASN E 38 23.24 22.31 6.19
C ASN E 38 24.27 22.95 5.28
N SER E 39 24.31 22.51 4.02
CA SER E 39 25.24 23.06 3.04
C SER E 39 24.75 24.42 2.61
N LEU E 40 24.76 25.37 3.56
CA LEU E 40 24.30 26.72 3.30
C LEU E 40 25.30 27.72 3.87
N GLY E 41 25.48 28.83 3.15
CA GLY E 41 26.18 29.96 3.72
C GLY E 41 25.17 30.89 4.36
N SER E 42 25.28 32.18 4.09
CA SER E 42 24.20 33.09 4.48
C SER E 42 22.97 32.94 3.59
N GLU E 43 23.09 32.18 2.50
CA GLU E 43 21.97 31.99 1.58
C GLU E 43 20.89 31.13 2.22
N GLU E 44 19.68 31.26 1.68
CA GLU E 44 18.53 30.49 2.15
C GLU E 44 18.05 29.58 1.03
N LEU E 45 17.20 28.61 1.41
CA LEU E 45 16.70 27.62 0.46
C LEU E 45 15.88 28.30 -0.63
N THR E 46 15.97 27.78 -1.85
CA THR E 46 15.11 28.25 -2.93
C THR E 46 13.67 27.82 -2.66
N VAL E 47 12.76 28.34 -3.50
CA VAL E 47 11.34 28.05 -3.31
C VAL E 47 11.07 26.56 -3.38
N GLU E 48 11.64 25.89 -4.39
CA GLU E 48 11.39 24.47 -4.57
C GLU E 48 12.02 23.65 -3.44
N GLU E 49 13.26 23.97 -3.07
CA GLU E 49 13.92 23.26 -1.97
C GLU E 49 13.21 23.50 -0.65
N ARG E 50 12.76 24.75 -0.42
CA ARG E 50 11.96 25.05 0.76
C ARG E 50 10.68 24.23 0.78
N ASN E 51 10.03 24.08 -0.38
CA ASN E 51 8.82 23.29 -0.45
C ASN E 51 9.11 21.80 -0.35
N LEU E 52 10.26 21.35 -0.86
CA LEU E 52 10.66 19.97 -0.69
C LEU E 52 10.77 19.60 0.78
N LEU E 53 11.55 20.37 1.53
CA LEU E 53 11.69 20.14 2.97
C LEU E 53 10.35 20.20 3.68
N SER E 54 9.43 21.05 3.21
CA SER E 54 8.10 21.11 3.79
C SER E 54 7.35 19.79 3.58
N VAL E 55 7.23 19.37 2.32
CA VAL E 55 6.48 18.16 1.99
C VAL E 55 7.16 16.94 2.59
N ALA E 56 8.49 16.95 2.63
CA ALA E 56 9.24 15.83 3.20
C ALA E 56 8.86 15.60 4.66
N TYR E 57 9.05 16.62 5.50
CA TYR E 57 8.69 16.50 6.91
C TYR E 57 7.18 16.34 7.10
N LYS E 58 6.39 16.85 6.16
CA LYS E 58 4.93 16.78 6.30
C LYS E 58 4.45 15.34 6.35
N ASN E 59 4.93 14.50 5.43
CA ASN E 59 4.50 13.11 5.38
C ASN E 59 5.21 12.23 6.39
N VAL E 60 6.38 12.65 6.90
CA VAL E 60 7.03 11.90 7.96
C VAL E 60 6.26 12.05 9.26
N ILE E 61 5.93 13.29 9.63
CA ILE E 61 5.10 13.51 10.81
C ILE E 61 3.66 13.10 10.54
N GLY E 62 3.21 13.21 9.29
CA GLY E 62 1.83 12.88 8.98
C GLY E 62 1.54 11.40 9.06
N ALA E 63 2.52 10.56 8.78
CA ALA E 63 2.34 9.12 8.93
C ALA E 63 2.24 8.74 10.40
N ARG E 64 3.12 9.29 11.23
CA ARG E 64 3.05 9.02 12.67
C ARG E 64 1.80 9.62 13.28
N ARG E 65 1.36 10.79 12.79
CA ARG E 65 0.10 11.37 13.25
C ARG E 65 -1.06 10.44 12.96
N ALA E 66 -1.19 9.99 11.71
CA ALA E 66 -2.30 9.12 11.33
C ALA E 66 -2.29 7.83 12.14
N SER E 67 -1.10 7.32 12.47
CA SER E 67 -1.02 6.12 13.29
C SER E 67 -1.47 6.41 14.72
N TRP E 68 -1.06 7.54 15.27
CA TRP E 68 -1.51 7.93 16.62
C TRP E 68 -3.02 8.13 16.65
N ARG E 69 -3.54 8.92 15.70
CA ARG E 69 -4.96 9.25 15.70
C ARG E 69 -5.86 8.02 15.60
N ILE E 70 -5.33 6.91 15.11
CA ILE E 70 -6.09 5.65 15.10
C ILE E 70 -5.96 4.93 16.43
N ILE E 71 -4.72 4.81 16.93
CA ILE E 71 -4.49 4.12 18.20
C ILE E 71 -5.20 4.84 19.34
N SER E 72 -5.25 6.17 19.30
CA SER E 72 -5.94 6.92 20.34
C SER E 72 -7.44 6.75 20.24
N SER E 73 -7.97 6.49 19.03
CA SER E 73 -9.38 6.16 18.90
C SER E 73 -9.69 4.79 19.49
N ILE E 74 -8.88 3.78 19.12
CA ILE E 74 -9.06 2.44 19.67
C ILE E 74 -8.84 2.43 21.17
N GLU E 75 -7.95 3.28 21.66
CA GLU E 75 -7.66 3.33 23.09
C GLU E 75 -8.92 3.73 23.85
N GLN E 76 -9.64 4.71 23.32
CA GLN E 76 -10.88 5.15 23.94
C GLN E 76 -11.92 4.03 23.91
N LYS E 77 -11.98 3.33 22.79
CA LYS E 77 -12.92 2.24 22.61
C LYS E 77 -12.70 1.09 23.60
N GLU E 78 -11.43 0.76 23.85
CA GLU E 78 -11.12 -0.31 24.78
C GLU E 78 -11.43 0.09 26.22
N GLU E 79 -11.12 1.34 26.58
CA GLU E 79 -11.38 1.79 27.94
C GLU E 79 -12.88 1.86 28.22
N SER E 80 -13.68 2.28 27.24
CA SER E 80 -15.12 2.39 27.44
C SER E 80 -15.77 1.05 27.71
N ARG E 81 -15.15 -0.03 27.23
CA ARG E 81 -15.64 -1.39 27.45
C ARG E 81 -14.97 -2.12 28.62
N GLY E 82 -13.85 -1.60 29.11
CA GLY E 82 -13.16 -2.20 30.23
C GLY E 82 -12.23 -3.33 29.84
N ASN E 83 -11.39 -3.11 28.83
CA ASN E 83 -10.38 -4.09 28.42
C ASN E 83 -9.02 -3.61 28.92
N GLU E 84 -8.76 -3.88 30.20
CA GLU E 84 -7.57 -3.33 30.85
C GLU E 84 -6.29 -3.91 30.28
N GLU E 85 -6.31 -5.20 29.91
CA GLU E 85 -5.10 -5.83 29.39
C GLU E 85 -4.77 -5.33 27.98
N HIS E 86 -5.80 -5.08 27.17
CA HIS E 86 -5.57 -4.52 25.84
C HIS E 86 -5.17 -3.05 25.92
N VAL E 87 -5.70 -2.33 26.91
CA VAL E 87 -5.36 -0.92 27.07
C VAL E 87 -3.88 -0.76 27.42
N ASN E 88 -3.39 -1.58 28.34
CA ASN E 88 -1.97 -1.54 28.69
C ASN E 88 -1.09 -1.82 27.48
N SER E 89 -1.54 -2.71 26.59
CA SER E 89 -0.81 -2.94 25.34
C SER E 89 -0.91 -1.72 24.42
N ILE E 90 -2.10 -1.10 24.34
CA ILE E 90 -2.28 0.05 23.47
C ILE E 90 -1.43 1.22 23.95
N ARG E 91 -1.48 1.51 25.26
CA ARG E 91 -0.75 2.66 25.80
C ARG E 91 0.74 2.54 25.53
N GLU E 92 1.31 1.35 25.73
CA GLU E 92 2.73 1.16 25.42
C GLU E 92 3.01 1.37 23.94
N TYR E 93 2.02 1.11 23.08
CA TYR E 93 2.19 1.35 21.64
C TYR E 93 1.99 2.81 21.30
N ARG E 94 1.05 3.49 21.98
CA ARG E 94 0.86 4.92 21.75
C ARG E 94 2.06 5.72 22.24
N SER E 95 2.64 5.32 23.38
CA SER E 95 3.87 5.95 23.83
C SER E 95 5.01 5.73 22.86
N LYS E 96 5.02 4.59 22.17
CA LYS E 96 6.04 4.33 21.16
C LYS E 96 5.91 5.28 19.98
N ILE E 97 4.68 5.62 19.59
CA ILE E 97 4.48 6.58 18.52
C ILE E 97 4.75 8.00 19.01
N GLU E 98 4.32 8.33 20.22
CA GLU E 98 4.43 9.70 20.72
C GLU E 98 5.89 10.13 20.85
N ASN E 99 6.74 9.25 21.43
CA ASN E 99 8.15 9.58 21.50
C ASN E 99 8.81 9.60 20.12
N GLU E 100 8.21 8.92 19.14
CA GLU E 100 8.68 9.03 17.76
C GLU E 100 8.17 10.29 17.11
N LEU E 101 6.95 10.71 17.45
CA LEU E 101 6.43 11.99 16.98
C LEU E 101 7.29 13.15 17.49
N SER E 102 7.81 13.02 18.72
CA SER E 102 8.59 14.10 19.31
C SER E 102 9.97 14.21 18.65
N LYS E 103 10.58 13.07 18.33
CA LYS E 103 11.87 13.11 17.63
C LYS E 103 11.74 13.82 16.29
N ILE E 104 10.66 13.54 15.56
CA ILE E 104 10.40 14.24 14.31
C ILE E 104 10.28 15.74 14.55
N CYS E 105 9.54 16.12 15.59
CA CYS E 105 9.35 17.54 15.88
C CYS E 105 10.62 18.18 16.43
N ASP E 106 11.42 17.43 17.21
CA ASP E 106 12.66 17.98 17.72
C ASP E 106 13.65 18.28 16.60
N GLY E 107 13.65 17.47 15.55
CA GLY E 107 14.61 17.69 14.47
C GLY E 107 14.28 18.92 13.64
N ILE E 108 13.01 19.07 13.26
CA ILE E 108 12.64 20.19 12.39
C ILE E 108 12.64 21.50 13.17
N LEU E 109 12.13 21.50 14.41
CA LEU E 109 12.11 22.72 15.19
C LEU E 109 13.52 23.17 15.56
N LYS E 110 14.45 22.22 15.71
CA LYS E 110 15.85 22.59 15.94
C LYS E 110 16.46 23.23 14.71
N LEU E 111 16.18 22.67 13.52
CA LEU E 111 16.72 23.22 12.29
C LEU E 111 16.10 24.58 11.98
N LEU E 112 14.83 24.79 12.34
CA LEU E 112 14.19 26.07 12.10
C LEU E 112 14.88 27.18 12.90
N ASP E 113 15.10 26.94 14.19
CA ASP E 113 15.68 27.97 15.05
C ASP E 113 17.15 28.21 14.72
N ALA E 114 17.89 27.16 14.39
CA ALA E 114 19.33 27.27 14.23
C ALA E 114 19.76 27.57 12.80
N LYS E 115 18.92 27.30 11.80
CA LYS E 115 19.33 27.45 10.41
C LYS E 115 18.32 28.25 9.59
N LEU E 116 17.10 27.72 9.45
CA LEU E 116 16.17 28.22 8.44
C LEU E 116 15.73 29.66 8.73
N ILE E 117 15.26 29.90 9.96
CA ILE E 117 14.67 31.20 10.29
C ILE E 117 15.71 32.33 10.27
N PRO E 118 16.92 32.16 10.82
CA PRO E 118 17.92 33.23 10.69
C PRO E 118 18.28 33.56 9.25
N SER E 119 18.09 32.62 8.31
CA SER E 119 18.40 32.86 6.92
C SER E 119 17.26 33.52 6.16
N ALA E 120 16.12 33.75 6.80
CA ALA E 120 14.98 34.37 6.14
C ALA E 120 15.30 35.82 5.81
N ALA E 121 15.31 36.13 4.51
CA ALA E 121 15.58 37.48 4.04
C ALA E 121 14.41 38.13 3.31
N SER E 122 13.32 37.40 3.09
CA SER E 122 12.17 37.91 2.35
C SER E 122 10.91 37.76 3.18
N GLY E 123 9.89 38.54 2.80
CA GLY E 123 8.61 38.42 3.48
C GLY E 123 7.98 37.05 3.29
N ASP E 124 8.11 36.48 2.09
CA ASP E 124 7.62 35.13 1.85
C ASP E 124 8.42 34.11 2.64
N SER E 125 9.74 34.30 2.71
CA SER E 125 10.59 33.39 3.47
C SER E 125 10.26 33.43 4.95
N LYS E 126 10.05 34.63 5.49
CA LYS E 126 9.77 34.78 6.92
C LYS E 126 8.48 34.05 7.30
N VAL E 127 7.40 34.32 6.59
CA VAL E 127 6.11 33.71 6.90
C VAL E 127 6.20 32.18 6.78
N PHE E 128 6.96 31.70 5.80
CA PHE E 128 7.06 30.26 5.57
C PHE E 128 7.63 29.55 6.80
N TYR E 129 8.84 29.93 7.21
CA TYR E 129 9.52 29.22 8.29
C TYR E 129 8.84 29.43 9.63
N LEU E 130 8.10 30.54 9.81
CA LEU E 130 7.39 30.76 11.06
C LEU E 130 6.13 29.92 11.13
N LYS E 131 5.32 29.93 10.06
CA LYS E 131 4.18 29.02 9.96
C LYS E 131 4.62 27.58 10.17
N MET E 132 5.78 27.23 9.60
CA MET E 132 6.35 25.90 9.79
C MET E 132 6.56 25.61 11.27
N LYS E 133 7.10 26.58 12.01
CA LYS E 133 7.29 26.39 13.44
C LYS E 133 5.96 26.33 14.18
N GLY E 134 5.01 27.14 13.72
CA GLY E 134 3.69 27.14 14.31
C GLY E 134 3.05 25.79 14.03
N ASP E 135 3.21 25.30 12.81
CA ASP E 135 2.65 24.01 12.42
C ASP E 135 3.21 22.84 13.21
N TYR E 136 4.53 22.79 13.37
CA TYR E 136 5.13 21.67 14.09
C TYR E 136 4.84 21.72 15.58
N HIS E 137 4.89 22.92 16.14
CA HIS E 137 4.57 23.12 17.54
C HIS E 137 3.15 22.70 17.85
N ARG E 138 2.23 22.84 16.89
CA ARG E 138 0.86 22.42 17.10
C ARG E 138 0.72 20.90 17.04
N TYR E 139 1.49 20.25 16.16
CA TYR E 139 1.48 18.79 16.13
C TYR E 139 1.86 18.20 17.47
N LEU E 140 2.84 18.82 18.14
CA LEU E 140 3.17 18.42 19.50
C LEU E 140 1.99 18.59 20.44
N ALA E 141 1.22 19.67 20.26
CA ALA E 141 0.08 19.93 21.13
C ALA E 141 -1.07 18.96 20.91
N GLU E 142 -1.07 18.24 19.79
CA GLU E 142 -2.18 17.33 19.51
C GLU E 142 -2.16 16.14 20.44
N PHE E 143 -0.97 15.58 20.73
CA PHE E 143 -0.87 14.44 21.62
C PHE E 143 -0.34 14.79 23.01
N LYS E 144 0.17 16.00 23.21
CA LYS E 144 0.54 16.45 24.54
C LYS E 144 -0.70 16.81 25.35
N THR E 145 -0.61 16.65 26.66
CA THR E 145 -1.72 16.90 27.55
C THR E 145 -1.23 17.54 28.84
N GLY E 146 -2.11 18.29 29.49
CA GLY E 146 -1.84 18.88 30.79
C GLY E 146 -0.74 19.93 30.79
N ALA E 147 0.41 19.58 31.36
CA ALA E 147 1.49 20.55 31.54
C ALA E 147 2.04 21.01 30.20
N GLU E 148 2.49 20.07 29.37
CA GLU E 148 3.15 20.44 28.13
C GLU E 148 2.17 20.89 27.05
N ARG E 149 0.87 20.63 27.23
CA ARG E 149 -0.12 21.15 26.29
C ARG E 149 -0.29 22.65 26.43
N LYS E 150 -0.13 23.18 27.65
CA LYS E 150 -0.15 24.62 27.84
C LYS E 150 1.03 25.29 27.13
N GLU E 151 2.22 24.69 27.24
CA GLU E 151 3.41 25.26 26.64
C GLU E 151 3.38 25.11 25.12
N ALA E 152 2.92 23.96 24.62
CA ALA E 152 2.89 23.73 23.18
C ALA E 152 1.94 24.71 22.49
N ALA E 153 0.72 24.86 23.04
CA ALA E 153 -0.22 25.83 22.48
C ALA E 153 0.32 27.25 22.60
N GLU E 154 1.09 27.53 23.64
CA GLU E 154 1.71 28.85 23.78
C GLU E 154 2.72 29.08 22.66
N SER E 155 3.66 28.16 22.48
CA SER E 155 4.67 28.31 21.44
C SER E 155 4.04 28.33 20.05
N THR E 156 2.95 27.57 19.85
CA THR E 156 2.24 27.62 18.57
C THR E 156 1.61 28.99 18.36
N LEU E 157 1.04 29.58 19.42
CA LEU E 157 0.37 30.87 19.29
C LEU E 157 1.36 31.98 18.96
N THR E 158 2.53 31.98 19.63
CA THR E 158 3.52 33.02 19.36
C THR E 158 4.05 32.93 17.94
N ALA E 159 4.21 31.71 17.41
CA ALA E 159 4.73 31.55 16.06
C ALA E 159 3.71 31.99 15.02
N TYR E 160 2.44 31.62 15.20
CA TYR E 160 1.41 32.02 14.25
C TYR E 160 1.15 33.52 14.30
N LYS E 161 1.13 34.09 15.51
CA LYS E 161 0.90 35.53 15.64
C LYS E 161 2.01 36.33 14.96
N ALA E 162 3.25 35.90 15.13
CA ALA E 162 4.35 36.57 14.44
C ALA E 162 4.28 36.36 12.93
N ALA E 163 3.98 35.11 12.51
CA ALA E 163 3.85 34.84 11.08
C ALA E 163 2.67 35.61 10.48
N GLN E 164 1.54 35.64 11.19
CA GLN E 164 0.38 36.38 10.70
C GLN E 164 0.69 37.86 10.54
N ASP E 165 1.51 38.41 11.43
CA ASP E 165 1.88 39.82 11.33
C ASP E 165 2.65 40.09 10.06
N ILE E 166 3.65 39.26 9.76
CA ILE E 166 4.49 39.50 8.58
C ILE E 166 3.67 39.38 7.30
N ALA E 167 2.75 38.41 7.25
CA ALA E 167 1.94 38.22 6.05
C ALA E 167 1.03 39.41 5.81
N THR E 168 0.47 39.99 6.89
CA THR E 168 -0.42 41.13 6.75
C THR E 168 0.33 42.43 6.47
N THR E 169 1.66 42.43 6.63
CA THR E 169 2.45 43.64 6.42
C THR E 169 3.33 43.61 5.19
N GLU E 170 3.60 42.42 4.63
CA GLU E 170 4.51 42.29 3.50
C GLU E 170 3.94 41.51 2.32
N LEU E 171 2.91 40.69 2.53
CA LEU E 171 2.36 39.85 1.48
C LEU E 171 0.93 40.24 1.18
N ALA E 172 0.48 39.89 -0.02
CA ALA E 172 -0.88 40.15 -0.45
C ALA E 172 -1.83 39.07 0.08
N PRO E 173 -3.11 39.40 0.27
CA PRO E 173 -4.06 38.40 0.77
C PRO E 173 -4.17 37.18 -0.14
N THR E 174 -3.86 37.31 -1.42
CA THR E 174 -3.96 36.23 -2.38
C THR E 174 -2.73 35.33 -2.40
N HIS E 175 -1.74 35.60 -1.55
CA HIS E 175 -0.54 34.79 -1.55
C HIS E 175 -0.83 33.42 -0.92
N PRO E 176 -0.26 32.33 -1.48
CA PRO E 176 -0.56 31.00 -0.91
C PRO E 176 -0.03 30.82 0.50
N ILE E 177 1.22 31.20 0.76
CA ILE E 177 1.79 31.04 2.09
C ILE E 177 0.99 31.84 3.12
N ARG E 178 0.44 32.98 2.72
CA ARG E 178 -0.46 33.72 3.61
C ARG E 178 -1.78 32.99 3.76
N LEU E 179 -2.34 32.50 2.66
CA LEU E 179 -3.61 31.78 2.72
C LEU E 179 -3.45 30.47 3.48
N GLY E 180 -2.36 29.75 3.24
CA GLY E 180 -2.13 28.52 3.98
C GLY E 180 -1.96 28.77 5.47
N LEU E 181 -1.24 29.84 5.82
CA LEU E 181 -1.11 30.23 7.22
C LEU E 181 -2.48 30.55 7.83
N ALA E 182 -3.36 31.18 7.05
CA ALA E 182 -4.69 31.50 7.55
C ALA E 182 -5.50 30.25 7.87
N LEU E 183 -5.32 29.19 7.08
CA LEU E 183 -6.07 27.96 7.33
C LEU E 183 -5.60 27.26 8.58
N ASN E 184 -4.28 27.11 8.74
CA ASN E 184 -3.75 26.37 9.88
C ASN E 184 -3.86 27.15 11.18
N PHE E 185 -3.80 28.48 11.12
CA PHE E 185 -4.03 29.28 12.32
C PHE E 185 -5.49 29.18 12.75
N SER E 186 -6.41 29.11 11.79
CA SER E 186 -7.82 28.93 12.14
C SER E 186 -8.08 27.52 12.65
N VAL E 187 -7.40 26.52 12.08
CA VAL E 187 -7.55 25.15 12.56
C VAL E 187 -7.04 25.02 13.99
N PHE E 188 -5.93 25.70 14.30
CA PHE E 188 -5.40 25.67 15.65
C PHE E 188 -6.36 26.28 16.66
N TYR E 189 -7.19 27.24 16.23
CA TYR E 189 -8.16 27.83 17.14
C TYR E 189 -9.30 26.86 17.46
N TYR E 190 -9.61 25.94 16.55
CA TYR E 190 -10.77 25.07 16.74
C TYR E 190 -10.41 23.75 17.41
N GLU E 191 -9.42 23.04 16.89
CA GLU E 191 -9.11 21.71 17.40
C GLU E 191 -8.14 21.72 18.58
N ILE E 192 -7.53 22.86 18.90
CA ILE E 192 -6.60 22.97 20.01
C ILE E 192 -7.14 23.89 21.10
N LEU E 193 -7.66 25.06 20.71
CA LEU E 193 -8.16 26.04 21.68
C LEU E 193 -9.66 25.97 21.88
N ASN E 194 -10.37 25.12 21.13
CA ASN E 194 -11.82 24.94 21.29
C ASN E 194 -12.57 26.27 21.23
N SER E 195 -12.02 27.24 20.49
CA SER E 195 -12.62 28.56 20.35
C SER E 195 -13.06 28.75 18.91
N PRO E 196 -14.29 28.34 18.55
CA PRO E 196 -14.70 28.43 17.14
C PRO E 196 -14.83 29.85 16.62
N ASP E 197 -15.25 30.80 17.46
CA ASP E 197 -15.48 32.16 16.99
C ASP E 197 -14.20 32.79 16.45
N ARG E 198 -13.08 32.59 17.16
CA ARG E 198 -11.80 33.09 16.66
C ARG E 198 -11.30 32.28 15.47
N ALA E 199 -11.81 31.07 15.27
CA ALA E 199 -11.43 30.27 14.11
C ALA E 199 -12.18 30.70 12.86
N CYS E 200 -13.49 30.95 12.99
CA CYS E 200 -14.27 31.41 11.85
C CYS E 200 -13.94 32.86 11.49
N ASN E 201 -13.48 33.64 12.46
CA ASN E 201 -13.04 35.00 12.16
C ASN E 201 -11.84 34.99 11.24
N LEU E 202 -10.86 34.12 11.52
CA LEU E 202 -9.62 34.12 10.77
C LEU E 202 -9.82 33.59 9.35
N ALA E 203 -10.60 32.52 9.19
CA ALA E 203 -10.80 31.94 7.87
C ALA E 203 -11.67 32.81 7.00
N LYS E 204 -12.77 33.33 7.55
CA LYS E 204 -13.67 34.19 6.76
C LYS E 204 -12.98 35.48 6.35
N GLN E 205 -12.21 36.09 7.26
CA GLN E 205 -11.60 37.37 6.97
C GLN E 205 -10.53 37.25 5.89
N ALA E 206 -9.69 36.21 5.97
CA ALA E 206 -8.65 36.03 4.96
C ALA E 206 -9.24 35.60 3.63
N PHE E 207 -10.29 34.77 3.66
CA PHE E 207 -10.92 34.34 2.41
C PHE E 207 -11.55 35.51 1.68
N ASP E 208 -12.27 36.36 2.41
CA ASP E 208 -12.88 37.53 1.79
C ASP E 208 -11.85 38.55 1.34
N GLU E 209 -10.66 38.57 1.97
CA GLU E 209 -9.62 39.49 1.55
C GLU E 209 -8.98 39.06 0.24
N ALA E 210 -8.73 37.76 0.07
CA ALA E 210 -8.16 37.28 -1.18
C ALA E 210 -9.15 37.44 -2.34
N ILE E 211 -10.44 37.28 -2.07
CA ILE E 211 -11.45 37.50 -3.12
C ILE E 211 -11.45 38.95 -3.57
N ALA E 212 -11.19 39.89 -2.64
CA ALA E 212 -11.19 41.30 -3.01
C ALA E 212 -10.01 41.64 -3.92
N GLU E 213 -8.83 41.12 -3.62
CA GLU E 213 -7.66 41.39 -4.46
C GLU E 213 -7.82 40.76 -5.84
N LEU E 214 -8.45 39.58 -5.91
CA LEU E 214 -8.73 38.96 -7.20
C LEU E 214 -9.79 39.76 -7.97
N ASP E 215 -10.79 40.27 -7.25
CA ASP E 215 -11.85 41.05 -7.90
C ASP E 215 -11.31 42.39 -8.40
N THR E 216 -10.67 43.16 -7.52
CA THR E 216 -10.26 44.52 -7.86
C THR E 216 -9.13 44.52 -8.90
N LEU E 217 -8.13 43.66 -8.72
CA LEU E 217 -6.95 43.65 -9.58
C LEU E 217 -7.04 42.67 -10.74
N GLY E 218 -8.05 41.80 -10.75
CA GLY E 218 -8.36 40.97 -11.90
C GLY E 218 -7.35 39.93 -12.29
N GLU E 219 -6.27 39.76 -11.53
CA GLU E 219 -5.26 38.78 -11.91
C GLU E 219 -5.75 37.36 -11.66
N GLU E 220 -5.18 36.41 -12.40
CA GLU E 220 -5.54 35.01 -12.28
C GLU E 220 -4.85 34.41 -11.06
N SER E 221 -5.63 33.75 -10.21
CA SER E 221 -5.08 33.13 -9.01
C SER E 221 -4.25 31.90 -9.38
N TYR E 222 -3.29 31.58 -8.50
CA TYR E 222 -2.44 30.43 -8.73
C TYR E 222 -3.22 29.13 -8.51
N LYS E 223 -2.58 28.01 -8.87
CA LYS E 223 -3.18 26.70 -8.63
C LYS E 223 -3.31 26.41 -7.14
N ASP E 224 -2.27 26.76 -6.36
CA ASP E 224 -2.30 26.47 -4.93
C ASP E 224 -3.25 27.40 -4.18
N SER E 225 -3.27 28.68 -4.56
CA SER E 225 -4.17 29.63 -3.89
C SER E 225 -5.63 29.24 -4.10
N THR E 226 -5.98 28.75 -5.29
CA THR E 226 -7.33 28.27 -5.53
C THR E 226 -7.62 27.04 -4.69
N LEU E 227 -6.61 26.19 -4.46
CA LEU E 227 -6.80 24.99 -3.66
C LEU E 227 -6.94 25.33 -2.18
N ILE E 228 -6.06 26.20 -1.68
CA ILE E 228 -6.10 26.56 -0.26
C ILE E 228 -7.42 27.26 0.09
N MET E 229 -7.93 28.08 -0.83
CA MET E 229 -9.20 28.75 -0.59
C MET E 229 -10.35 27.77 -0.49
N GLN E 230 -10.29 26.68 -1.26
CA GLN E 230 -11.31 25.64 -1.14
C GLN E 230 -11.22 24.94 0.21
N LEU E 231 -10.02 24.86 0.78
CA LEU E 231 -9.87 24.30 2.13
C LEU E 231 -10.42 25.26 3.17
N LEU E 232 -10.20 26.57 2.97
CA LEU E 232 -10.83 27.57 3.83
C LEU E 232 -12.34 27.55 3.69
N ARG E 233 -12.84 27.44 2.46
CA ARG E 233 -14.28 27.41 2.23
C ARG E 233 -14.91 26.19 2.89
N ASP E 234 -14.28 25.01 2.73
CA ASP E 234 -14.84 23.79 3.29
C ASP E 234 -14.89 23.85 4.81
N ASN E 235 -13.82 24.34 5.44
CA ASN E 235 -13.81 24.45 6.90
C ASN E 235 -14.87 25.41 7.39
N LEU E 236 -15.14 26.48 6.64
CA LEU E 236 -16.19 27.42 7.02
C LEU E 236 -17.57 26.79 6.91
N THR E 237 -17.85 26.13 5.78
CA THR E 237 -19.13 25.46 5.61
C THR E 237 -19.34 24.38 6.67
N LEU E 238 -18.27 23.70 7.08
CA LEU E 238 -18.38 22.65 8.08
C LEU E 238 -18.49 23.21 9.48
N TRP E 239 -17.79 24.31 9.76
CA TRP E 239 -17.83 24.91 11.09
C TRP E 239 -19.18 25.55 11.37
N THR E 240 -19.67 26.38 10.45
CA THR E 240 -20.88 27.16 10.67
C THR E 240 -22.14 26.29 10.75
N SER E 241 -22.07 25.02 10.35
CA SER E 241 -23.22 24.13 10.48
C SER E 241 -23.58 23.85 11.94
N ASP E 242 -22.72 24.25 12.88
CA ASP E 242 -22.96 24.01 14.29
C ASP E 242 -23.10 25.32 15.06
N PHE F 2 -9.73 17.98 11.12
CA PHE F 2 -10.01 19.09 10.20
C PHE F 2 -8.81 19.34 9.28
N SER F 3 -9.11 19.67 8.02
CA SER F 3 -8.09 19.78 6.98
C SER F 3 -7.12 20.94 7.21
N ASN F 5 -3.04 22.96 5.86
CA ASN F 5 -1.83 23.14 5.04
C ASN F 5 -2.12 23.28 3.55
N PRO G 7 -3.66 -12.58 30.22
CA PRO G 7 -3.27 -12.86 28.84
C PRO G 7 -2.01 -13.72 28.74
N THR G 8 -1.70 -14.17 27.54
CA THR G 8 -0.47 -14.90 27.26
C THR G 8 0.42 -14.05 26.35
N ALA G 9 1.70 -14.43 26.28
CA ALA G 9 2.64 -13.69 25.46
C ALA G 9 2.24 -13.75 23.99
N ARG G 10 1.87 -14.95 23.51
CA ARG G 10 1.40 -15.10 22.14
C ARG G 10 0.10 -14.32 21.91
N GLU G 11 -0.73 -14.20 22.94
CA GLU G 11 -1.96 -13.42 22.81
C GLU G 11 -1.67 -11.94 22.57
N GLU G 12 -0.68 -11.39 23.29
CA GLU G 12 -0.40 -9.96 23.18
C GLU G 12 0.31 -9.62 21.87
N ASN G 13 1.19 -10.51 21.40
CA ASN G 13 1.86 -10.26 20.12
C ASN G 13 0.88 -10.29 18.96
N VAL G 14 -0.18 -11.09 19.06
CA VAL G 14 -1.21 -11.09 18.02
C VAL G 14 -2.02 -9.80 18.06
N TYR G 15 -2.40 -9.35 19.26
CA TYR G 15 -3.12 -8.09 19.38
C TYR G 15 -2.30 -6.93 18.84
N MET G 16 -0.99 -6.94 19.09
CA MET G 16 -0.12 -5.90 18.54
C MET G 16 -0.13 -5.91 17.02
N ALA G 17 -0.10 -7.09 16.41
CA ALA G 17 -0.21 -7.18 14.95
C ALA G 17 -1.51 -6.53 14.47
N LYS G 18 -2.61 -6.77 15.17
CA LYS G 18 -3.87 -6.13 14.83
C LYS G 18 -3.84 -4.63 15.07
N LEU G 19 -2.96 -4.16 15.98
CA LEU G 19 -2.79 -2.73 16.17
C LEU G 19 -1.87 -2.14 15.11
N ALA G 20 -0.81 -2.86 14.73
CA ALA G 20 0.12 -2.35 13.73
C ALA G 20 -0.52 -2.33 12.34
N GLU G 21 -1.45 -3.24 12.06
CA GLU G 21 -2.19 -3.18 10.80
C GLU G 21 -3.11 -1.96 10.77
N GLN G 22 -3.84 -1.73 11.86
CA GLN G 22 -4.69 -0.56 11.94
C GLN G 22 -3.85 0.72 11.90
N ALA G 23 -2.72 0.73 12.60
CA ALA G 23 -1.81 1.86 12.57
C ALA G 23 -1.00 1.94 11.29
N GLU G 24 -1.05 0.91 10.44
CA GLU G 24 -0.29 0.86 9.19
C GLU G 24 1.21 0.95 9.45
N ARG G 25 1.66 0.30 10.52
CA ARG G 25 3.09 0.15 10.79
C ARG G 25 3.49 -1.29 10.51
N TYR G 26 3.41 -1.69 9.25
CA TYR G 26 3.53 -3.10 8.89
C TYR G 26 4.92 -3.67 9.13
N GLU G 27 5.95 -2.82 9.20
CA GLU G 27 7.29 -3.32 9.50
C GLU G 27 7.34 -3.91 10.89
N GLU G 28 6.73 -3.23 11.87
CA GLU G 28 6.62 -3.79 13.22
C GLU G 28 5.63 -4.94 13.24
N MET G 29 4.57 -4.87 12.45
CA MET G 29 3.60 -5.96 12.37
C MET G 29 4.26 -7.25 11.93
N VAL G 30 5.20 -7.17 10.99
CA VAL G 30 5.98 -8.34 10.60
C VAL G 30 6.78 -8.86 11.79
N GLU G 31 7.32 -7.95 12.60
CA GLU G 31 8.10 -8.36 13.76
C GLU G 31 7.26 -9.13 14.76
N PHE G 32 6.04 -8.64 15.04
CA PHE G 32 5.15 -9.34 15.97
C PHE G 32 4.78 -10.72 15.44
N MET G 33 4.35 -10.75 14.18
CA MET G 33 3.92 -12.00 13.54
C MET G 33 5.03 -13.04 13.45
N GLU G 34 6.26 -12.58 13.24
CA GLU G 34 7.39 -13.49 13.17
C GLU G 34 7.60 -14.20 14.52
N LYS G 35 7.43 -13.45 15.60
CA LYS G 35 7.58 -13.97 16.94
C LYS G 35 6.59 -15.08 17.29
N VAL G 36 5.34 -14.92 16.88
CA VAL G 36 4.35 -15.96 17.19
C VAL G 36 4.48 -17.15 16.27
N SER G 37 5.04 -16.96 15.07
CA SER G 37 5.33 -18.11 14.22
C SER G 37 6.52 -18.89 14.74
N ASN G 38 7.50 -18.21 15.33
CA ASN G 38 8.63 -18.87 15.95
C ASN G 38 8.33 -19.38 17.35
N SER G 39 7.22 -18.97 17.95
CA SER G 39 6.79 -19.49 19.24
C SER G 39 5.88 -20.69 19.11
N LEU G 40 5.74 -21.24 17.90
CA LEU G 40 4.94 -22.43 17.67
C LEU G 40 5.81 -23.67 17.73
N GLY G 41 5.33 -24.70 18.41
CA GLY G 41 6.02 -25.98 18.43
C GLY G 41 5.68 -26.83 17.24
N SER G 42 4.92 -27.90 17.46
CA SER G 42 4.39 -28.74 16.39
C SER G 42 2.94 -28.38 16.05
N GLU G 43 2.59 -27.12 16.19
CA GLU G 43 1.28 -26.59 15.82
C GLU G 43 1.47 -25.53 14.73
N GLU G 44 0.36 -25.08 14.17
CA GLU G 44 0.39 -24.08 13.11
C GLU G 44 -0.53 -22.91 13.46
N LEU G 45 -0.35 -21.82 12.74
CA LEU G 45 -1.08 -20.58 13.02
C LEU G 45 -2.59 -20.79 12.84
N THR G 46 -3.36 -20.06 13.64
CA THR G 46 -4.79 -20.00 13.39
C THR G 46 -5.05 -19.19 12.12
N VAL G 47 -6.27 -19.32 11.59
CA VAL G 47 -6.61 -18.67 10.33
C VAL G 47 -6.46 -17.16 10.47
N GLU G 48 -6.98 -16.59 11.56
CA GLU G 48 -6.78 -15.17 11.84
C GLU G 48 -5.30 -14.85 11.97
N GLU G 49 -4.57 -15.66 12.74
CA GLU G 49 -3.13 -15.47 12.89
C GLU G 49 -2.40 -15.65 11.57
N ARG G 50 -2.80 -16.66 10.80
CA ARG G 50 -2.16 -16.91 9.50
C ARG G 50 -2.31 -15.71 8.58
N ASN G 51 -3.52 -15.15 8.49
CA ASN G 51 -3.77 -14.04 7.59
C ASN G 51 -3.03 -12.78 8.02
N LEU G 52 -2.78 -12.62 9.32
CA LEU G 52 -2.00 -11.48 9.80
C LEU G 52 -0.61 -11.47 9.18
N LEU G 53 0.09 -12.60 9.26
CA LEU G 53 1.41 -12.70 8.66
C LEU G 53 1.35 -12.51 7.14
N SER G 54 0.23 -12.88 6.53
CA SER G 54 0.06 -12.67 5.09
C SER G 54 -0.02 -11.20 4.76
N VAL G 55 -0.93 -10.47 5.42
CA VAL G 55 -1.11 -9.05 5.13
C VAL G 55 0.09 -8.24 5.59
N ALA G 56 0.74 -8.67 6.68
CA ALA G 56 1.91 -7.96 7.18
C ALA G 56 2.99 -7.84 6.11
N TYR G 57 3.44 -8.98 5.58
CA TYR G 57 4.46 -8.95 4.54
C TYR G 57 3.93 -8.37 3.23
N LYS G 58 2.62 -8.44 3.01
CA LYS G 58 2.07 -7.93 1.76
C LYS G 58 2.20 -6.41 1.66
N ASN G 59 2.04 -5.70 2.78
CA ASN G 59 2.17 -4.25 2.76
C ASN G 59 3.60 -3.78 2.95
N VAL G 60 4.48 -4.62 3.53
CA VAL G 60 5.89 -4.28 3.59
C VAL G 60 6.54 -4.44 2.23
N ILE G 61 6.29 -5.58 1.57
CA ILE G 61 6.77 -5.74 0.20
C ILE G 61 5.99 -4.83 -0.74
N GLY G 62 4.71 -4.59 -0.47
CA GLY G 62 3.92 -3.74 -1.33
C GLY G 62 4.39 -2.31 -1.33
N ALA G 63 5.00 -1.85 -0.24
CA ALA G 63 5.56 -0.50 -0.21
C ALA G 63 6.79 -0.40 -1.10
N ARG G 64 7.77 -1.28 -0.89
CA ARG G 64 9.00 -1.22 -1.67
C ARG G 64 8.75 -1.53 -3.15
N ARG G 65 7.79 -2.42 -3.44
CA ARG G 65 7.47 -2.72 -4.83
C ARG G 65 6.91 -1.50 -5.55
N ALA G 66 5.94 -0.83 -4.93
CA ALA G 66 5.38 0.39 -5.52
C ALA G 66 6.44 1.48 -5.67
N SER G 67 7.41 1.51 -4.76
CA SER G 67 8.53 2.44 -4.91
C SER G 67 9.43 2.04 -6.08
N TRP G 68 9.68 0.74 -6.23
CA TRP G 68 10.55 0.26 -7.29
C TRP G 68 9.97 0.56 -8.67
N ARG G 69 8.65 0.38 -8.82
CA ARG G 69 8.03 0.57 -10.13
C ARG G 69 8.17 2.01 -10.62
N ILE G 70 8.09 2.97 -9.69
CA ILE G 70 8.18 4.37 -10.10
C ILE G 70 9.62 4.74 -10.43
N ILE G 71 10.58 4.30 -9.60
CA ILE G 71 11.98 4.57 -9.88
C ILE G 71 12.39 3.97 -11.21
N SER G 72 11.91 2.76 -11.50
CA SER G 72 12.24 2.12 -12.77
C SER G 72 11.66 2.89 -13.94
N SER G 73 10.41 3.35 -13.83
CA SER G 73 9.79 4.10 -14.91
C SER G 73 10.48 5.45 -15.11
N ILE G 74 10.90 6.10 -14.02
CA ILE G 74 11.65 7.33 -14.13
C ILE G 74 13.01 7.07 -14.77
N GLU G 75 13.63 5.94 -14.43
CA GLU G 75 14.90 5.57 -15.03
C GLU G 75 14.75 5.32 -16.53
N GLN G 76 13.65 4.67 -16.93
CA GLN G 76 13.43 4.41 -18.35
C GLN G 76 13.14 5.70 -19.14
N LYS G 77 12.61 6.73 -18.48
CA LYS G 77 12.39 8.00 -19.15
C LYS G 77 13.70 8.76 -19.35
N GLU G 78 14.59 8.72 -18.36
CA GLU G 78 15.88 9.39 -18.50
C GLU G 78 16.76 8.66 -19.50
N GLU G 79 16.75 7.32 -19.48
CA GLU G 79 17.49 6.56 -20.48
C GLU G 79 16.90 6.74 -21.87
N SER G 80 15.60 7.03 -21.95
CA SER G 80 14.97 7.26 -23.24
C SER G 80 15.39 8.57 -23.88
N ARG G 81 15.89 9.53 -23.08
CA ARG G 81 16.27 10.83 -23.60
C ARG G 81 17.78 10.95 -23.85
N GLY G 82 18.61 10.30 -23.05
CA GLY G 82 20.04 10.37 -23.26
C GLY G 82 20.74 11.39 -22.40
N ASN G 83 20.74 11.16 -21.09
CA ASN G 83 21.48 12.00 -20.15
C ASN G 83 21.85 11.11 -18.97
N GLU G 84 23.13 10.77 -18.85
CA GLU G 84 23.56 9.76 -17.90
C GLU G 84 23.92 10.31 -16.54
N GLU G 85 23.76 11.62 -16.30
CA GLU G 85 24.03 12.15 -14.97
C GLU G 85 22.92 11.79 -14.00
N HIS G 86 21.68 11.71 -14.47
CA HIS G 86 20.56 11.30 -13.63
C HIS G 86 20.38 9.79 -13.61
N VAL G 87 20.80 9.10 -14.67
CA VAL G 87 20.61 7.65 -14.73
C VAL G 87 21.52 6.96 -13.71
N ASN G 88 22.78 7.39 -13.61
CA ASN G 88 23.67 6.81 -12.62
C ASN G 88 23.21 7.12 -11.20
N SER G 89 22.62 8.30 -10.98
CA SER G 89 22.10 8.63 -9.65
C SER G 89 20.84 7.82 -9.35
N ILE G 90 20.00 7.57 -10.35
CA ILE G 90 18.77 6.82 -10.14
C ILE G 90 19.10 5.36 -9.81
N ARG G 91 20.02 4.76 -10.56
CA ARG G 91 20.32 3.34 -10.40
C ARG G 91 20.76 3.01 -8.99
N GLU G 92 21.55 3.89 -8.37
CA GLU G 92 21.96 3.66 -6.99
C GLU G 92 20.79 3.65 -6.04
N TYR G 93 19.74 4.43 -6.34
CA TYR G 93 18.52 4.40 -5.54
C TYR G 93 17.77 3.09 -5.76
N ARG G 94 17.61 2.69 -7.03
CA ARG G 94 16.90 1.46 -7.33
C ARG G 94 17.64 0.24 -6.80
N SER G 95 18.97 0.27 -6.85
CA SER G 95 19.75 -0.82 -6.28
C SER G 95 19.55 -0.90 -4.77
N LYS G 96 19.28 0.24 -4.11
CA LYS G 96 19.01 0.21 -2.68
C LYS G 96 17.63 -0.38 -2.40
N ILE G 97 16.63 -0.04 -3.22
CA ILE G 97 15.29 -0.59 -3.04
C ILE G 97 15.30 -2.09 -3.30
N GLU G 98 15.98 -2.52 -4.37
CA GLU G 98 16.05 -3.95 -4.68
C GLU G 98 16.84 -4.71 -3.61
N ASN G 99 17.83 -4.06 -2.99
CA ASN G 99 18.52 -4.71 -1.88
CA ASN G 99 18.53 -4.70 -1.88
C ASN G 99 17.59 -4.91 -0.69
N GLU G 100 16.63 -4.00 -0.50
CA GLU G 100 15.63 -4.19 0.55
C GLU G 100 14.58 -5.22 0.14
N LEU G 101 14.16 -5.18 -1.12
CA LEU G 101 13.22 -6.18 -1.62
C LEU G 101 13.75 -7.59 -1.41
N SER G 102 15.06 -7.77 -1.58
CA SER G 102 15.65 -9.09 -1.38
C SER G 102 15.61 -9.52 0.07
N LYS G 103 15.86 -8.58 0.99
CA LYS G 103 15.84 -8.92 2.42
C LYS G 103 14.43 -9.20 2.91
N ILE G 104 13.42 -8.58 2.29
CA ILE G 104 12.03 -8.86 2.67
C ILE G 104 11.62 -10.23 2.14
N CYS G 105 11.90 -10.51 0.86
CA CYS G 105 11.54 -11.81 0.29
C CYS G 105 12.32 -12.94 0.92
N ASP G 106 13.58 -12.70 1.29
CA ASP G 106 14.37 -13.75 1.93
C ASP G 106 13.84 -14.07 3.32
N GLY G 107 13.48 -13.04 4.09
CA GLY G 107 13.02 -13.27 5.45
C GLY G 107 11.74 -14.06 5.51
N ILE G 108 10.83 -13.83 4.58
CA ILE G 108 9.56 -14.56 4.58
C ILE G 108 9.75 -15.96 4.00
N LEU G 109 10.57 -16.10 2.96
CA LEU G 109 10.77 -17.40 2.35
C LEU G 109 11.58 -18.33 3.25
N LYS G 110 12.52 -17.80 4.02
CA LYS G 110 13.22 -18.63 5.00
C LYS G 110 12.27 -19.08 6.09
N LEU G 111 11.28 -18.27 6.45
CA LEU G 111 10.31 -18.66 7.47
C LEU G 111 9.36 -19.74 6.95
N LEU G 112 8.95 -19.64 5.69
CA LEU G 112 8.05 -20.64 5.11
C LEU G 112 8.71 -22.01 5.07
N ASP G 113 9.93 -22.07 4.55
CA ASP G 113 10.61 -23.36 4.41
C ASP G 113 11.01 -23.93 5.76
N ALA G 114 11.42 -23.08 6.69
CA ALA G 114 11.97 -23.57 7.96
C ALA G 114 10.89 -23.91 8.98
N LYS G 115 9.76 -23.21 8.97
CA LYS G 115 8.78 -23.43 10.04
C LYS G 115 7.35 -23.61 9.53
N LEU G 116 6.86 -22.66 8.73
CA LEU G 116 5.43 -22.60 8.43
C LEU G 116 4.97 -23.84 7.68
N ILE G 117 5.58 -24.14 6.54
CA ILE G 117 5.16 -25.29 5.74
C ILE G 117 5.34 -26.60 6.51
N PRO G 118 6.45 -26.86 7.21
CA PRO G 118 6.52 -28.09 8.02
C PRO G 118 5.46 -28.14 9.12
N SER G 119 4.89 -27.01 9.51
CA SER G 119 3.84 -26.98 10.51
C SER G 119 2.44 -27.17 9.93
N ALA G 120 2.30 -27.07 8.61
CA ALA G 120 0.98 -27.17 7.99
C ALA G 120 0.44 -28.59 8.10
N ALA G 121 -0.82 -28.71 8.50
CA ALA G 121 -1.49 -30.00 8.64
C ALA G 121 -2.66 -30.17 7.70
N SER G 122 -3.56 -29.20 7.65
CA SER G 122 -4.71 -29.29 6.76
C SER G 122 -4.34 -28.82 5.35
N GLY G 123 -5.19 -29.17 4.38
CA GLY G 123 -4.94 -28.76 3.02
C GLY G 123 -5.11 -27.27 2.82
N ASP G 124 -5.89 -26.61 3.68
CA ASP G 124 -6.04 -25.16 3.61
C ASP G 124 -4.69 -24.47 3.78
N SER G 125 -3.97 -24.83 4.85
CA SER G 125 -2.70 -24.18 5.14
C SER G 125 -1.61 -24.62 4.18
N LYS G 126 -1.63 -25.89 3.77
CA LYS G 126 -0.61 -26.38 2.84
C LYS G 126 -0.65 -25.62 1.52
N VAL G 127 -1.84 -25.24 1.08
CA VAL G 127 -1.95 -24.39 -0.10
C VAL G 127 -1.63 -22.94 0.26
N PHE G 128 -2.02 -22.51 1.45
CA PHE G 128 -1.79 -21.13 1.87
C PHE G 128 -0.31 -20.80 1.88
N TYR G 129 0.48 -21.58 2.63
CA TYR G 129 1.92 -21.30 2.73
C TYR G 129 2.63 -21.51 1.40
N LEU G 130 2.19 -22.48 0.59
CA LEU G 130 2.83 -22.71 -0.69
C LEU G 130 2.51 -21.60 -1.68
N LYS G 131 1.26 -21.09 -1.67
CA LYS G 131 0.94 -19.92 -2.48
C LYS G 131 1.77 -18.72 -2.06
N MET G 132 2.02 -18.58 -0.76
CA MET G 132 2.87 -17.49 -0.27
C MET G 132 4.30 -17.65 -0.74
N LYS G 133 4.75 -18.89 -0.96
CA LYS G 133 6.12 -19.09 -1.46
C LYS G 133 6.25 -18.55 -2.87
N GLY G 134 5.37 -18.96 -3.78
CA GLY G 134 5.43 -18.46 -5.14
C GLY G 134 5.15 -16.98 -5.26
N ASP G 135 4.38 -16.43 -4.31
CA ASP G 135 4.09 -15.00 -4.34
C ASP G 135 5.36 -14.18 -4.20
N TYR G 136 6.18 -14.50 -3.20
CA TYR G 136 7.39 -13.73 -2.96
C TYR G 136 8.56 -14.19 -3.83
N HIS G 137 8.51 -15.41 -4.35
CA HIS G 137 9.41 -15.79 -5.43
C HIS G 137 9.11 -14.98 -6.69
N ARG G 138 7.83 -14.68 -6.92
CA ARG G 138 7.46 -13.86 -8.07
C ARG G 138 7.94 -12.43 -7.90
N TYR G 139 7.93 -11.92 -6.66
CA TYR G 139 8.41 -10.56 -6.42
C TYR G 139 9.90 -10.45 -6.63
N LEU G 140 10.65 -11.53 -6.39
CA LEU G 140 12.07 -11.52 -6.69
C LEU G 140 12.32 -11.50 -8.20
N ALA G 141 11.46 -12.15 -8.97
CA ALA G 141 11.58 -12.13 -10.43
C ALA G 141 11.04 -10.84 -11.04
N GLU G 142 10.37 -9.99 -10.26
CA GLU G 142 9.85 -8.74 -10.80
C GLU G 142 10.96 -7.76 -11.12
N PHE G 143 12.05 -7.77 -10.34
CA PHE G 143 13.15 -6.85 -10.53
C PHE G 143 14.42 -7.51 -11.03
N LYS G 144 14.52 -8.83 -10.99
CA LYS G 144 15.73 -9.51 -11.44
C LYS G 144 15.71 -9.68 -12.95
N THR G 145 16.90 -9.95 -13.50
CA THR G 145 17.09 -9.98 -14.95
C THR G 145 18.09 -11.06 -15.30
N GLY G 146 17.98 -11.57 -16.53
CA GLY G 146 18.98 -12.50 -17.04
C GLY G 146 18.88 -13.86 -16.37
N ALA G 147 20.03 -14.36 -15.92
CA ALA G 147 20.07 -15.67 -15.27
C ALA G 147 19.38 -15.67 -13.91
N GLU G 148 19.19 -14.49 -13.31
CA GLU G 148 18.47 -14.41 -12.04
C GLU G 148 16.97 -14.48 -12.25
N ARG G 149 16.46 -13.89 -13.34
CA ARG G 149 15.04 -13.94 -13.62
C ARG G 149 14.59 -15.36 -13.96
N LYS G 150 15.38 -16.07 -14.77
CA LYS G 150 15.09 -17.49 -15.03
C LYS G 150 15.22 -18.31 -13.75
N GLU G 151 16.19 -17.97 -12.91
CA GLU G 151 16.38 -18.68 -11.65
C GLU G 151 15.20 -18.49 -10.70
N ALA G 152 14.67 -17.26 -10.64
CA ALA G 152 13.57 -16.95 -9.72
C ALA G 152 12.21 -17.36 -10.25
N ALA G 153 11.91 -17.08 -11.53
CA ALA G 153 10.63 -17.48 -12.10
C ALA G 153 10.48 -18.99 -12.13
N GLU G 154 11.58 -19.73 -12.25
CA GLU G 154 11.51 -21.18 -12.18
C GLU G 154 11.11 -21.65 -10.77
N SER G 155 11.58 -20.94 -9.75
CA SER G 155 11.19 -21.25 -8.38
C SER G 155 9.74 -20.86 -8.12
N THR G 156 9.26 -19.82 -8.79
CA THR G 156 7.86 -19.41 -8.63
C THR G 156 6.93 -20.46 -9.25
N LEU G 157 7.28 -20.98 -10.42
CA LEU G 157 6.46 -21.99 -11.07
C LEU G 157 6.34 -23.24 -10.22
N THR G 158 7.44 -23.64 -9.56
CA THR G 158 7.41 -24.82 -8.72
C THR G 158 6.47 -24.64 -7.53
N ALA G 159 6.55 -23.49 -6.87
CA ALA G 159 5.72 -23.25 -5.68
C ALA G 159 4.25 -23.12 -6.06
N TYR G 160 3.95 -22.36 -7.11
CA TYR G 160 2.57 -22.25 -7.58
C TYR G 160 2.03 -23.60 -8.02
N LYS G 161 2.87 -24.41 -8.67
CA LYS G 161 2.43 -25.74 -9.09
C LYS G 161 2.23 -26.65 -7.89
N ALA G 162 3.13 -26.58 -6.91
CA ALA G 162 2.99 -27.38 -5.71
C ALA G 162 1.68 -27.07 -4.98
N ALA G 163 1.32 -25.78 -4.92
CA ALA G 163 0.08 -25.40 -4.26
C ALA G 163 -1.15 -25.71 -5.12
N GLN G 164 -1.00 -25.59 -6.45
CA GLN G 164 -2.15 -25.80 -7.33
C GLN G 164 -2.64 -27.24 -7.27
N ASP G 165 -1.71 -28.21 -7.24
CA ASP G 165 -2.11 -29.60 -7.16
C ASP G 165 -2.88 -29.89 -5.89
N ILE G 166 -2.43 -29.32 -4.76
CA ILE G 166 -3.12 -29.54 -3.50
C ILE G 166 -4.46 -28.79 -3.47
N ALA G 167 -4.53 -27.62 -4.09
CA ALA G 167 -5.75 -26.82 -4.04
C ALA G 167 -6.88 -27.45 -4.85
N THR G 168 -6.56 -28.11 -5.97
CA THR G 168 -7.59 -28.66 -6.83
C THR G 168 -8.15 -29.98 -6.33
N THR G 169 -7.42 -30.69 -5.46
CA THR G 169 -7.85 -31.98 -4.95
C THR G 169 -8.28 -31.96 -3.49
N GLU G 170 -7.99 -30.89 -2.75
CA GLU G 170 -8.34 -30.80 -1.34
C GLU G 170 -9.25 -29.65 -0.99
N LEU G 171 -9.22 -28.57 -1.75
CA LEU G 171 -10.04 -27.39 -1.48
C LEU G 171 -11.11 -27.24 -2.56
N ALA G 172 -12.21 -26.59 -2.19
CA ALA G 172 -13.29 -26.34 -3.12
C ALA G 172 -12.88 -25.26 -4.13
N PRO G 173 -13.41 -25.31 -5.35
CA PRO G 173 -13.18 -24.20 -6.30
C PRO G 173 -13.67 -22.87 -5.77
N THR G 174 -14.62 -22.87 -4.83
CA THR G 174 -15.12 -21.66 -4.19
C THR G 174 -14.27 -21.23 -3.00
N HIS G 175 -13.20 -21.95 -2.69
CA HIS G 175 -12.37 -21.58 -1.56
C HIS G 175 -11.55 -20.33 -1.88
N PRO G 176 -11.47 -19.37 -0.94
CA PRO G 176 -10.75 -18.12 -1.25
C PRO G 176 -9.28 -18.34 -1.56
N ILE G 177 -8.61 -19.25 -0.84
CA ILE G 177 -7.20 -19.49 -1.11
C ILE G 177 -7.00 -20.08 -2.50
N ARG G 178 -7.90 -20.98 -2.91
CA ARG G 178 -7.81 -21.55 -4.25
C ARG G 178 -8.11 -20.51 -5.31
N LEU G 179 -9.05 -19.61 -5.03
CA LEU G 179 -9.32 -18.52 -5.97
C LEU G 179 -8.20 -17.50 -5.98
N GLY G 180 -7.60 -17.25 -4.81
CA GLY G 180 -6.48 -16.33 -4.76
C GLY G 180 -5.23 -16.88 -5.41
N LEU G 181 -5.01 -18.19 -5.30
CA LEU G 181 -3.84 -18.80 -5.93
C LEU G 181 -3.92 -18.71 -7.45
N ALA G 182 -5.10 -19.02 -8.02
CA ALA G 182 -5.27 -18.91 -9.46
C ALA G 182 -5.12 -17.48 -9.93
N LEU G 183 -5.56 -16.51 -9.12
CA LEU G 183 -5.38 -15.11 -9.46
C LEU G 183 -3.90 -14.76 -9.60
N ASN G 184 -3.10 -15.14 -8.61
CA ASN G 184 -1.67 -14.85 -8.68
C ASN G 184 -0.95 -15.73 -9.69
N PHE G 185 -1.45 -16.94 -9.94
CA PHE G 185 -0.84 -17.80 -10.95
C PHE G 185 -1.08 -17.26 -12.35
N SER G 186 -2.32 -16.83 -12.63
CA SER G 186 -2.59 -16.15 -13.89
C SER G 186 -1.74 -14.90 -14.04
N VAL G 187 -1.58 -14.14 -12.95
CA VAL G 187 -0.74 -12.95 -12.99
C VAL G 187 0.70 -13.33 -13.32
N PHE G 188 1.19 -14.42 -12.74
CA PHE G 188 2.54 -14.88 -13.03
C PHE G 188 2.73 -15.17 -14.52
N TYR G 189 1.71 -15.75 -15.16
CA TYR G 189 1.78 -16.01 -16.60
C TYR G 189 1.76 -14.75 -17.43
N TYR G 190 1.37 -13.61 -16.86
CA TYR G 190 1.18 -12.41 -17.65
C TYR G 190 2.33 -11.41 -17.51
N GLU G 191 2.76 -11.12 -16.28
CA GLU G 191 3.89 -10.21 -16.13
C GLU G 191 5.22 -10.92 -16.34
N ILE G 192 5.35 -12.14 -15.81
CA ILE G 192 6.64 -12.80 -15.79
C ILE G 192 6.88 -13.66 -17.03
N LEU G 193 5.86 -14.35 -17.54
CA LEU G 193 6.03 -15.20 -18.70
C LEU G 193 5.41 -14.62 -19.97
N ASN G 194 4.61 -13.57 -19.85
CA ASN G 194 4.02 -12.87 -21.00
C ASN G 194 3.26 -13.84 -21.90
N SER G 195 2.28 -14.52 -21.30
CA SER G 195 1.41 -15.45 -22.01
C SER G 195 -0.03 -15.15 -21.61
N PRO G 196 -0.61 -14.08 -22.17
CA PRO G 196 -1.97 -13.67 -21.74
C PRO G 196 -3.01 -14.77 -21.84
N ASP G 197 -2.92 -15.64 -22.85
CA ASP G 197 -3.87 -16.74 -22.96
C ASP G 197 -3.70 -17.72 -21.80
N ARG G 198 -2.47 -18.18 -21.56
CA ARG G 198 -2.21 -19.05 -20.43
C ARG G 198 -2.53 -18.36 -19.10
N ALA G 199 -2.56 -17.03 -19.09
CA ALA G 199 -3.06 -16.29 -17.94
C ALA G 199 -4.59 -16.24 -17.94
N CYS G 200 -5.19 -16.08 -19.12
CA CYS G 200 -6.65 -16.03 -19.21
C CYS G 200 -7.25 -17.43 -19.07
N ASN G 201 -6.65 -18.43 -19.71
CA ASN G 201 -7.18 -19.78 -19.64
C ASN G 201 -7.14 -20.33 -18.22
N LEU G 202 -6.23 -19.83 -17.39
CA LEU G 202 -6.20 -20.23 -15.98
C LEU G 202 -7.25 -19.47 -15.18
N ALA G 203 -7.36 -18.15 -15.41
CA ALA G 203 -8.37 -17.37 -14.70
C ALA G 203 -9.77 -17.69 -15.18
N LYS G 204 -9.93 -18.05 -16.46
CA LYS G 204 -11.24 -18.47 -16.96
C LYS G 204 -11.62 -19.83 -16.37
N GLN G 205 -10.68 -20.76 -16.30
CA GLN G 205 -10.95 -22.06 -15.71
C GLN G 205 -11.37 -21.94 -14.25
N ALA G 206 -10.57 -21.22 -13.45
CA ALA G 206 -10.85 -21.12 -12.02
C ALA G 206 -12.14 -20.36 -11.75
N PHE G 207 -12.39 -19.29 -12.52
CA PHE G 207 -13.61 -18.51 -12.31
C PHE G 207 -14.85 -19.32 -12.63
N ASP G 208 -14.74 -20.28 -13.55
CA ASP G 208 -15.90 -21.09 -13.93
C ASP G 208 -16.11 -22.27 -12.97
N GLU G 209 -15.01 -22.90 -12.54
CA GLU G 209 -15.13 -23.98 -11.57
C GLU G 209 -15.80 -23.51 -10.28
N ALA G 210 -15.60 -22.25 -9.92
CA ALA G 210 -16.30 -21.70 -8.76
C ALA G 210 -17.77 -21.44 -9.08
N ILE G 211 -18.07 -21.08 -10.33
CA ILE G 211 -19.47 -20.90 -10.73
C ILE G 211 -20.21 -22.23 -10.70
N ALA G 212 -19.54 -23.32 -11.04
CA ALA G 212 -20.18 -24.64 -11.02
C ALA G 212 -20.59 -25.04 -9.61
N GLU G 213 -19.73 -24.79 -8.63
CA GLU G 213 -20.05 -25.18 -7.25
C GLU G 213 -21.14 -24.30 -6.65
N LEU G 214 -21.27 -23.06 -7.13
CA LEU G 214 -22.35 -22.21 -6.65
C LEU G 214 -23.71 -22.67 -7.15
N ASP G 215 -23.74 -23.35 -8.29
CA ASP G 215 -25.01 -23.82 -8.87
C ASP G 215 -25.35 -25.24 -8.43
N THR G 216 -24.41 -26.18 -8.61
CA THR G 216 -24.69 -27.57 -8.26
C THR G 216 -24.95 -27.73 -6.77
N LEU G 217 -24.21 -27.00 -5.93
CA LEU G 217 -24.41 -27.09 -4.49
C LEU G 217 -25.39 -26.04 -3.97
N GLY G 218 -25.56 -24.94 -4.70
CA GLY G 218 -26.43 -23.87 -4.23
C GLY G 218 -25.97 -23.18 -2.96
N GLU G 219 -24.76 -23.48 -2.48
CA GLU G 219 -24.26 -22.89 -1.25
C GLU G 219 -23.93 -21.42 -1.44
N GLU G 220 -24.10 -20.64 -0.37
CA GLU G 220 -23.78 -19.22 -0.42
C GLU G 220 -22.27 -19.03 -0.47
N SER G 221 -21.83 -18.08 -1.28
CA SER G 221 -20.41 -17.79 -1.44
C SER G 221 -19.94 -16.82 -0.38
N TYR G 222 -18.69 -16.98 0.03
CA TYR G 222 -18.07 -16.06 0.96
C TYR G 222 -17.91 -14.69 0.32
N LYS G 223 -18.05 -13.63 1.13
CA LYS G 223 -17.55 -12.34 0.71
C LYS G 223 -16.07 -12.44 0.36
N ASP G 224 -15.34 -13.29 1.09
CA ASP G 224 -13.94 -13.54 0.82
C ASP G 224 -13.72 -13.98 -0.64
N SER G 225 -14.49 -14.96 -1.09
CA SER G 225 -14.27 -15.52 -2.42
C SER G 225 -14.79 -14.60 -3.51
N THR G 226 -15.96 -13.99 -3.29
CA THR G 226 -16.54 -13.14 -4.33
C THR G 226 -15.64 -11.95 -4.65
N LEU G 227 -14.95 -11.42 -3.65
CA LEU G 227 -13.99 -10.35 -3.90
C LEU G 227 -12.89 -10.81 -4.84
N ILE G 228 -12.37 -12.02 -4.62
CA ILE G 228 -11.32 -12.54 -5.49
C ILE G 228 -11.88 -12.86 -6.88
N MET G 229 -13.08 -13.42 -6.94
CA MET G 229 -13.70 -13.70 -8.23
C MET G 229 -14.01 -12.41 -8.98
N GLN G 230 -14.22 -11.31 -8.27
CA GLN G 230 -14.37 -10.02 -8.93
C GLN G 230 -13.05 -9.58 -9.56
N LEU G 231 -11.94 -9.78 -8.83
CA LEU G 231 -10.63 -9.48 -9.38
C LEU G 231 -10.28 -10.41 -10.55
N LEU G 232 -10.70 -11.68 -10.46
CA LEU G 232 -10.52 -12.61 -11.57
C LEU G 232 -11.24 -12.10 -12.81
N ARG G 233 -12.47 -11.59 -12.65
CA ARG G 233 -13.18 -11.01 -13.78
C ARG G 233 -12.59 -9.67 -14.18
N ASP G 234 -12.02 -8.93 -13.23
CA ASP G 234 -11.39 -7.66 -13.56
C ASP G 234 -10.21 -7.85 -14.49
N ASN G 235 -9.35 -8.85 -14.20
CA ASN G 235 -8.21 -9.11 -15.06
C ASN G 235 -8.64 -9.68 -16.41
N LEU G 236 -9.57 -10.64 -16.40
CA LEU G 236 -9.99 -11.29 -17.63
C LEU G 236 -10.61 -10.33 -18.64
N THR G 237 -11.07 -9.15 -18.19
CA THR G 237 -11.65 -8.19 -19.12
C THR G 237 -10.58 -7.48 -19.94
N LEU G 238 -9.67 -6.77 -19.26
CA LEU G 238 -8.64 -6.02 -19.98
C LEU G 238 -7.54 -6.92 -20.54
N TRP G 239 -7.45 -8.17 -20.08
CA TRP G 239 -6.45 -9.08 -20.66
C TRP G 239 -6.88 -9.56 -22.04
N THR G 240 -8.19 -9.62 -22.28
CA THR G 240 -8.70 -10.12 -23.54
C THR G 240 -8.89 -9.02 -24.58
N SER G 241 -9.14 -7.78 -24.15
CA SER G 241 -9.29 -6.67 -25.09
C SER G 241 -8.00 -6.35 -25.82
N ASP G 242 -6.86 -6.90 -25.40
CA ASP G 242 -5.60 -6.68 -26.06
C ASP G 242 -5.51 -7.49 -27.36
N TYR H 1 1.02 -4.43 -12.95
CA TYR H 1 0.63 -4.78 -11.59
C TYR H 1 -0.58 -5.70 -11.59
N PHE H 2 -1.57 -5.33 -12.40
CA PHE H 2 -2.79 -6.10 -12.58
C PHE H 2 -3.57 -6.19 -11.28
N SER H 3 -4.03 -7.38 -10.91
CA SER H 3 -4.76 -7.51 -9.67
C SER H 3 -4.17 -8.62 -8.80
N ASN H 5 -4.92 -10.60 -4.78
CA ASN H 5 -5.80 -10.84 -3.63
C ASN H 5 -6.08 -9.61 -2.75
N VAL I 5 -10.67 -34.31 -12.85
CA VAL I 5 -9.76 -35.23 -13.53
C VAL I 5 -9.10 -36.18 -12.52
N ALA I 6 -9.38 -37.46 -12.68
CA ALA I 6 -8.83 -38.50 -11.80
C ALA I 6 -9.00 -38.16 -10.32
N PRO I 7 -10.25 -38.12 -9.85
CA PRO I 7 -10.55 -37.81 -8.44
C PRO I 7 -10.04 -38.90 -7.52
N THR I 8 -9.25 -38.51 -6.52
CA THR I 8 -8.73 -39.47 -5.57
C THR I 8 -9.82 -39.93 -4.60
N ALA I 9 -9.47 -40.90 -3.75
CA ALA I 9 -10.46 -41.51 -2.88
C ALA I 9 -11.06 -40.51 -1.91
N ARG I 10 -10.22 -39.69 -1.27
CA ARG I 10 -10.72 -38.69 -0.34
C ARG I 10 -11.48 -37.59 -1.06
N GLU I 11 -11.05 -37.22 -2.27
CA GLU I 11 -11.74 -36.18 -3.03
C GLU I 11 -13.08 -36.67 -3.56
N GLU I 12 -13.20 -37.97 -3.82
CA GLU I 12 -14.47 -38.52 -4.29
C GLU I 12 -15.49 -38.59 -3.16
N ASN I 13 -15.04 -38.97 -1.96
CA ASN I 13 -15.96 -39.12 -0.83
C ASN I 13 -16.43 -37.78 -0.29
N VAL I 14 -15.57 -36.75 -0.33
CA VAL I 14 -16.03 -35.41 0.03
C VAL I 14 -17.15 -34.96 -0.90
N TYR I 15 -17.04 -35.30 -2.19
CA TYR I 15 -18.14 -35.02 -3.11
C TYR I 15 -19.36 -35.87 -2.80
N MET I 16 -19.15 -37.11 -2.36
CA MET I 16 -20.27 -37.97 -2.02
C MET I 16 -21.06 -37.40 -0.84
N ALA I 17 -20.36 -36.92 0.19
CA ALA I 17 -21.05 -36.36 1.35
C ALA I 17 -21.84 -35.12 0.99
N LYS I 18 -21.30 -34.28 0.10
CA LYS I 18 -22.04 -33.13 -0.38
C LYS I 18 -23.20 -33.51 -1.27
N LEU I 19 -23.21 -34.75 -1.80
CA LEU I 19 -24.39 -35.26 -2.48
C LEU I 19 -25.37 -35.86 -1.48
N ALA I 20 -24.85 -36.51 -0.42
CA ALA I 20 -25.73 -37.06 0.61
C ALA I 20 -26.47 -35.95 1.35
N GLU I 21 -25.79 -34.84 1.64
CA GLU I 21 -26.45 -33.72 2.31
C GLU I 21 -27.53 -33.11 1.43
N GLN I 22 -27.20 -32.88 0.16
CA GLN I 22 -28.21 -32.34 -0.77
C GLN I 22 -29.40 -33.27 -0.87
N ALA I 23 -29.14 -34.59 -0.95
CA ALA I 23 -30.23 -35.56 -0.90
C ALA I 23 -30.79 -35.75 0.49
N GLU I 24 -30.13 -35.21 1.52
CA GLU I 24 -30.58 -35.32 2.90
C GLU I 24 -30.60 -36.78 3.37
N ARG I 25 -29.63 -37.55 2.89
CA ARG I 25 -29.38 -38.91 3.39
C ARG I 25 -28.22 -38.88 4.37
N TYR I 26 -28.41 -38.13 5.45
CA TYR I 26 -27.32 -37.79 6.36
C TYR I 26 -26.74 -39.02 7.05
N GLU I 27 -27.45 -40.15 7.07
CA GLU I 27 -26.87 -41.37 7.62
C GLU I 27 -25.64 -41.81 6.83
N GLU I 28 -25.63 -41.57 5.52
CA GLU I 28 -24.48 -41.89 4.68
C GLU I 28 -23.46 -40.77 4.66
N MET I 29 -23.90 -39.52 4.78
CA MET I 29 -22.97 -38.40 4.88
C MET I 29 -22.01 -38.59 6.05
N VAL I 30 -22.52 -39.15 7.16
CA VAL I 30 -21.64 -39.51 8.27
C VAL I 30 -20.68 -40.62 7.86
N GLU I 31 -21.18 -41.60 7.11
CA GLU I 31 -20.33 -42.71 6.68
C GLU I 31 -19.24 -42.23 5.72
N PHE I 32 -19.57 -41.30 4.82
CA PHE I 32 -18.60 -40.81 3.85
C PHE I 32 -17.48 -40.03 4.53
N MET I 33 -17.82 -39.15 5.47
CA MET I 33 -16.81 -38.30 6.09
C MET I 33 -15.96 -39.08 7.08
N GLU I 34 -16.51 -40.09 7.74
CA GLU I 34 -15.72 -40.90 8.66
C GLU I 34 -14.67 -41.72 7.92
N LYS I 35 -14.99 -42.19 6.71
CA LYS I 35 -13.99 -42.87 5.90
C LYS I 35 -12.88 -41.91 5.48
N VAL I 36 -13.18 -40.61 5.40
CA VAL I 36 -12.14 -39.61 5.15
C VAL I 36 -11.37 -39.32 6.43
N SER I 37 -12.06 -39.29 7.57
CA SER I 37 -11.38 -39.04 8.84
C SER I 37 -10.41 -40.16 9.18
N ASN I 38 -10.73 -41.39 8.81
CA ASN I 38 -9.85 -42.52 9.09
C ASN I 38 -8.80 -42.73 7.99
N SER I 39 -8.90 -42.05 6.87
CA SER I 39 -7.95 -42.20 5.77
C SER I 39 -6.68 -41.39 5.96
N LEU I 40 -6.52 -40.75 7.11
CA LEU I 40 -5.41 -39.82 7.35
C LEU I 40 -4.61 -40.26 8.57
N GLY I 41 -3.32 -39.98 8.55
CA GLY I 41 -2.43 -40.40 9.62
C GLY I 41 -2.20 -39.35 10.68
N SER I 42 -1.31 -38.39 10.40
CA SER I 42 -1.01 -37.30 11.31
C SER I 42 -1.81 -36.04 11.00
N GLU I 43 -1.81 -35.63 9.73
CA GLU I 43 -2.54 -34.44 9.29
C GLU I 43 -4.03 -34.56 9.64
N GLU I 44 -4.66 -33.41 9.79
CA GLU I 44 -6.06 -33.34 10.18
C GLU I 44 -6.93 -32.98 8.99
N LEU I 45 -8.22 -32.76 9.24
CA LEU I 45 -9.17 -32.42 8.20
C LEU I 45 -9.07 -30.94 7.84
N THR I 46 -9.65 -30.60 6.69
CA THR I 46 -9.76 -29.20 6.27
C THR I 46 -11.01 -28.58 6.89
N VAL I 47 -11.13 -27.26 6.72
CA VAL I 47 -12.26 -26.55 7.31
C VAL I 47 -13.57 -27.00 6.68
N GLU I 48 -13.61 -27.10 5.35
CA GLU I 48 -14.81 -27.55 4.67
C GLU I 48 -15.23 -28.94 5.13
N GLU I 49 -14.26 -29.84 5.32
CA GLU I 49 -14.57 -31.20 5.71
C GLU I 49 -14.97 -31.31 7.17
N ARG I 50 -14.36 -30.49 8.04
CA ARG I 50 -14.80 -30.41 9.42
C ARG I 50 -16.27 -30.02 9.49
N ASN I 51 -16.67 -29.02 8.70
CA ASN I 51 -18.06 -28.59 8.69
C ASN I 51 -18.98 -29.61 8.02
N LEU I 52 -18.46 -30.36 7.04
CA LEU I 52 -19.22 -31.47 6.50
C LEU I 52 -19.46 -32.53 7.57
N LEU I 53 -18.45 -32.79 8.40
CA LEU I 53 -18.61 -33.75 9.48
C LEU I 53 -19.55 -33.24 10.56
N SER I 54 -19.65 -31.92 10.72
CA SER I 54 -20.52 -31.35 11.74
C SER I 54 -21.99 -31.35 11.29
N VAL I 55 -22.25 -30.90 10.06
CA VAL I 55 -23.60 -30.92 9.53
C VAL I 55 -24.12 -32.35 9.45
N ALA I 56 -23.24 -33.30 9.14
CA ALA I 56 -23.64 -34.70 9.03
C ALA I 56 -24.20 -35.21 10.35
N TYR I 57 -23.42 -35.08 11.43
CA TYR I 57 -23.87 -35.58 12.73
C TYR I 57 -25.01 -34.73 13.29
N LYS I 58 -24.99 -33.42 13.04
CA LYS I 58 -26.03 -32.55 13.57
C LYS I 58 -27.39 -32.93 13.04
N ASN I 59 -27.49 -33.25 11.75
CA ASN I 59 -28.77 -33.64 11.17
C ASN I 59 -29.15 -35.07 11.58
N VAL I 60 -28.16 -35.92 11.84
CA VAL I 60 -28.47 -37.28 12.29
C VAL I 60 -28.96 -37.25 13.74
N ILE I 61 -28.29 -36.51 14.61
CA ILE I 61 -28.76 -36.36 15.98
C ILE I 61 -29.99 -35.48 16.04
N GLY I 62 -30.12 -34.54 15.09
CA GLY I 62 -31.27 -33.64 15.10
C GLY I 62 -32.56 -34.31 14.68
N ALA I 63 -32.46 -35.37 13.87
CA ALA I 63 -33.66 -36.14 13.51
C ALA I 63 -34.24 -36.85 14.73
N ARG I 64 -33.37 -37.43 15.55
CA ARG I 64 -33.84 -38.13 16.75
C ARG I 64 -34.22 -37.16 17.86
N ARG I 65 -33.42 -36.11 18.05
CA ARG I 65 -33.75 -35.11 19.07
C ARG I 65 -35.07 -34.42 18.77
N ALA I 66 -35.39 -34.21 17.50
CA ALA I 66 -36.69 -33.64 17.15
C ALA I 66 -37.83 -34.59 17.50
N SER I 67 -37.69 -35.87 17.13
CA SER I 67 -38.71 -36.85 17.46
C SER I 67 -38.84 -37.03 18.97
N TRP I 68 -37.75 -36.88 19.71
CA TRP I 68 -37.78 -37.08 21.15
C TRP I 68 -38.63 -36.01 21.83
N ARG I 69 -38.46 -34.75 21.45
CA ARG I 69 -39.27 -33.69 22.05
C ARG I 69 -40.75 -33.90 21.75
N ILE I 70 -41.08 -34.33 20.53
CA ILE I 70 -42.47 -34.60 20.17
C ILE I 70 -43.03 -35.71 21.04
N ILE I 71 -42.30 -36.83 21.15
CA ILE I 71 -42.77 -37.96 21.93
C ILE I 71 -42.92 -37.57 23.40
N SER I 72 -42.01 -36.73 23.90
CA SER I 72 -42.06 -36.35 25.31
C SER I 72 -43.21 -35.39 25.59
N SER I 73 -43.38 -34.37 24.74
CA SER I 73 -44.51 -33.46 24.90
C SER I 73 -45.83 -34.18 24.78
N ILE I 74 -45.90 -35.22 23.95
CA ILE I 74 -47.08 -36.08 23.90
C ILE I 74 -47.20 -36.89 25.19
N GLU I 75 -46.07 -37.43 25.67
CA GLU I 75 -46.08 -38.16 26.93
C GLU I 75 -46.44 -37.23 28.10
N GLN I 76 -46.02 -35.98 28.04
CA GLN I 76 -46.41 -35.01 29.07
C GLN I 76 -47.91 -34.81 29.11
N LYS I 77 -48.58 -34.98 27.97
CA LYS I 77 -50.03 -34.80 27.92
C LYS I 77 -50.76 -36.05 28.39
N GLU I 78 -50.33 -37.22 27.92
CA GLU I 78 -51.00 -38.46 28.29
C GLU I 78 -50.75 -38.82 29.76
N GLU I 79 -49.62 -38.39 30.32
CA GLU I 79 -49.39 -38.59 31.75
C GLU I 79 -50.33 -37.71 32.57
N SER I 80 -50.61 -36.50 32.10
CA SER I 80 -51.57 -35.63 32.79
C SER I 80 -52.98 -36.20 32.74
N ARG I 81 -53.32 -36.90 31.66
CA ARG I 81 -54.63 -37.55 31.55
C ARG I 81 -54.71 -38.84 32.35
N GLY I 82 -53.59 -39.37 32.82
CA GLY I 82 -53.60 -40.65 33.49
C GLY I 82 -53.75 -41.83 32.56
N ASN I 83 -53.54 -41.63 31.26
CA ASN I 83 -53.66 -42.69 30.27
C ASN I 83 -52.56 -43.73 30.46
N GLU I 84 -52.80 -44.71 31.32
CA GLU I 84 -51.75 -45.67 31.68
C GLU I 84 -51.32 -46.51 30.49
N GLU I 85 -52.30 -47.01 29.73
CA GLU I 85 -51.99 -47.86 28.60
C GLU I 85 -51.16 -47.12 27.57
N HIS I 86 -51.45 -45.85 27.38
CA HIS I 86 -50.75 -45.06 26.37
C HIS I 86 -49.36 -44.64 26.85
N VAL I 87 -49.24 -44.25 28.11
CA VAL I 87 -47.94 -43.83 28.64
C VAL I 87 -46.93 -44.97 28.54
N ASN I 88 -47.34 -46.19 28.86
CA ASN I 88 -46.46 -47.34 28.72
C ASN I 88 -46.11 -47.59 27.26
N SER I 89 -47.03 -47.28 26.33
CA SER I 89 -46.71 -47.37 24.91
C SER I 89 -45.76 -46.26 24.49
N ILE I 90 -45.81 -45.11 25.17
CA ILE I 90 -44.94 -44.00 24.81
C ILE I 90 -43.59 -44.10 25.51
N ARG I 91 -43.57 -44.58 26.76
CA ARG I 91 -42.32 -44.70 27.49
C ARG I 91 -41.36 -45.68 26.81
N GLU I 92 -41.90 -46.68 26.12
CA GLU I 92 -41.03 -47.62 25.40
C GLU I 92 -40.59 -47.07 24.06
N TYR I 93 -41.44 -46.30 23.38
CA TYR I 93 -41.01 -45.64 22.14
C TYR I 93 -39.97 -44.57 22.44
N ARG I 94 -40.15 -43.83 23.54
CA ARG I 94 -39.14 -42.84 23.93
C ARG I 94 -37.84 -43.52 24.34
N SER I 95 -37.93 -44.68 24.98
CA SER I 95 -36.72 -45.43 25.34
C SER I 95 -36.01 -45.94 24.10
N LYS I 96 -36.77 -46.35 23.08
CA LYS I 96 -36.15 -46.80 21.83
C LYS I 96 -35.41 -45.67 21.14
N ILE I 97 -35.94 -44.44 21.23
CA ILE I 97 -35.26 -43.29 20.65
C ILE I 97 -34.04 -42.90 21.49
N GLU I 98 -34.17 -42.97 22.81
CA GLU I 98 -33.03 -42.65 23.67
C GLU I 98 -31.87 -43.61 23.45
N ASN I 99 -32.16 -44.86 23.06
CA ASN I 99 -31.09 -45.79 22.73
CA ASN I 99 -31.09 -45.79 22.73
C ASN I 99 -30.33 -45.35 21.48
N GLU I 100 -31.04 -44.79 20.50
CA GLU I 100 -30.36 -44.27 19.32
C GLU I 100 -29.59 -42.99 19.66
N LEU I 101 -30.15 -42.15 20.53
CA LEU I 101 -29.44 -40.95 20.97
C LEU I 101 -28.15 -41.32 21.70
N SER I 102 -28.19 -42.38 22.51
CA SER I 102 -26.97 -42.86 23.16
C SER I 102 -26.04 -43.52 22.16
N LYS I 103 -26.59 -44.14 21.11
CA LYS I 103 -25.76 -44.75 20.08
C LYS I 103 -24.97 -43.69 19.32
N ILE I 104 -25.65 -42.67 18.81
CA ILE I 104 -24.99 -41.65 17.99
C ILE I 104 -23.97 -40.88 18.80
N CYS I 105 -24.37 -40.40 19.98
CA CYS I 105 -23.48 -39.57 20.78
C CYS I 105 -22.22 -40.33 21.20
N ASP I 106 -22.37 -41.59 21.59
CA ASP I 106 -21.20 -42.38 21.97
C ASP I 106 -20.25 -42.59 20.80
N GLY I 107 -20.78 -42.65 19.58
CA GLY I 107 -19.93 -42.86 18.42
C GLY I 107 -19.09 -41.63 18.09
N ILE I 108 -19.73 -40.47 17.99
CA ILE I 108 -18.99 -39.25 17.67
C ILE I 108 -18.04 -38.88 18.79
N LEU I 109 -18.40 -39.17 20.05
CA LEU I 109 -17.54 -38.85 21.17
C LEU I 109 -16.24 -39.65 21.10
N LYS I 110 -16.33 -40.95 20.84
CA LYS I 110 -15.13 -41.77 20.75
C LYS I 110 -14.26 -41.36 19.57
N LEU I 111 -14.88 -40.97 18.46
CA LEU I 111 -14.11 -40.50 17.31
C LEU I 111 -13.34 -39.23 17.63
N LEU I 112 -13.97 -38.31 18.38
CA LEU I 112 -13.29 -37.08 18.79
C LEU I 112 -12.07 -37.39 19.65
N ASP I 113 -12.28 -38.18 20.70
CA ASP I 113 -11.18 -38.53 21.60
C ASP I 113 -10.11 -39.37 20.92
N ALA I 114 -10.47 -40.08 19.85
CA ALA I 114 -9.50 -40.96 19.20
C ALA I 114 -8.61 -40.20 18.24
N LYS I 115 -9.19 -39.61 17.20
CA LYS I 115 -8.40 -39.03 16.10
C LYS I 115 -8.56 -37.53 15.98
N LEU I 116 -9.78 -37.01 16.06
CA LEU I 116 -10.02 -35.60 15.73
C LEU I 116 -9.33 -34.66 16.70
N ILE I 117 -9.62 -34.81 17.99
CA ILE I 117 -9.01 -33.93 19.00
C ILE I 117 -7.49 -34.06 19.03
N PRO I 118 -6.89 -35.26 19.01
CA PRO I 118 -5.42 -35.31 18.94
C PRO I 118 -4.84 -34.74 17.66
N SER I 119 -5.56 -34.83 16.53
CA SER I 119 -5.05 -34.34 15.27
C SER I 119 -5.18 -32.83 15.11
N ALA I 120 -5.88 -32.15 16.03
CA ALA I 120 -6.07 -30.71 15.92
C ALA I 120 -4.74 -29.99 16.08
N ALA I 121 -4.37 -29.20 15.06
CA ALA I 121 -3.11 -28.48 15.03
C ALA I 121 -3.28 -26.97 15.20
N SER I 122 -4.26 -26.38 14.54
CA SER I 122 -4.54 -24.95 14.69
C SER I 122 -5.54 -24.74 15.82
N GLY I 123 -5.51 -23.53 16.39
CA GLY I 123 -6.44 -23.18 17.44
C GLY I 123 -7.87 -23.06 16.98
N ASP I 124 -8.10 -22.86 15.68
CA ASP I 124 -9.45 -22.84 15.14
C ASP I 124 -10.11 -24.21 15.29
N SER I 125 -9.39 -25.27 14.90
CA SER I 125 -9.94 -26.62 15.00
C SER I 125 -9.87 -27.16 16.42
N LYS I 126 -8.92 -26.68 17.23
CA LYS I 126 -8.85 -27.12 18.62
C LYS I 126 -10.16 -26.84 19.34
N VAL I 127 -10.75 -25.66 19.10
CA VAL I 127 -12.07 -25.38 19.67
C VAL I 127 -13.16 -26.14 18.93
N PHE I 128 -13.01 -26.30 17.61
CA PHE I 128 -14.05 -26.93 16.80
C PHE I 128 -14.41 -28.31 17.33
N TYR I 129 -13.40 -29.14 17.61
CA TYR I 129 -13.67 -30.47 18.13
C TYR I 129 -14.08 -30.44 19.59
N LEU I 130 -13.48 -29.53 20.37
CA LEU I 130 -13.79 -29.48 21.79
C LEU I 130 -15.21 -28.97 22.05
N LYS I 131 -15.63 -27.95 21.30
CA LYS I 131 -17.04 -27.55 21.34
C LYS I 131 -17.95 -28.71 20.96
N MET I 132 -17.60 -29.40 19.86
CA MET I 132 -18.36 -30.57 19.43
C MET I 132 -18.49 -31.59 20.54
N LYS I 133 -17.44 -31.77 21.35
CA LYS I 133 -17.51 -32.69 22.47
C LYS I 133 -18.59 -32.27 23.46
N GLY I 134 -18.56 -31.01 23.88
CA GLY I 134 -19.61 -30.50 24.76
C GLY I 134 -20.99 -30.57 24.13
N ASP I 135 -21.08 -30.38 22.81
CA ASP I 135 -22.35 -30.46 22.12
C ASP I 135 -23.00 -31.83 22.33
N TYR I 136 -22.31 -32.89 21.91
CA TYR I 136 -22.88 -34.22 21.97
C TYR I 136 -22.85 -34.80 23.39
N HIS I 137 -22.17 -34.12 24.30
CA HIS I 137 -22.20 -34.53 25.70
C HIS I 137 -23.49 -33.94 26.25
N ARG I 138 -23.80 -32.71 25.82
CA ARG I 138 -25.03 -32.04 26.24
C ARG I 138 -26.27 -32.76 25.72
N TYR I 139 -26.22 -33.22 24.48
CA TYR I 139 -27.35 -33.92 23.88
C TYR I 139 -27.73 -35.11 24.75
N LEU I 140 -26.71 -35.73 25.34
CA LEU I 140 -26.93 -36.85 26.24
C LEU I 140 -27.78 -36.44 27.43
N ALA I 141 -27.34 -35.41 28.15
CA ALA I 141 -28.06 -34.93 29.34
C ALA I 141 -29.40 -34.29 29.01
N GLU I 142 -29.70 -34.06 27.73
CA GLU I 142 -30.99 -33.50 27.37
C GLU I 142 -32.15 -34.43 27.73
N PHE I 143 -31.92 -35.74 27.67
CA PHE I 143 -32.96 -36.71 27.97
C PHE I 143 -32.73 -37.43 29.30
N LYS I 144 -31.69 -37.08 30.04
CA LYS I 144 -31.42 -37.72 31.32
C LYS I 144 -32.02 -36.91 32.46
N THR I 145 -32.16 -37.57 33.61
CA THR I 145 -32.74 -36.94 34.79
C THR I 145 -32.08 -37.51 36.04
N GLY I 146 -32.16 -36.74 37.13
CA GLY I 146 -31.55 -37.14 38.37
C GLY I 146 -30.03 -37.05 38.34
N ALA I 147 -29.38 -38.02 38.99
CA ALA I 147 -27.92 -38.06 39.01
C ALA I 147 -27.36 -38.43 37.64
N GLU I 148 -28.11 -39.21 36.86
CA GLU I 148 -27.71 -39.48 35.48
C GLU I 148 -27.58 -38.18 34.69
N ARG I 149 -28.39 -37.17 35.01
CA ARG I 149 -28.27 -35.88 34.36
C ARG I 149 -27.12 -35.06 34.93
N LYS I 150 -27.06 -34.95 36.27
CA LYS I 150 -26.04 -34.13 36.91
C LYS I 150 -24.64 -34.59 36.54
N GLU I 151 -24.42 -35.91 36.46
CA GLU I 151 -23.11 -36.40 36.09
C GLU I 151 -22.84 -36.18 34.60
N ALA I 152 -23.88 -36.30 33.77
CA ALA I 152 -23.71 -36.02 32.35
C ALA I 152 -23.61 -34.52 32.10
N ALA I 153 -24.37 -33.72 32.85
CA ALA I 153 -24.27 -32.27 32.70
C ALA I 153 -22.95 -31.74 33.23
N GLU I 154 -22.34 -32.45 34.19
CA GLU I 154 -21.02 -32.04 34.66
C GLU I 154 -19.96 -32.27 33.58
N SER I 155 -20.06 -33.39 32.86
CA SER I 155 -19.13 -33.65 31.77
C SER I 155 -19.32 -32.67 30.62
N THR I 156 -20.56 -32.23 30.38
CA THR I 156 -20.80 -31.22 29.36
C THR I 156 -20.16 -29.89 29.74
N LEU I 157 -20.32 -29.48 31.01
CA LEU I 157 -19.68 -28.26 31.49
C LEU I 157 -18.16 -28.40 31.42
N THR I 158 -17.64 -29.59 31.72
CA THR I 158 -16.19 -29.81 31.70
C THR I 158 -15.61 -29.53 30.32
N ALA I 159 -16.22 -30.12 29.28
CA ALA I 159 -15.70 -29.93 27.93
C ALA I 159 -15.98 -28.52 27.42
N TYR I 160 -17.17 -27.98 27.71
CA TYR I 160 -17.50 -26.63 27.30
C TYR I 160 -16.53 -25.61 27.90
N LYS I 161 -16.11 -25.83 29.15
CA LYS I 161 -15.16 -24.91 29.78
C LYS I 161 -13.77 -25.07 29.19
N ALA I 162 -13.37 -26.30 28.86
CA ALA I 162 -12.07 -26.51 28.23
C ALA I 162 -11.99 -25.82 26.89
N ALA I 163 -13.09 -25.84 26.12
CA ALA I 163 -13.11 -25.15 24.83
C ALA I 163 -13.06 -23.64 25.02
N GLN I 164 -13.83 -23.11 25.98
CA GLN I 164 -13.75 -21.69 26.28
C GLN I 164 -12.39 -21.31 26.85
N ASP I 165 -11.71 -22.25 27.51
CA ASP I 165 -10.35 -22.01 27.96
C ASP I 165 -9.37 -21.84 26.81
N ILE I 166 -9.79 -22.11 25.58
CA ILE I 166 -8.98 -21.90 24.39
C ILE I 166 -9.56 -20.79 23.52
N ALA I 167 -10.86 -20.87 23.22
CA ALA I 167 -11.48 -19.91 22.31
C ALA I 167 -11.42 -18.48 22.84
N THR I 168 -11.17 -18.29 24.13
CA THR I 168 -10.98 -16.96 24.68
C THR I 168 -9.55 -16.46 24.52
N THR I 169 -8.59 -17.36 24.37
CA THR I 169 -7.18 -16.99 24.18
C THR I 169 -6.75 -17.04 22.72
N GLU I 170 -7.13 -18.08 21.99
CA GLU I 170 -6.59 -18.33 20.66
C GLU I 170 -7.51 -17.88 19.53
N LEU I 171 -8.68 -17.32 19.84
CA LEU I 171 -9.61 -16.83 18.82
C LEU I 171 -10.03 -15.40 19.15
N ALA I 172 -10.69 -14.76 18.17
CA ALA I 172 -11.25 -13.43 18.27
C ALA I 172 -12.74 -13.49 18.56
N PRO I 173 -13.28 -12.52 19.34
CA PRO I 173 -14.72 -12.51 19.60
C PRO I 173 -15.57 -12.48 18.34
N THR I 174 -15.01 -12.08 17.21
CA THR I 174 -15.72 -12.07 15.93
C THR I 174 -15.63 -13.40 15.20
N HIS I 175 -14.92 -14.38 15.75
CA HIS I 175 -14.81 -15.67 15.08
C HIS I 175 -16.08 -16.49 15.31
N PRO I 176 -16.63 -17.12 14.27
CA PRO I 176 -17.88 -17.86 14.44
C PRO I 176 -17.77 -19.05 15.38
N ILE I 177 -16.62 -19.73 15.41
CA ILE I 177 -16.46 -20.87 16.31
C ILE I 177 -16.49 -20.40 17.76
N ARG I 178 -15.95 -19.21 18.03
CA ARG I 178 -16.04 -18.66 19.37
C ARG I 178 -17.47 -18.23 19.69
N LEU I 179 -18.18 -17.71 18.70
CA LEU I 179 -19.58 -17.32 18.92
C LEU I 179 -20.50 -18.53 18.94
N GLY I 180 -20.23 -19.53 18.10
CA GLY I 180 -21.01 -20.76 18.16
C GLY I 180 -20.87 -21.47 19.49
N LEU I 181 -19.65 -21.52 20.02
CA LEU I 181 -19.43 -22.13 21.33
C LEU I 181 -20.17 -21.36 22.42
N ALA I 182 -19.95 -20.06 22.51
CA ALA I 182 -20.57 -19.25 23.54
C ALA I 182 -22.09 -19.21 23.41
N LEU I 183 -22.62 -19.48 22.21
CA LEU I 183 -24.06 -19.63 22.07
C LEU I 183 -24.53 -20.93 22.68
N ASN I 184 -23.89 -22.04 22.33
CA ASN I 184 -24.28 -23.33 22.88
C ASN I 184 -23.95 -23.44 24.36
N PHE I 185 -22.85 -22.81 24.80
CA PHE I 185 -22.51 -22.83 26.22
C PHE I 185 -23.57 -22.10 27.04
N SER I 186 -24.13 -21.01 26.49
CA SER I 186 -25.18 -20.30 27.19
C SER I 186 -26.48 -21.09 27.21
N VAL I 187 -26.85 -21.68 26.07
CA VAL I 187 -28.02 -22.56 26.01
C VAL I 187 -27.82 -23.74 26.95
N PHE I 188 -26.58 -24.18 27.13
CA PHE I 188 -26.31 -25.25 28.09
C PHE I 188 -26.62 -24.79 29.51
N TYR I 189 -26.32 -23.53 29.84
CA TYR I 189 -26.62 -23.04 31.18
C TYR I 189 -28.11 -22.87 31.40
N TYR I 190 -28.88 -22.60 30.34
CA TYR I 190 -30.29 -22.26 30.52
C TYR I 190 -31.16 -23.50 30.72
N GLU I 191 -31.10 -24.46 29.79
CA GLU I 191 -31.98 -25.62 29.89
C GLU I 191 -31.34 -26.83 30.56
N ILE I 192 -30.01 -26.97 30.49
CA ILE I 192 -29.38 -28.14 31.07
C ILE I 192 -29.03 -27.94 32.54
N LEU I 193 -28.56 -26.76 32.92
CA LEU I 193 -28.27 -26.46 34.32
C LEU I 193 -29.29 -25.53 34.97
N ASN I 194 -30.18 -24.92 34.19
CA ASN I 194 -31.17 -23.97 34.70
C ASN I 194 -30.50 -22.88 35.53
N SER I 195 -29.66 -22.09 34.86
CA SER I 195 -28.98 -20.95 35.45
C SER I 195 -29.10 -19.78 34.48
N PRO I 196 -30.26 -19.13 34.45
CA PRO I 196 -30.46 -18.03 33.47
C PRO I 196 -29.49 -16.88 33.66
N ASP I 197 -28.99 -16.71 34.89
CA ASP I 197 -28.02 -15.64 35.20
C ASP I 197 -26.69 -15.80 34.45
N ARG I 198 -26.15 -17.02 34.44
CA ARG I 198 -24.93 -17.30 33.69
C ARG I 198 -25.19 -17.34 32.19
N ALA I 199 -26.36 -17.84 31.79
CA ALA I 199 -26.67 -17.92 30.36
C ALA I 199 -26.73 -16.54 29.73
N CYS I 200 -27.46 -15.61 30.34
CA CYS I 200 -27.59 -14.28 29.77
C CYS I 200 -26.26 -13.54 29.76
N ASN I 201 -25.49 -13.62 30.86
CA ASN I 201 -24.19 -12.97 30.90
C ASN I 201 -23.26 -13.57 29.84
N LEU I 202 -23.25 -14.89 29.72
CA LEU I 202 -22.43 -15.53 28.69
C LEU I 202 -22.83 -15.05 27.30
N ALA I 203 -24.12 -15.09 27.00
CA ALA I 203 -24.59 -14.68 25.69
C ALA I 203 -24.43 -13.18 25.46
N LYS I 204 -24.55 -12.38 26.53
CA LYS I 204 -24.39 -10.93 26.38
C LYS I 204 -22.92 -10.57 26.19
N GLN I 205 -22.03 -11.15 27.00
CA GLN I 205 -20.61 -10.85 26.88
C GLN I 205 -20.07 -11.29 25.53
N ALA I 206 -20.40 -12.52 25.11
CA ALA I 206 -19.99 -13.00 23.80
C ALA I 206 -20.47 -12.05 22.69
N PHE I 207 -21.67 -11.49 22.86
CA PHE I 207 -22.21 -10.58 21.86
C PHE I 207 -21.56 -9.21 21.94
N ASP I 208 -21.44 -8.66 23.17
CA ASP I 208 -20.89 -7.33 23.32
C ASP I 208 -19.39 -7.29 23.04
N GLU I 209 -18.72 -8.42 23.28
CA GLU I 209 -17.31 -8.59 22.96
C GLU I 209 -17.11 -8.58 21.44
N ALA I 210 -18.01 -9.25 20.72
CA ALA I 210 -17.93 -9.32 19.26
C ALA I 210 -18.29 -7.97 18.62
N ILE I 211 -19.30 -7.30 19.17
CA ILE I 211 -19.66 -5.96 18.71
C ILE I 211 -18.47 -5.01 18.87
N ALA I 212 -17.66 -5.21 19.91
CA ALA I 212 -16.53 -4.33 20.17
C ALA I 212 -15.54 -4.32 19.01
N GLU I 213 -15.04 -5.51 18.64
CA GLU I 213 -14.05 -5.59 17.57
C GLU I 213 -14.59 -5.04 16.26
N LEU I 214 -15.90 -5.11 16.04
CA LEU I 214 -16.47 -4.62 14.80
C LEU I 214 -16.45 -3.10 14.73
N ASP I 215 -16.40 -2.44 15.88
CA ASP I 215 -16.31 -0.99 15.92
C ASP I 215 -14.86 -0.54 16.04
N THR I 216 -14.15 -1.10 17.01
CA THR I 216 -12.74 -0.76 17.26
C THR I 216 -11.75 -1.09 16.14
N LEU I 217 -11.89 -2.26 15.53
CA LEU I 217 -10.98 -2.68 14.45
C LEU I 217 -11.59 -2.47 13.08
N GLY I 218 -12.87 -2.10 13.08
CA GLY I 218 -13.62 -1.85 11.87
C GLY I 218 -13.61 -2.98 10.87
N GLU I 219 -13.32 -4.20 11.32
CA GLU I 219 -13.22 -5.32 10.41
C GLU I 219 -14.60 -5.75 9.94
N GLU I 220 -14.63 -6.39 8.77
CA GLU I 220 -15.89 -6.75 8.14
C GLU I 220 -16.56 -7.89 8.89
N SER I 221 -17.88 -7.78 9.05
CA SER I 221 -18.66 -8.80 9.74
C SER I 221 -18.91 -9.98 8.82
N TYR I 222 -18.58 -11.18 9.30
CA TYR I 222 -18.78 -12.38 8.51
C TYR I 222 -20.25 -12.62 8.25
N LYS I 223 -20.57 -12.99 7.00
CA LYS I 223 -21.87 -13.59 6.71
C LYS I 223 -22.13 -14.76 7.65
N ASP I 224 -21.10 -15.54 7.95
CA ASP I 224 -21.18 -16.63 8.91
C ASP I 224 -21.38 -16.10 10.33
N SER I 225 -20.39 -15.35 10.81
CA SER I 225 -20.32 -15.00 12.23
C SER I 225 -21.54 -14.20 12.68
N THR I 226 -22.15 -13.43 11.79
CA THR I 226 -23.32 -12.64 12.13
C THR I 226 -24.62 -13.42 12.01
N LEU I 227 -24.57 -14.71 11.67
CA LEU I 227 -25.72 -15.57 11.81
C LEU I 227 -25.89 -15.99 13.27
N ILE I 228 -24.80 -16.43 13.89
CA ILE I 228 -24.82 -16.77 15.32
C ILE I 228 -25.16 -15.54 16.14
N MET I 229 -24.63 -14.38 15.75
CA MET I 229 -24.91 -13.14 16.48
C MET I 229 -26.38 -12.76 16.44
N GLN I 230 -27.16 -13.32 15.52
CA GLN I 230 -28.60 -13.16 15.57
C GLN I 230 -29.26 -14.20 16.46
N LEU I 231 -28.72 -15.42 16.49
CA LEU I 231 -29.21 -16.43 17.42
C LEU I 231 -28.90 -16.04 18.87
N LEU I 232 -27.74 -15.42 19.09
CA LEU I 232 -27.41 -14.88 20.41
C LEU I 232 -28.47 -13.90 20.87
N ARG I 233 -28.88 -12.99 19.99
CA ARG I 233 -29.93 -12.04 20.33
C ARG I 233 -31.29 -12.73 20.42
N ASP I 234 -31.50 -13.78 19.61
CA ASP I 234 -32.77 -14.50 19.64
C ASP I 234 -33.08 -15.04 21.02
N ASN I 235 -32.08 -15.64 21.67
CA ASN I 235 -32.28 -16.18 23.01
C ASN I 235 -32.29 -15.08 24.07
N LEU I 236 -31.39 -14.10 23.94
CA LEU I 236 -31.30 -13.02 24.91
C LEU I 236 -32.60 -12.24 25.05
N THR I 237 -33.46 -12.25 24.02
CA THR I 237 -34.75 -11.59 24.11
C THR I 237 -35.68 -12.33 25.07
N LEU I 238 -36.07 -13.55 24.70
CA LEU I 238 -37.02 -14.32 25.50
C LEU I 238 -36.43 -14.86 26.79
N TRP I 239 -35.13 -14.66 27.04
CA TRP I 239 -34.55 -15.04 28.32
C TRP I 239 -34.74 -13.94 29.36
N THR I 240 -34.36 -12.71 29.02
CA THR I 240 -34.50 -11.60 29.97
C THR I 240 -35.97 -11.30 30.25
N SER I 241 -36.86 -11.64 29.32
CA SER I 241 -38.29 -11.45 29.55
C SER I 241 -38.81 -12.37 30.64
N ASP I 242 -38.09 -13.44 30.97
CA ASP I 242 -38.49 -14.36 32.03
C ASP I 242 -37.79 -14.00 33.33
N PHE J 2 -34.65 -24.59 21.40
CA PHE J 2 -33.83 -23.38 21.52
C PHE J 2 -32.85 -23.22 20.37
N SER J 3 -32.57 -21.97 20.03
CA SER J 3 -31.57 -21.65 19.02
C SER J 3 -30.22 -22.19 19.42
N ASN J 5 -26.13 -23.17 17.52
CA ASN J 5 -25.14 -23.47 16.47
C ASN J 5 -25.35 -22.70 15.16
N PRO K 7 -56.53 -52.63 25.49
CA PRO K 7 -55.22 -53.28 25.52
C PRO K 7 -55.02 -54.25 24.36
N THR K 8 -55.84 -54.14 23.32
CA THR K 8 -55.70 -55.03 22.19
C THR K 8 -54.38 -54.81 21.47
N ALA K 9 -53.85 -55.86 20.85
CA ALA K 9 -52.59 -55.76 20.13
C ALA K 9 -52.73 -54.76 18.98
N ARG K 10 -53.87 -54.82 18.28
CA ARG K 10 -54.16 -53.90 17.22
C ARG K 10 -54.03 -52.45 17.71
N GLU K 11 -54.70 -52.10 18.82
CA GLU K 11 -54.67 -50.72 19.29
C GLU K 11 -53.25 -50.25 19.56
N GLU K 12 -52.43 -51.10 20.19
CA GLU K 12 -51.04 -50.72 20.45
C GLU K 12 -50.30 -50.49 19.14
N ASN K 13 -50.42 -51.44 18.20
CA ASN K 13 -49.77 -51.28 16.91
C ASN K 13 -50.29 -50.05 16.17
N VAL K 14 -51.59 -49.76 16.32
CA VAL K 14 -52.16 -48.57 15.69
C VAL K 14 -51.70 -47.32 16.42
N TYR K 15 -51.66 -47.36 17.75
CA TYR K 15 -51.18 -46.20 18.52
C TYR K 15 -49.70 -45.97 18.28
N MET K 16 -48.91 -47.05 18.20
CA MET K 16 -47.49 -46.91 17.91
C MET K 16 -47.28 -46.33 16.51
N ALA K 17 -48.14 -46.70 15.57
CA ALA K 17 -48.04 -46.15 14.21
C ALA K 17 -48.34 -44.66 14.21
N LYS K 18 -49.37 -44.23 14.96
CA LYS K 18 -49.65 -42.80 15.07
C LYS K 18 -48.58 -42.08 15.88
N LEU K 19 -47.82 -42.79 16.71
CA LEU K 19 -46.67 -42.19 17.37
C LEU K 19 -45.49 -42.05 16.42
N ALA K 20 -45.33 -42.98 15.48
CA ALA K 20 -44.25 -42.88 14.50
C ALA K 20 -44.52 -41.75 13.51
N GLU K 21 -45.77 -41.63 13.04
CA GLU K 21 -46.12 -40.55 12.13
C GLU K 21 -45.82 -39.19 12.75
N GLN K 22 -46.16 -39.02 14.02
CA GLN K 22 -45.92 -37.75 14.69
C GLN K 22 -44.42 -37.50 14.88
N ALA K 23 -43.68 -38.54 15.27
CA ALA K 23 -42.23 -38.44 15.43
C ALA K 23 -41.49 -38.56 14.11
N GLU K 24 -42.22 -38.71 12.99
CA GLU K 24 -41.62 -38.81 11.65
C GLU K 24 -40.64 -39.98 11.56
N ARG K 25 -41.08 -41.13 12.06
CA ARG K 25 -40.33 -42.38 12.00
C ARG K 25 -41.09 -43.34 11.07
N TYR K 26 -41.11 -42.99 9.79
CA TYR K 26 -42.05 -43.62 8.86
C TYR K 26 -41.67 -45.06 8.55
N GLU K 27 -40.39 -45.42 8.65
CA GLU K 27 -39.99 -46.81 8.42
C GLU K 27 -40.65 -47.72 9.44
N GLU K 28 -40.55 -47.37 10.73
CA GLU K 28 -41.21 -48.14 11.77
C GLU K 28 -42.72 -47.99 11.73
N MET K 29 -43.23 -46.88 11.17
CA MET K 29 -44.65 -46.73 10.98
C MET K 29 -45.19 -47.78 10.01
N VAL K 30 -44.44 -48.05 8.95
CA VAL K 30 -44.80 -49.14 8.03
C VAL K 30 -44.76 -50.48 8.76
N GLU K 31 -43.79 -50.65 9.66
CA GLU K 31 -43.71 -51.89 10.44
C GLU K 31 -44.96 -52.10 11.28
N PHE K 32 -45.47 -51.03 11.89
CA PHE K 32 -46.67 -51.14 12.71
C PHE K 32 -47.92 -51.34 11.86
N MET K 33 -47.96 -50.74 10.67
CA MET K 33 -49.16 -50.87 9.85
C MET K 33 -49.19 -52.19 9.09
N GLU K 34 -48.05 -52.65 8.60
CA GLU K 34 -47.98 -53.97 7.99
C GLU K 34 -48.29 -55.07 9.01
N LYS K 35 -47.96 -54.83 10.29
CA LYS K 35 -48.32 -55.78 11.32
C LYS K 35 -49.83 -55.86 11.51
N VAL K 36 -50.54 -54.75 11.28
CA VAL K 36 -52.00 -54.77 11.38
C VAL K 36 -52.60 -55.49 10.17
N SER K 37 -52.03 -55.27 8.99
CA SER K 37 -52.57 -55.90 7.78
C SER K 37 -52.39 -57.42 7.81
N ASN K 38 -51.24 -57.89 8.29
CA ASN K 38 -50.97 -59.32 8.37
C ASN K 38 -51.67 -59.99 9.55
N SER K 39 -52.53 -59.27 10.27
CA SER K 39 -53.24 -59.82 11.41
C SER K 39 -54.76 -59.72 11.23
N LEU K 40 -55.23 -59.50 10.01
CA LEU K 40 -56.65 -59.35 9.75
C LEU K 40 -57.32 -60.70 9.55
N GLY K 41 -58.63 -60.71 9.72
CA GLY K 41 -59.43 -61.87 9.35
C GLY K 41 -59.90 -61.72 7.93
N SER K 42 -61.22 -61.82 7.70
CA SER K 42 -61.79 -61.44 6.43
C SER K 42 -62.18 -59.96 6.40
N GLU K 43 -62.11 -59.27 7.54
CA GLU K 43 -62.40 -57.86 7.60
C GLU K 43 -61.25 -57.06 6.99
N GLU K 44 -61.47 -55.76 6.82
CA GLU K 44 -60.50 -54.86 6.22
C GLU K 44 -60.08 -53.79 7.23
N LEU K 45 -59.12 -52.97 6.81
CA LEU K 45 -58.63 -51.89 7.66
C LEU K 45 -59.69 -50.79 7.79
N THR K 46 -59.76 -50.19 8.97
CA THR K 46 -60.62 -49.04 9.14
C THR K 46 -60.11 -47.87 8.29
N VAL K 47 -60.96 -46.85 8.16
CA VAL K 47 -60.59 -45.68 7.36
C VAL K 47 -59.32 -45.04 7.87
N GLU K 48 -59.10 -45.06 9.19
CA GLU K 48 -57.89 -44.48 9.76
C GLU K 48 -56.66 -45.30 9.39
N GLU K 49 -56.68 -46.59 9.71
CA GLU K 49 -55.56 -47.47 9.37
C GLU K 49 -55.31 -47.48 7.87
N ARG K 50 -56.39 -47.48 7.08
CA ARG K 50 -56.28 -47.32 5.64
C ARG K 50 -55.46 -46.08 5.29
N ASN K 51 -55.84 -44.93 5.82
CA ASN K 51 -55.08 -43.71 5.58
C ASN K 51 -53.73 -43.74 6.27
N LEU K 52 -53.62 -44.42 7.42
CA LEU K 52 -52.32 -44.56 8.07
C LEU K 52 -51.34 -45.32 7.19
N LEU K 53 -51.79 -46.42 6.59
CA LEU K 53 -50.91 -47.20 5.73
C LEU K 53 -50.48 -46.39 4.50
N SER K 54 -51.40 -45.60 3.96
CA SER K 54 -51.05 -44.74 2.83
C SER K 54 -49.97 -43.74 3.21
N VAL K 55 -50.20 -42.98 4.28
CA VAL K 55 -49.23 -41.97 4.72
C VAL K 55 -47.92 -42.62 5.12
N ALA K 56 -47.98 -43.80 5.75
CA ALA K 56 -46.77 -44.50 6.16
C ALA K 56 -45.84 -44.75 4.99
N TYR K 57 -46.32 -45.47 3.97
CA TYR K 57 -45.49 -45.75 2.82
C TYR K 57 -45.22 -44.49 1.98
N LYS K 58 -46.14 -43.53 2.01
CA LYS K 58 -45.99 -42.35 1.15
C LYS K 58 -44.78 -41.51 1.55
N ASN K 59 -44.53 -41.38 2.86
CA ASN K 59 -43.39 -40.59 3.31
C ASN K 59 -42.09 -41.39 3.34
N VAL K 60 -42.17 -42.73 3.32
CA VAL K 60 -40.98 -43.53 3.12
C VAL K 60 -40.49 -43.39 1.69
N ILE K 61 -41.41 -43.49 0.73
CA ILE K 61 -41.05 -43.35 -0.67
C ILE K 61 -40.87 -41.88 -1.04
N GLY K 62 -41.56 -40.97 -0.35
CA GLY K 62 -41.44 -39.56 -0.67
C GLY K 62 -40.06 -38.99 -0.37
N ALA K 63 -39.38 -39.54 0.63
CA ALA K 63 -38.02 -39.11 0.92
C ALA K 63 -37.06 -39.56 -0.17
N ARG K 64 -37.18 -40.81 -0.61
CA ARG K 64 -36.33 -41.30 -1.69
C ARG K 64 -36.63 -40.56 -3.00
N ARG K 65 -37.91 -40.23 -3.23
CA ARG K 65 -38.26 -39.53 -4.46
C ARG K 65 -37.79 -38.07 -4.43
N ALA K 66 -37.62 -37.49 -3.25
CA ALA K 66 -37.06 -36.16 -3.13
C ALA K 66 -35.54 -36.18 -3.08
N SER K 67 -34.94 -37.30 -2.67
CA SER K 67 -33.49 -37.47 -2.76
C SER K 67 -33.07 -37.78 -4.18
N TRP K 68 -33.83 -38.65 -4.86
CA TRP K 68 -33.55 -38.96 -6.26
C TRP K 68 -33.71 -37.73 -7.14
N ARG K 69 -34.75 -36.92 -6.89
CA ARG K 69 -34.99 -35.74 -7.72
C ARG K 69 -33.81 -34.77 -7.67
N ILE K 70 -33.23 -34.58 -6.49
CA ILE K 70 -32.11 -33.65 -6.36
C ILE K 70 -30.88 -34.21 -7.05
N ILE K 71 -30.58 -35.48 -6.81
CA ILE K 71 -29.41 -36.12 -7.43
C ILE K 71 -29.54 -36.12 -8.95
N SER K 72 -30.76 -36.23 -9.46
CA SER K 72 -30.98 -36.12 -10.89
C SER K 72 -30.76 -34.69 -11.39
N SER K 73 -31.13 -33.69 -10.58
CA SER K 73 -30.94 -32.31 -11.00
C SER K 73 -29.46 -31.92 -10.99
N ILE K 74 -28.70 -32.44 -10.03
CA ILE K 74 -27.27 -32.16 -9.99
C ILE K 74 -26.55 -32.89 -11.12
N GLU K 75 -27.02 -34.09 -11.46
CA GLU K 75 -26.45 -34.82 -12.59
C GLU K 75 -26.72 -34.08 -13.90
N GLN K 76 -27.80 -33.32 -13.97
CA GLN K 76 -28.08 -32.54 -15.16
C GLN K 76 -27.13 -31.36 -15.30
N LYS K 77 -26.65 -30.81 -14.18
CA LYS K 77 -25.73 -29.68 -14.23
C LYS K 77 -24.30 -30.15 -14.53
N GLU K 78 -23.85 -31.20 -13.83
CA GLU K 78 -22.49 -31.70 -14.00
C GLU K 78 -22.25 -32.36 -15.35
N GLU K 79 -23.31 -32.69 -16.09
CA GLU K 79 -23.13 -33.18 -17.46
C GLU K 79 -23.00 -32.04 -18.46
N SER K 80 -23.61 -30.88 -18.16
CA SER K 80 -23.51 -29.72 -19.03
C SER K 80 -22.15 -29.05 -18.95
N ARG K 81 -21.22 -29.56 -18.14
CA ARG K 81 -19.88 -29.01 -18.03
C ARG K 81 -18.80 -30.06 -18.25
N GLY K 82 -19.17 -31.25 -18.74
CA GLY K 82 -18.19 -32.29 -18.99
C GLY K 82 -17.53 -32.84 -17.74
N ASN K 83 -18.17 -32.70 -16.58
CA ASN K 83 -17.60 -33.17 -15.32
C ASN K 83 -18.05 -34.62 -15.08
N GLU K 84 -17.54 -35.47 -15.98
CA GLU K 84 -17.83 -36.90 -16.03
C GLU K 84 -17.33 -37.68 -14.82
N GLU K 85 -16.27 -37.19 -14.18
CA GLU K 85 -15.73 -37.85 -12.99
C GLU K 85 -16.79 -37.83 -11.89
N HIS K 86 -17.40 -36.66 -11.74
CA HIS K 86 -18.51 -36.44 -10.82
C HIS K 86 -19.80 -37.14 -11.25
N VAL K 87 -20.09 -37.12 -12.56
CA VAL K 87 -21.33 -37.72 -13.06
C VAL K 87 -21.34 -39.22 -12.82
N ASN K 88 -20.20 -39.89 -13.03
CA ASN K 88 -20.11 -41.31 -12.77
C ASN K 88 -20.36 -41.62 -11.29
N SER K 89 -20.02 -40.69 -10.39
CA SER K 89 -20.37 -40.86 -8.99
C SER K 89 -21.86 -40.63 -8.75
N ILE K 90 -22.48 -39.75 -9.54
CA ILE K 90 -23.92 -39.54 -9.42
C ILE K 90 -24.70 -40.70 -10.03
N ARG K 91 -24.17 -41.30 -11.09
CA ARG K 91 -24.81 -42.48 -11.68
C ARG K 91 -24.94 -43.60 -10.65
N GLU K 92 -23.84 -43.93 -9.98
CA GLU K 92 -23.87 -44.99 -8.97
C GLU K 92 -24.74 -44.60 -7.78
N TYR K 93 -24.62 -43.35 -7.34
CA TYR K 93 -25.39 -42.86 -6.19
C TYR K 93 -26.88 -42.91 -6.46
N ARG K 94 -27.28 -42.47 -7.65
CA ARG K 94 -28.69 -42.49 -8.04
C ARG K 94 -29.21 -43.93 -8.07
N SER K 95 -28.38 -44.82 -8.61
CA SER K 95 -28.73 -46.24 -8.69
C SER K 95 -29.04 -46.76 -7.30
N LYS K 96 -28.35 -46.25 -6.28
CA LYS K 96 -28.60 -46.70 -4.92
C LYS K 96 -29.93 -46.18 -4.40
N ILE K 97 -30.29 -44.95 -4.75
CA ILE K 97 -31.61 -44.43 -4.39
C ILE K 97 -32.70 -45.18 -5.14
N GLU K 98 -32.49 -45.42 -6.44
CA GLU K 98 -33.43 -46.22 -7.21
C GLU K 98 -33.53 -47.64 -6.64
N ASN K 99 -32.42 -48.17 -6.12
CA ASN K 99 -32.46 -49.47 -5.48
C ASN K 99 -33.30 -49.46 -4.22
N GLU K 100 -33.31 -48.34 -3.50
CA GLU K 100 -34.23 -48.21 -2.37
C GLU K 100 -35.65 -47.93 -2.84
N LEU K 101 -35.80 -47.20 -3.95
CA LEU K 101 -37.12 -46.98 -4.52
C LEU K 101 -37.80 -48.30 -4.86
N SER K 102 -37.04 -49.26 -5.39
CA SER K 102 -37.61 -50.55 -5.75
C SER K 102 -38.05 -51.34 -4.53
N LYS K 103 -37.21 -51.35 -3.49
CA LYS K 103 -37.52 -52.14 -2.29
C LYS K 103 -38.78 -51.62 -1.60
N ILE K 104 -38.94 -50.30 -1.54
CA ILE K 104 -40.11 -49.73 -0.88
C ILE K 104 -41.38 -50.04 -1.68
N CYS K 105 -41.32 -49.86 -3.00
CA CYS K 105 -42.45 -50.22 -3.85
C CYS K 105 -42.69 -51.72 -3.88
N ASP K 106 -41.72 -52.52 -3.47
CA ASP K 106 -41.87 -53.98 -3.48
C ASP K 106 -42.84 -54.44 -2.39
N GLY K 107 -42.59 -54.06 -1.14
CA GLY K 107 -43.39 -54.56 -0.04
C GLY K 107 -44.83 -54.09 -0.07
N ILE K 108 -45.08 -52.89 -0.60
CA ILE K 108 -46.44 -52.37 -0.63
C ILE K 108 -47.24 -52.98 -1.77
N LEU K 109 -46.60 -53.21 -2.92
CA LEU K 109 -47.31 -53.79 -4.06
C LEU K 109 -47.60 -55.27 -3.84
N LYS K 110 -46.73 -55.99 -3.12
CA LYS K 110 -47.07 -57.35 -2.72
C LYS K 110 -48.21 -57.34 -1.72
N LEU K 111 -48.17 -56.43 -0.74
CA LEU K 111 -49.24 -56.35 0.26
C LEU K 111 -50.55 -55.89 -0.36
N LEU K 112 -50.49 -55.01 -1.36
CA LEU K 112 -51.71 -54.51 -1.98
C LEU K 112 -52.47 -55.63 -2.68
N ASP K 113 -51.79 -56.35 -3.59
CA ASP K 113 -52.48 -57.36 -4.40
C ASP K 113 -52.86 -58.58 -3.58
N ALA K 114 -52.13 -58.88 -2.51
CA ALA K 114 -52.34 -60.11 -1.75
C ALA K 114 -53.28 -59.95 -0.58
N LYS K 115 -53.25 -58.82 0.13
CA LYS K 115 -54.08 -58.63 1.31
C LYS K 115 -55.07 -57.48 1.15
N LEU K 116 -54.62 -56.32 0.65
CA LEU K 116 -55.43 -55.12 0.69
C LEU K 116 -56.58 -55.18 -0.31
N ILE K 117 -56.27 -55.43 -1.58
CA ILE K 117 -57.27 -55.41 -2.64
C ILE K 117 -58.30 -56.54 -2.49
N PRO K 118 -57.92 -57.75 -2.10
CA PRO K 118 -58.96 -58.78 -1.84
C PRO K 118 -59.83 -58.48 -0.63
N SER K 119 -59.39 -57.63 0.29
CA SER K 119 -60.17 -57.31 1.49
C SER K 119 -61.12 -56.15 1.29
N ALA K 120 -61.14 -55.52 0.12
CA ALA K 120 -61.99 -54.38 -0.11
C ALA K 120 -63.46 -54.80 -0.12
N ALA K 121 -64.27 -54.11 0.68
CA ALA K 121 -65.68 -54.43 0.82
C ALA K 121 -66.61 -53.33 0.33
N SER K 122 -66.08 -52.25 -0.24
CA SER K 122 -66.90 -51.16 -0.73
C SER K 122 -66.06 -50.28 -1.65
N GLY K 123 -66.75 -49.43 -2.41
CA GLY K 123 -66.05 -48.57 -3.35
C GLY K 123 -65.11 -47.59 -2.67
N ASP K 124 -65.36 -47.28 -1.40
CA ASP K 124 -64.45 -46.41 -0.66
C ASP K 124 -63.08 -47.07 -0.50
N SER K 125 -63.05 -48.39 -0.34
CA SER K 125 -61.81 -49.10 -0.12
C SER K 125 -61.23 -49.68 -1.42
N LYS K 126 -62.09 -50.04 -2.38
CA LYS K 126 -61.60 -50.53 -3.65
C LYS K 126 -60.75 -49.48 -4.36
N VAL K 127 -61.33 -48.29 -4.55
CA VAL K 127 -60.62 -47.21 -5.23
C VAL K 127 -59.38 -46.80 -4.44
N PHE K 128 -59.46 -46.85 -3.10
CA PHE K 128 -58.34 -46.44 -2.26
C PHE K 128 -57.11 -47.30 -2.54
N TYR K 129 -57.27 -48.61 -2.53
CA TYR K 129 -56.14 -49.50 -2.76
C TYR K 129 -55.74 -49.52 -4.23
N LEU K 130 -56.71 -49.38 -5.14
CA LEU K 130 -56.38 -49.37 -6.56
C LEU K 130 -55.62 -48.10 -6.95
N LYS K 131 -55.99 -46.96 -6.36
CA LYS K 131 -55.20 -45.76 -6.55
C LYS K 131 -53.80 -45.91 -5.98
N MET K 132 -53.70 -46.52 -4.79
CA MET K 132 -52.40 -46.73 -4.17
C MET K 132 -51.52 -47.64 -5.04
N LYS K 133 -52.12 -48.66 -5.66
CA LYS K 133 -51.34 -49.52 -6.56
C LYS K 133 -50.84 -48.73 -7.76
N GLY K 134 -51.68 -47.88 -8.33
CA GLY K 134 -51.26 -47.05 -9.45
C GLY K 134 -50.28 -45.96 -9.04
N ASP K 135 -50.34 -45.52 -7.79
CA ASP K 135 -49.39 -44.52 -7.31
C ASP K 135 -47.98 -45.07 -7.28
N TYR K 136 -47.76 -46.19 -6.58
CA TYR K 136 -46.44 -46.79 -6.51
C TYR K 136 -46.03 -47.49 -7.79
N HIS K 137 -46.97 -47.75 -8.70
CA HIS K 137 -46.59 -48.16 -10.04
C HIS K 137 -46.09 -46.97 -10.85
N ARG K 138 -46.67 -45.79 -10.62
CA ARG K 138 -46.19 -44.59 -11.28
C ARG K 138 -44.84 -44.14 -10.71
N TYR K 139 -44.62 -44.37 -9.42
CA TYR K 139 -43.33 -44.04 -8.82
C TYR K 139 -42.22 -44.87 -9.44
N LEU K 140 -42.51 -46.10 -9.87
CA LEU K 140 -41.52 -46.91 -10.55
C LEU K 140 -41.18 -46.34 -11.91
N ALA K 141 -42.18 -45.80 -12.62
CA ALA K 141 -41.94 -45.21 -13.93
C ALA K 141 -41.13 -43.91 -13.84
N GLU K 142 -41.09 -43.29 -12.66
CA GLU K 142 -40.40 -42.00 -12.54
C GLU K 142 -38.90 -42.14 -12.78
N PHE K 143 -38.31 -43.26 -12.37
CA PHE K 143 -36.87 -43.47 -12.53
C PHE K 143 -36.51 -44.54 -13.55
N LYS K 144 -37.42 -45.45 -13.86
CA LYS K 144 -37.11 -46.53 -14.79
C LYS K 144 -36.99 -45.99 -16.21
N THR K 145 -36.16 -46.66 -17.01
CA THR K 145 -35.80 -46.20 -18.34
C THR K 145 -36.00 -47.30 -19.36
N GLY K 146 -36.28 -46.89 -20.59
CA GLY K 146 -36.31 -47.83 -21.70
C GLY K 146 -37.51 -48.77 -21.65
N ALA K 147 -37.23 -50.06 -21.77
CA ALA K 147 -38.29 -51.05 -21.89
C ALA K 147 -39.06 -51.21 -20.59
N GLU K 148 -38.37 -51.16 -19.45
CA GLU K 148 -39.06 -51.31 -18.17
C GLU K 148 -39.98 -50.12 -17.89
N ARG K 149 -39.61 -48.93 -18.37
CA ARG K 149 -40.51 -47.78 -18.28
C ARG K 149 -41.78 -48.02 -19.10
N LYS K 150 -41.66 -48.73 -20.22
CA LYS K 150 -42.85 -49.10 -20.99
C LYS K 150 -43.73 -50.08 -20.22
N GLU K 151 -43.12 -50.93 -19.39
CA GLU K 151 -43.91 -51.84 -18.56
C GLU K 151 -44.53 -51.13 -17.38
N ALA K 152 -43.82 -50.15 -16.80
CA ALA K 152 -44.36 -49.42 -15.66
C ALA K 152 -45.56 -48.58 -16.06
N ALA K 153 -45.42 -47.79 -17.13
CA ALA K 153 -46.55 -46.96 -17.58
C ALA K 153 -47.72 -47.82 -18.03
N GLU K 154 -47.46 -49.06 -18.43
CA GLU K 154 -48.54 -49.98 -18.79
C GLU K 154 -49.34 -50.39 -17.55
N SER K 155 -48.64 -50.95 -16.55
CA SER K 155 -49.31 -51.38 -15.33
C SER K 155 -49.93 -50.20 -14.58
N THR K 156 -49.29 -49.04 -14.62
CA THR K 156 -49.82 -47.87 -13.93
C THR K 156 -51.13 -47.41 -14.57
N LEU K 157 -51.17 -47.38 -15.91
CA LEU K 157 -52.40 -46.97 -16.60
C LEU K 157 -53.54 -47.92 -16.29
N THR K 158 -53.24 -49.21 -16.13
CA THR K 158 -54.29 -50.18 -15.83
C THR K 158 -54.84 -49.97 -14.42
N ALA K 159 -53.94 -49.79 -13.45
CA ALA K 159 -54.37 -49.61 -12.06
C ALA K 159 -55.14 -48.30 -11.88
N TYR K 160 -54.75 -47.26 -12.61
CA TYR K 160 -55.49 -46.00 -12.54
C TYR K 160 -56.82 -46.11 -13.27
N LYS K 161 -56.84 -46.79 -14.43
CA LYS K 161 -58.09 -46.93 -15.17
C LYS K 161 -59.05 -47.87 -14.47
N ALA K 162 -58.54 -48.86 -13.73
CA ALA K 162 -59.42 -49.70 -12.93
C ALA K 162 -59.96 -48.95 -11.73
N ALA K 163 -59.18 -48.04 -11.15
CA ALA K 163 -59.66 -47.24 -10.03
C ALA K 163 -60.67 -46.21 -10.49
N GLN K 164 -60.48 -45.63 -11.68
CA GLN K 164 -61.41 -44.63 -12.17
C GLN K 164 -62.75 -45.23 -12.54
N ASP K 165 -62.77 -46.46 -13.05
CA ASP K 165 -64.03 -47.09 -13.41
C ASP K 165 -64.90 -47.33 -12.18
N ILE K 166 -64.29 -47.51 -11.02
CA ILE K 166 -65.05 -47.66 -9.79
C ILE K 166 -65.33 -46.31 -9.12
N ALA K 167 -64.41 -45.34 -9.26
CA ALA K 167 -64.59 -44.04 -8.62
C ALA K 167 -65.65 -43.23 -9.33
N THR K 168 -65.61 -43.18 -10.66
CA THR K 168 -66.60 -42.42 -11.42
C THR K 168 -68.00 -42.97 -11.26
N THR K 169 -68.16 -44.19 -10.73
CA THR K 169 -69.46 -44.82 -10.60
C THR K 169 -69.88 -44.92 -9.13
N GLU K 170 -69.22 -45.78 -8.35
CA GLU K 170 -69.67 -46.05 -6.99
C GLU K 170 -69.48 -44.85 -6.07
N LEU K 171 -68.48 -44.02 -6.32
CA LEU K 171 -68.20 -42.88 -5.47
C LEU K 171 -68.75 -41.59 -6.09
N ALA K 172 -68.90 -40.58 -5.22
CA ALA K 172 -69.41 -39.26 -5.59
C ALA K 172 -68.29 -38.37 -6.09
N PRO K 173 -68.60 -37.42 -6.98
CA PRO K 173 -67.55 -36.53 -7.50
C PRO K 173 -66.82 -35.74 -6.43
N THR K 174 -67.46 -35.44 -5.31
CA THR K 174 -66.84 -34.68 -4.23
C THR K 174 -66.11 -35.55 -3.22
N HIS K 175 -65.89 -36.83 -3.54
CA HIS K 175 -65.21 -37.71 -2.61
C HIS K 175 -63.70 -37.43 -2.63
N PRO K 176 -63.05 -37.42 -1.46
CA PRO K 176 -61.62 -37.14 -1.44
C PRO K 176 -60.79 -38.18 -2.17
N ILE K 177 -61.14 -39.46 -2.05
CA ILE K 177 -60.39 -40.51 -2.73
C ILE K 177 -60.58 -40.39 -4.25
N ARG K 178 -61.76 -39.95 -4.69
CA ARG K 178 -61.98 -39.75 -6.12
C ARG K 178 -61.21 -38.53 -6.62
N LEU K 179 -61.24 -37.43 -5.88
CA LEU K 179 -60.44 -36.27 -6.25
C LEU K 179 -58.95 -36.55 -6.12
N GLY K 180 -58.57 -37.35 -5.13
CA GLY K 180 -57.17 -37.71 -4.98
C GLY K 180 -56.67 -38.56 -6.14
N LEU K 181 -57.51 -39.46 -6.64
CA LEU K 181 -57.14 -40.25 -7.81
C LEU K 181 -57.00 -39.37 -9.05
N ALA K 182 -57.97 -38.47 -9.27
CA ALA K 182 -57.92 -37.59 -10.42
C ALA K 182 -56.67 -36.73 -10.42
N LEU K 183 -56.18 -36.36 -9.22
CA LEU K 183 -54.97 -35.55 -9.14
C LEU K 183 -53.75 -36.34 -9.58
N ASN K 184 -53.58 -37.56 -9.05
CA ASN K 184 -52.43 -38.38 -9.42
C ASN K 184 -52.56 -38.93 -10.84
N PHE K 185 -53.79 -39.16 -11.29
CA PHE K 185 -53.98 -39.62 -12.67
C PHE K 185 -53.65 -38.50 -13.66
N SER K 186 -54.02 -37.26 -13.34
CA SER K 186 -53.66 -36.14 -14.19
C SER K 186 -52.15 -35.94 -14.23
N VAL K 187 -51.49 -36.11 -13.08
CA VAL K 187 -50.03 -36.02 -13.05
C VAL K 187 -49.41 -37.14 -13.87
N PHE K 188 -49.98 -38.35 -13.79
CA PHE K 188 -49.50 -39.45 -14.61
C PHE K 188 -49.62 -39.11 -16.09
N TYR K 189 -50.72 -38.47 -16.49
CA TYR K 189 -50.89 -38.06 -17.88
C TYR K 189 -49.87 -37.01 -18.30
N TYR K 190 -49.45 -36.14 -17.37
CA TYR K 190 -48.67 -34.97 -17.77
C TYR K 190 -47.18 -35.30 -17.89
N GLU K 191 -46.59 -35.89 -16.85
CA GLU K 191 -45.14 -36.06 -16.81
C GLU K 191 -44.66 -37.43 -17.28
N ILE K 192 -45.43 -38.49 -17.03
CA ILE K 192 -44.98 -39.84 -17.39
C ILE K 192 -45.33 -40.17 -18.83
N LEU K 193 -46.58 -39.96 -19.22
CA LEU K 193 -47.02 -40.24 -20.58
C LEU K 193 -47.06 -39.00 -21.46
N ASN K 194 -46.63 -37.84 -20.96
CA ASN K 194 -46.42 -36.64 -21.76
C ASN K 194 -47.67 -36.28 -22.57
N SER K 195 -48.80 -36.16 -21.89
CA SER K 195 -50.06 -35.76 -22.50
C SER K 195 -50.63 -34.61 -21.70
N PRO K 196 -50.15 -33.38 -21.95
CA PRO K 196 -50.70 -32.22 -21.23
C PRO K 196 -52.17 -31.98 -21.51
N ASP K 197 -52.68 -32.42 -22.66
CA ASP K 197 -54.10 -32.28 -22.93
C ASP K 197 -54.92 -33.20 -22.04
N ARG K 198 -54.51 -34.47 -21.94
CA ARG K 198 -55.24 -35.41 -21.09
C ARG K 198 -55.12 -35.05 -19.62
N ALA K 199 -54.00 -34.44 -19.21
CA ALA K 199 -53.86 -33.97 -17.84
C ALA K 199 -54.84 -32.84 -17.54
N CYS K 200 -54.94 -31.87 -18.46
CA CYS K 200 -55.87 -30.76 -18.28
C CYS K 200 -57.32 -31.15 -18.55
N ASN K 201 -57.57 -32.19 -19.34
CA ASN K 201 -58.93 -32.65 -19.54
C ASN K 201 -59.50 -33.28 -18.28
N LEU K 202 -58.66 -34.01 -17.53
CA LEU K 202 -59.13 -34.69 -16.34
C LEU K 202 -59.23 -33.71 -15.17
N ALA K 203 -58.18 -32.93 -14.92
CA ALA K 203 -58.17 -32.01 -13.79
C ALA K 203 -59.26 -30.96 -13.92
N LYS K 204 -59.60 -30.55 -15.14
CA LYS K 204 -60.69 -29.60 -15.33
C LYS K 204 -62.04 -30.24 -15.08
N GLN K 205 -62.24 -31.47 -15.57
CA GLN K 205 -63.54 -32.12 -15.42
C GLN K 205 -63.81 -32.52 -13.98
N ALA K 206 -62.84 -33.18 -13.34
CA ALA K 206 -63.00 -33.58 -11.95
C ALA K 206 -63.25 -32.38 -11.05
N PHE K 207 -62.63 -31.24 -11.37
CA PHE K 207 -62.94 -30.01 -10.64
C PHE K 207 -64.38 -29.58 -10.87
N ASP K 208 -64.80 -29.53 -12.13
CA ASP K 208 -66.13 -29.02 -12.45
C ASP K 208 -67.24 -29.97 -12.02
N GLU K 209 -66.98 -31.29 -12.06
CA GLU K 209 -67.98 -32.23 -11.56
C GLU K 209 -68.12 -32.14 -10.05
N ALA K 210 -67.05 -31.73 -9.34
CA ALA K 210 -67.15 -31.50 -7.91
C ALA K 210 -67.95 -30.24 -7.62
N ILE K 211 -67.78 -29.20 -8.46
CA ILE K 211 -68.55 -27.97 -8.28
C ILE K 211 -70.02 -28.21 -8.54
N ALA K 212 -70.33 -29.05 -9.54
CA ALA K 212 -71.73 -29.34 -9.85
C ALA K 212 -72.44 -29.98 -8.67
N GLU K 213 -71.79 -30.96 -8.02
CA GLU K 213 -72.40 -31.59 -6.85
C GLU K 213 -72.62 -30.59 -5.73
N LEU K 214 -71.63 -29.74 -5.46
CA LEU K 214 -71.77 -28.74 -4.41
C LEU K 214 -72.77 -27.64 -4.77
N ASP K 215 -73.08 -27.48 -6.06
CA ASP K 215 -74.06 -26.48 -6.48
C ASP K 215 -75.46 -27.08 -6.61
N THR K 216 -75.57 -28.20 -7.33
CA THR K 216 -76.88 -28.84 -7.50
C THR K 216 -77.44 -29.31 -6.16
N LEU K 217 -76.61 -29.95 -5.34
CA LEU K 217 -77.05 -30.49 -4.06
C LEU K 217 -76.84 -29.52 -2.91
N GLY K 218 -75.78 -28.70 -2.96
CA GLY K 218 -75.52 -27.73 -1.91
C GLY K 218 -75.17 -28.38 -0.59
N GLU K 219 -74.32 -29.40 -0.62
CA GLU K 219 -74.07 -30.19 0.58
C GLU K 219 -72.70 -29.88 1.19
N GLU K 220 -72.50 -28.63 1.61
CA GLU K 220 -71.30 -28.20 2.32
C GLU K 220 -70.02 -28.59 1.58
N SER K 221 -69.03 -29.09 2.30
CA SER K 221 -67.76 -29.49 1.69
C SER K 221 -66.99 -30.35 2.68
N TYR K 222 -65.78 -30.74 2.29
CA TYR K 222 -64.88 -31.54 3.10
C TYR K 222 -63.58 -30.77 3.34
N LYS K 223 -62.94 -31.03 4.47
CA LYS K 223 -61.63 -30.45 4.66
C LYS K 223 -60.76 -31.09 3.57
N ASP K 224 -61.01 -32.37 3.29
CA ASP K 224 -60.30 -33.11 2.25
C ASP K 224 -60.51 -32.62 0.85
N SER K 225 -61.78 -32.44 0.51
CA SER K 225 -62.14 -32.07 -0.83
C SER K 225 -61.53 -30.74 -1.17
N THR K 226 -61.61 -29.83 -0.22
CA THR K 226 -61.14 -28.48 -0.47
C THR K 226 -59.62 -28.40 -0.52
N LEU K 227 -58.94 -29.33 0.15
CA LEU K 227 -57.49 -29.39 0.04
C LEU K 227 -57.07 -30.01 -1.29
N ILE K 228 -57.79 -31.03 -1.74
CA ILE K 228 -57.43 -31.69 -3.00
C ILE K 228 -57.86 -30.85 -4.20
N MET K 229 -59.04 -30.23 -4.11
CA MET K 229 -59.51 -29.42 -5.23
C MET K 229 -58.63 -28.19 -5.46
N GLN K 230 -58.02 -27.67 -4.40
CA GLN K 230 -57.05 -26.60 -4.57
C GLN K 230 -55.79 -27.12 -5.25
N LEU K 231 -55.39 -28.36 -4.94
CA LEU K 231 -54.24 -28.97 -5.61
C LEU K 231 -54.50 -29.13 -7.09
N LEU K 232 -55.73 -29.51 -7.47
CA LEU K 232 -56.09 -29.57 -8.89
C LEU K 232 -55.91 -28.22 -9.55
N ARG K 233 -56.47 -27.16 -8.96
CA ARG K 233 -56.36 -25.83 -9.56
C ARG K 233 -54.93 -25.31 -9.52
N ASP K 234 -54.15 -25.71 -8.50
CA ASP K 234 -52.75 -25.31 -8.45
C ASP K 234 -51.99 -25.78 -9.68
N ASN K 235 -52.38 -26.93 -10.25
CA ASN K 235 -51.75 -27.43 -11.45
C ASN K 235 -52.41 -26.93 -12.73
N LEU K 236 -53.73 -26.74 -12.71
CA LEU K 236 -54.41 -26.24 -13.90
C LEU K 236 -53.94 -24.84 -14.28
N THR K 237 -53.69 -23.99 -13.28
CA THR K 237 -53.21 -22.64 -13.57
C THR K 237 -51.82 -22.65 -14.19
N LEU K 238 -50.93 -23.52 -13.68
CA LEU K 238 -49.57 -23.56 -14.20
C LEU K 238 -49.44 -24.45 -15.43
N TRP K 239 -50.40 -25.35 -15.68
CA TRP K 239 -50.32 -26.19 -16.87
C TRP K 239 -50.81 -25.45 -18.11
N THR K 240 -51.99 -24.82 -18.02
CA THR K 240 -52.57 -24.14 -19.18
C THR K 240 -51.81 -22.88 -19.56
N SER K 241 -50.89 -22.40 -18.70
CA SER K 241 -50.05 -21.27 -19.09
C SER K 241 -48.91 -21.71 -20.00
N ASP K 242 -48.46 -22.95 -19.87
CA ASP K 242 -47.37 -23.44 -20.71
C ASP K 242 -47.85 -23.71 -22.13
N MET K 243 -49.12 -24.08 -22.29
CA MET K 243 -49.66 -24.41 -23.61
C MET K 243 -50.26 -23.18 -24.29
N PHE L 2 -44.33 -33.95 -8.05
CA PHE L 2 -45.21 -32.87 -8.46
C PHE L 2 -46.20 -32.54 -7.33
N SER L 3 -47.36 -32.02 -7.71
CA SER L 3 -48.43 -31.77 -6.74
C SER L 3 -49.40 -32.94 -6.74
N ASN L 5 -51.42 -36.37 -4.23
CA ASN L 5 -51.86 -36.98 -2.98
C ASN L 5 -52.39 -35.97 -1.96
N PRO M 7 13.66 -44.74 22.10
CA PRO M 7 14.48 -43.81 21.33
C PRO M 7 13.66 -42.82 20.51
N THR M 8 12.99 -41.88 21.19
CA THR M 8 12.15 -40.91 20.50
C THR M 8 13.01 -39.96 19.66
N ALA M 9 12.33 -39.19 18.81
CA ALA M 9 13.01 -38.20 17.98
C ALA M 9 13.67 -37.13 18.84
N ARG M 10 13.09 -36.82 19.99
CA ARG M 10 13.71 -35.87 20.93
C ARG M 10 14.97 -36.47 21.54
N GLU M 11 14.91 -37.74 21.94
CA GLU M 11 16.11 -38.44 22.41
C GLU M 11 17.12 -38.63 21.30
N GLU M 12 16.68 -38.64 20.04
CA GLU M 12 17.60 -38.75 18.91
C GLU M 12 18.46 -37.50 18.77
N ASN M 13 17.82 -36.32 18.83
CA ASN M 13 18.55 -35.07 18.60
C ASN M 13 19.39 -34.66 19.80
N VAL M 14 18.91 -34.92 21.02
CA VAL M 14 19.72 -34.64 22.20
C VAL M 14 20.98 -35.47 22.18
N TYR M 15 20.89 -36.72 21.72
CA TYR M 15 22.07 -37.58 21.62
C TYR M 15 22.97 -37.15 20.47
N MET M 16 22.38 -36.85 19.31
CA MET M 16 23.16 -36.43 18.16
C MET M 16 23.83 -35.08 18.38
N ALA M 17 23.32 -34.26 19.30
CA ALA M 17 23.99 -33.01 19.64
C ALA M 17 25.29 -33.27 20.38
N LYS M 18 25.36 -34.34 21.16
CA LYS M 18 26.58 -34.70 21.86
C LYS M 18 27.65 -35.24 20.92
N LEU M 19 27.25 -35.78 19.77
CA LEU M 19 28.23 -36.21 18.77
C LEU M 19 28.87 -35.02 18.08
N ALA M 20 28.05 -34.02 17.70
CA ALA M 20 28.59 -32.80 17.12
C ALA M 20 29.34 -31.97 18.17
N GLU M 21 28.94 -32.07 19.43
CA GLU M 21 29.66 -31.39 20.50
C GLU M 21 31.03 -32.02 20.73
N GLN M 22 31.08 -33.35 20.78
CA GLN M 22 32.33 -34.05 21.04
C GLN M 22 33.29 -33.94 19.86
N ALA M 23 32.76 -33.79 18.65
CA ALA M 23 33.57 -33.74 17.43
C ALA M 23 33.79 -32.31 16.93
N GLU M 24 33.41 -31.30 17.71
CA GLU M 24 33.57 -29.89 17.34
C GLU M 24 32.88 -29.58 16.00
N ARG M 25 31.64 -30.08 15.86
CA ARG M 25 30.79 -29.69 14.75
C ARG M 25 29.66 -28.83 15.29
N TYR M 26 30.02 -27.63 15.79
CA TYR M 26 29.11 -26.87 16.64
C TYR M 26 27.94 -26.31 15.85
N GLU M 27 28.16 -25.92 14.59
CA GLU M 27 27.06 -25.36 13.80
C GLU M 27 25.94 -26.37 13.62
N GLU M 28 26.28 -27.62 13.32
CA GLU M 28 25.27 -28.67 13.25
C GLU M 28 24.67 -28.98 14.62
N MET M 29 25.49 -28.89 15.68
CA MET M 29 24.98 -29.06 17.03
C MET M 29 23.89 -28.04 17.34
N VAL M 30 23.99 -26.83 16.78
CA VAL M 30 22.95 -25.84 16.95
C VAL M 30 21.67 -26.27 16.23
N GLU M 31 21.82 -26.80 15.01
CA GLU M 31 20.64 -27.19 14.23
C GLU M 31 19.89 -28.32 14.90
N PHE M 32 20.61 -29.24 15.55
CA PHE M 32 19.95 -30.32 16.28
C PHE M 32 19.14 -29.77 17.45
N MET M 33 19.75 -28.92 18.26
CA MET M 33 19.04 -28.33 19.39
C MET M 33 17.96 -27.37 18.95
N GLU M 34 18.11 -26.77 17.76
CA GLU M 34 17.05 -25.92 17.24
C GLU M 34 15.80 -26.73 16.91
N LYS M 35 15.98 -27.94 16.38
CA LYS M 35 14.84 -28.81 16.13
C LYS M 35 14.23 -29.36 17.41
N VAL M 36 15.01 -29.42 18.49
CA VAL M 36 14.44 -29.83 19.78
C VAL M 36 13.50 -28.76 20.31
N SER M 37 13.87 -27.49 20.16
CA SER M 37 13.05 -26.40 20.70
C SER M 37 11.83 -26.13 19.81
N ASN M 38 12.00 -26.18 18.50
CA ASN M 38 10.91 -25.86 17.57
C ASN M 38 9.91 -27.01 17.45
N SER M 39 9.77 -27.79 18.52
CA SER M 39 8.77 -28.85 18.59
C SER M 39 8.03 -28.82 19.92
N LEU M 40 8.09 -27.71 20.65
CA LEU M 40 7.51 -27.59 21.98
C LEU M 40 6.57 -26.38 22.01
N GLY M 41 5.44 -26.55 22.68
CA GLY M 41 4.51 -25.45 22.87
C GLY M 41 4.90 -24.57 24.04
N SER M 42 4.27 -24.80 25.18
CA SER M 42 4.59 -24.08 26.41
C SER M 42 5.45 -24.92 27.36
N GLU M 43 6.09 -25.96 26.85
CA GLU M 43 6.99 -26.80 27.64
C GLU M 43 8.42 -26.33 27.45
N GLU M 44 9.15 -26.20 28.55
CA GLU M 44 10.52 -25.74 28.51
C GLU M 44 11.49 -26.91 28.44
N LEU M 45 12.74 -26.59 28.09
CA LEU M 45 13.78 -27.60 27.96
C LEU M 45 14.26 -28.08 29.33
N THR M 46 14.74 -29.33 29.37
CA THR M 46 15.34 -29.84 30.58
C THR M 46 16.69 -29.16 30.81
N VAL M 47 17.26 -29.41 32.00
CA VAL M 47 18.49 -28.73 32.40
C VAL M 47 19.62 -29.04 31.41
N GLU M 48 19.69 -30.28 30.94
CA GLU M 48 20.74 -30.64 29.99
C GLU M 48 20.47 -30.05 28.61
N GLU M 49 19.25 -30.23 28.11
CA GLU M 49 18.88 -29.63 26.82
C GLU M 49 19.09 -28.12 26.84
N ARG M 50 18.78 -27.49 27.96
CA ARG M 50 18.98 -26.05 28.07
C ARG M 50 20.46 -25.70 27.90
N ASN M 51 21.30 -26.40 28.65
CA ASN M 51 22.74 -26.18 28.59
C ASN M 51 23.31 -26.51 27.21
N LEU M 52 22.83 -27.60 26.62
CA LEU M 52 23.30 -28.02 25.30
C LEU M 52 23.20 -26.90 24.28
N LEU M 53 21.98 -26.40 24.08
CA LEU M 53 21.76 -25.32 23.13
C LEU M 53 22.65 -24.12 23.44
N SER M 54 22.77 -23.77 24.73
CA SER M 54 23.57 -22.62 25.10
C SER M 54 25.05 -22.87 24.87
N VAL M 55 25.52 -24.09 25.13
CA VAL M 55 26.91 -24.43 24.83
C VAL M 55 27.15 -24.47 23.33
N ALA M 56 26.16 -24.96 22.57
CA ALA M 56 26.28 -24.99 21.12
C ALA M 56 26.46 -23.60 20.55
N TYR M 57 25.60 -22.66 20.94
CA TYR M 57 25.72 -21.28 20.47
C TYR M 57 26.98 -20.61 21.02
N LYS M 58 27.44 -21.03 22.20
CA LYS M 58 28.63 -20.43 22.79
C LYS M 58 29.85 -20.68 21.91
N ASN M 59 30.06 -21.93 21.49
CA ASN M 59 31.22 -22.26 20.67
C ASN M 59 31.13 -21.61 19.29
N VAL M 60 29.91 -21.54 18.74
CA VAL M 60 29.73 -20.91 17.43
C VAL M 60 30.11 -19.42 17.50
N ILE M 61 29.42 -18.66 18.36
CA ILE M 61 29.69 -17.24 18.49
C ILE M 61 31.10 -16.97 19.01
N GLY M 62 31.70 -17.93 19.71
CA GLY M 62 33.03 -17.71 20.23
C GLY M 62 34.09 -17.66 19.15
N ALA M 63 33.97 -18.52 18.14
CA ALA M 63 34.94 -18.53 17.05
C ALA M 63 34.77 -17.32 16.14
N ARG M 64 33.51 -16.93 15.91
CA ARG M 64 33.22 -15.78 15.06
C ARG M 64 33.75 -14.51 15.72
N ARG M 65 33.65 -14.45 17.05
CA ARG M 65 34.12 -13.31 17.81
C ARG M 65 35.64 -13.24 17.75
N ALA M 66 36.28 -14.38 17.96
CA ALA M 66 37.74 -14.46 17.93
C ALA M 66 38.26 -13.91 16.61
N SER M 67 37.67 -14.35 15.51
CA SER M 67 38.07 -13.90 14.18
C SER M 67 37.81 -12.41 14.01
N TRP M 68 36.74 -11.88 14.62
CA TRP M 68 36.45 -10.47 14.49
C TRP M 68 37.46 -9.62 15.24
N ARG M 69 37.82 -10.03 16.47
CA ARG M 69 38.84 -9.31 17.21
C ARG M 69 40.16 -9.29 16.44
N ILE M 70 40.52 -10.41 15.81
CA ILE M 70 41.78 -10.49 15.07
C ILE M 70 41.73 -9.60 13.84
N ILE M 71 40.59 -9.59 13.13
CA ILE M 71 40.47 -8.75 11.94
C ILE M 71 40.48 -7.27 12.32
N SER M 72 39.79 -6.91 13.39
CA SER M 72 39.79 -5.52 13.85
C SER M 72 41.19 -5.07 14.25
N SER M 73 41.97 -5.98 14.84
CA SER M 73 43.31 -5.63 15.30
C SER M 73 44.25 -5.38 14.12
N ILE M 74 44.25 -6.29 13.14
CA ILE M 74 45.09 -6.09 11.95
C ILE M 74 44.64 -4.86 11.19
N GLU M 75 43.33 -4.62 11.14
CA GLU M 75 42.79 -3.44 10.45
C GLU M 75 43.29 -2.15 11.09
N GLN M 76 43.19 -2.07 12.43
CA GLN M 76 43.61 -0.85 13.12
C GLN M 76 45.11 -0.61 13.02
N LYS M 77 45.90 -1.65 12.71
CA LYS M 77 47.32 -1.44 12.47
C LYS M 77 47.57 -0.89 11.07
N GLU M 78 46.93 -1.49 10.07
CA GLU M 78 47.03 -0.97 8.71
C GLU M 78 46.46 0.44 8.61
N GLU M 79 45.42 0.73 9.37
CA GLU M 79 44.91 2.10 9.43
C GLU M 79 45.88 3.01 10.17
N SER M 80 46.56 2.47 11.19
CA SER M 80 47.59 3.24 11.89
C SER M 80 48.77 3.54 10.96
N ARG M 81 49.11 2.58 10.09
CA ARG M 81 50.12 2.86 9.06
C ARG M 81 49.60 3.80 7.99
N GLY M 82 48.30 3.78 7.73
CA GLY M 82 47.75 4.55 6.63
C GLY M 82 47.76 3.86 5.29
N ASN M 83 48.18 2.59 5.24
CA ASN M 83 48.08 1.80 4.01
C ASN M 83 46.62 1.56 3.67
N GLU M 84 46.06 2.44 2.82
CA GLU M 84 44.61 2.43 2.62
C GLU M 84 44.14 1.27 1.77
N GLU M 85 44.93 0.89 0.75
CA GLU M 85 44.50 -0.18 -0.14
C GLU M 85 44.37 -1.52 0.59
N HIS M 86 45.07 -1.67 1.72
CA HIS M 86 44.88 -2.85 2.56
C HIS M 86 43.68 -2.69 3.49
N VAL M 87 43.50 -1.48 4.05
CA VAL M 87 42.41 -1.24 5.00
C VAL M 87 41.06 -1.50 4.35
N ASN M 88 40.87 -1.01 3.12
CA ASN M 88 39.60 -1.21 2.42
C ASN M 88 39.28 -2.69 2.26
N SER M 89 40.31 -3.53 2.15
CA SER M 89 40.08 -4.97 2.06
C SER M 89 39.72 -5.58 3.41
N ILE M 90 40.35 -5.10 4.48
CA ILE M 90 40.06 -5.65 5.81
C ILE M 90 38.69 -5.18 6.29
N ARG M 91 38.31 -3.96 5.90
CA ARG M 91 37.00 -3.40 6.24
C ARG M 91 35.89 -4.23 5.58
N GLU M 92 36.09 -4.58 4.31
CA GLU M 92 35.15 -5.43 3.59
C GLU M 92 35.08 -6.82 4.22
N TYR M 93 36.23 -7.36 4.61
CA TYR M 93 36.26 -8.68 5.22
C TYR M 93 35.60 -8.68 6.60
N ARG M 94 35.83 -7.63 7.38
CA ARG M 94 35.18 -7.53 8.68
C ARG M 94 33.67 -7.36 8.52
N SER M 95 33.24 -6.64 7.48
CA SER M 95 31.80 -6.48 7.24
C SER M 95 31.13 -7.83 7.01
N LYS M 96 31.81 -8.75 6.32
CA LYS M 96 31.27 -10.08 6.12
C LYS M 96 31.13 -10.82 7.45
N ILE M 97 32.14 -10.71 8.32
CA ILE M 97 32.09 -11.37 9.62
C ILE M 97 30.96 -10.81 10.47
N GLU M 98 30.73 -9.50 10.37
CA GLU M 98 29.72 -8.86 11.22
C GLU M 98 28.30 -9.21 10.79
N ASN M 99 28.09 -9.45 9.48
CA ASN M 99 26.76 -9.84 9.03
C ASN M 99 26.42 -11.27 9.45
N GLU M 100 27.42 -12.14 9.55
CA GLU M 100 27.20 -13.46 10.13
C GLU M 100 26.80 -13.34 11.59
N LEU M 101 27.54 -12.53 12.35
CA LEU M 101 27.22 -12.32 13.76
C LEU M 101 25.80 -11.80 13.95
N SER M 102 25.34 -10.96 13.03
CA SER M 102 23.95 -10.51 13.06
C SER M 102 22.99 -11.69 12.98
N LYS M 103 23.25 -12.62 12.05
CA LYS M 103 22.40 -13.80 11.92
C LYS M 103 22.52 -14.72 13.13
N ILE M 104 23.73 -14.90 13.64
CA ILE M 104 23.92 -15.81 14.76
C ILE M 104 23.21 -15.28 16.00
N CYS M 105 23.32 -13.97 16.25
CA CYS M 105 22.58 -13.39 17.36
C CYS M 105 21.08 -13.38 17.07
N ASP M 106 20.71 -13.10 15.82
CA ASP M 106 19.30 -13.16 15.43
C ASP M 106 18.73 -14.56 15.62
N GLY M 107 19.55 -15.59 15.38
CA GLY M 107 19.06 -16.95 15.50
C GLY M 107 18.71 -17.34 16.92
N ILE M 108 19.49 -16.87 17.88
CA ILE M 108 19.23 -17.19 19.29
C ILE M 108 18.28 -16.19 19.93
N LEU M 109 18.42 -14.89 19.60
CA LEU M 109 17.54 -13.88 20.18
C LEU M 109 16.09 -14.11 19.77
N LYS M 110 15.86 -14.39 18.48
CA LYS M 110 14.52 -14.71 18.03
C LYS M 110 14.04 -16.08 18.52
N LEU M 111 14.94 -16.89 19.10
CA LEU M 111 14.53 -18.12 19.78
C LEU M 111 14.32 -17.88 21.27
N LEU M 112 15.16 -17.04 21.88
CA LEU M 112 14.93 -16.63 23.26
C LEU M 112 13.65 -15.81 23.37
N ASP M 113 13.46 -14.85 22.47
CA ASP M 113 12.28 -13.99 22.54
C ASP M 113 11.00 -14.75 22.21
N ALA M 114 11.08 -15.79 21.38
CA ALA M 114 9.88 -16.47 20.92
C ALA M 114 9.32 -17.42 21.99
N LYS M 115 10.13 -18.37 22.43
CA LYS M 115 9.60 -19.42 23.29
C LYS M 115 10.34 -19.58 24.60
N LEU M 116 11.67 -19.44 24.59
CA LEU M 116 12.46 -19.83 25.76
C LEU M 116 12.14 -18.96 26.98
N ILE M 117 12.05 -17.65 26.79
CA ILE M 117 11.82 -16.74 27.91
C ILE M 117 10.37 -16.80 28.38
N PRO M 118 9.35 -16.68 27.51
CA PRO M 118 7.97 -16.74 28.02
C PRO M 118 7.62 -18.07 28.67
N SER M 119 8.06 -19.19 28.09
CA SER M 119 7.74 -20.50 28.65
C SER M 119 8.56 -20.85 29.88
N ALA M 120 9.49 -19.98 30.29
CA ALA M 120 10.27 -20.23 31.49
C ALA M 120 9.36 -20.17 32.73
N ALA M 121 9.25 -21.31 33.43
CA ALA M 121 8.36 -21.39 34.58
C ALA M 121 9.11 -21.15 35.89
N SER M 122 10.18 -21.91 36.13
CA SER M 122 10.93 -21.77 37.36
C SER M 122 11.86 -20.57 37.30
N GLY M 123 12.27 -20.09 38.48
CA GLY M 123 13.19 -18.97 38.55
C GLY M 123 14.55 -19.28 37.98
N ASP M 124 14.96 -20.55 38.02
CA ASP M 124 16.25 -20.94 37.46
C ASP M 124 16.27 -20.73 35.95
N SER M 125 15.17 -21.06 35.27
CA SER M 125 15.10 -20.86 33.83
C SER M 125 14.92 -19.39 33.46
N LYS M 126 14.23 -18.62 34.30
CA LYS M 126 14.05 -17.19 34.02
C LYS M 126 15.39 -16.47 33.96
N VAL M 127 16.18 -16.57 35.03
CA VAL M 127 17.49 -15.92 35.05
C VAL M 127 18.38 -16.48 33.95
N PHE M 128 18.22 -17.77 33.63
CA PHE M 128 19.01 -18.39 32.57
C PHE M 128 18.76 -17.71 31.23
N TYR M 129 17.52 -17.77 30.75
CA TYR M 129 17.20 -17.27 29.42
C TYR M 129 17.32 -15.75 29.33
N LEU M 130 17.21 -15.07 30.46
CA LEU M 130 17.31 -13.62 30.49
C LEU M 130 18.78 -13.24 30.31
N LYS M 131 19.65 -13.97 30.99
CA LYS M 131 21.09 -13.74 30.90
C LYS M 131 21.58 -14.00 29.48
N MET M 132 21.05 -15.07 28.87
CA MET M 132 21.42 -15.43 27.52
C MET M 132 21.13 -14.28 26.55
N LYS M 133 20.01 -13.60 26.74
CA LYS M 133 19.66 -12.47 25.89
C LYS M 133 20.70 -11.37 26.00
N GLY M 134 21.12 -11.07 27.23
CA GLY M 134 22.12 -10.05 27.45
C GLY M 134 23.45 -10.39 26.82
N ASP M 135 23.79 -11.69 26.81
CA ASP M 135 25.06 -12.20 26.28
C ASP M 135 25.23 -11.93 24.81
N TYR M 136 24.16 -12.17 24.07
CA TYR M 136 24.15 -12.03 22.62
C TYR M 136 23.84 -10.60 22.21
N HIS M 137 23.17 -9.87 23.09
CA HIS M 137 23.03 -8.43 22.86
C HIS M 137 24.32 -7.70 23.19
N ARG M 138 25.09 -8.20 24.15
CA ARG M 138 26.40 -7.63 24.45
C ARG M 138 27.40 -7.96 23.34
N TYR M 139 27.29 -9.16 22.76
CA TYR M 139 28.16 -9.51 21.64
C TYR M 139 27.88 -8.64 20.43
N LEU M 140 26.63 -8.20 20.25
CA LEU M 140 26.32 -7.25 19.19
C LEU M 140 26.96 -5.89 19.48
N ALA M 141 26.96 -5.47 20.74
CA ALA M 141 27.56 -4.19 21.10
C ALA M 141 29.07 -4.17 20.89
N GLU M 142 29.70 -5.34 20.74
CA GLU M 142 31.15 -5.38 20.56
C GLU M 142 31.56 -4.85 19.19
N PHE M 143 30.77 -5.12 18.16
CA PHE M 143 31.11 -4.71 16.81
C PHE M 143 30.18 -3.67 16.22
N LYS M 144 28.91 -3.63 16.63
CA LYS M 144 27.97 -2.68 16.07
C LYS M 144 28.33 -1.26 16.46
N THR M 145 28.06 -0.33 15.55
CA THR M 145 28.41 1.07 15.72
C THR M 145 27.19 1.95 15.46
N GLY M 146 27.25 3.17 15.96
CA GLY M 146 26.19 4.15 15.76
C GLY M 146 24.92 3.86 16.52
N ALA M 147 23.77 4.08 15.87
CA ALA M 147 22.49 3.91 16.55
C ALA M 147 22.26 2.48 17.00
N GLU M 148 22.78 1.51 16.26
CA GLU M 148 22.58 0.11 16.61
C GLU M 148 23.27 -0.23 17.93
N ARG M 149 24.47 0.30 18.16
CA ARG M 149 25.18 0.03 19.41
C ARG M 149 24.41 0.57 20.61
N LYS M 150 23.79 1.74 20.47
CA LYS M 150 23.03 2.32 21.58
C LYS M 150 21.84 1.45 21.93
N GLU M 151 21.07 1.02 20.91
CA GLU M 151 19.91 0.18 21.17
C GLU M 151 20.31 -1.27 21.48
N ALA M 152 21.55 -1.65 21.19
CA ALA M 152 22.02 -2.98 21.58
C ALA M 152 22.38 -3.02 23.06
N ALA M 153 23.13 -2.02 23.53
CA ALA M 153 23.42 -1.92 24.95
C ALA M 153 22.18 -1.59 25.77
N GLU M 154 21.17 -0.97 25.15
CA GLU M 154 19.88 -0.80 25.82
C GLU M 154 19.25 -2.15 26.12
N SER M 155 19.23 -3.04 25.12
CA SER M 155 18.65 -4.37 25.32
C SER M 155 19.55 -5.24 26.18
N THR M 156 20.86 -4.98 26.18
CA THR M 156 21.75 -5.71 27.08
C THR M 156 21.54 -5.29 28.52
N LEU M 157 21.39 -3.99 28.77
CA LEU M 157 21.20 -3.49 30.12
C LEU M 157 19.81 -3.84 30.65
N THR M 158 18.81 -3.82 29.77
CA THR M 158 17.44 -4.11 30.19
C THR M 158 17.27 -5.58 30.55
N ALA M 159 17.82 -6.48 29.74
CA ALA M 159 17.67 -7.90 29.99
C ALA M 159 18.54 -8.36 31.16
N TYR M 160 19.70 -7.73 31.35
CA TYR M 160 20.55 -8.10 32.47
C TYR M 160 19.95 -7.63 33.79
N LYS M 161 19.23 -6.51 33.78
CA LYS M 161 18.63 -6.00 35.00
C LYS M 161 17.48 -6.87 35.46
N ALA M 162 16.61 -7.27 34.53
CA ALA M 162 15.49 -8.14 34.89
C ALA M 162 15.98 -9.49 35.40
N ALA M 163 17.09 -9.98 34.85
CA ALA M 163 17.67 -11.21 35.36
C ALA M 163 18.19 -11.03 36.78
N GLN M 164 18.67 -9.83 37.12
CA GLN M 164 19.20 -9.59 38.46
C GLN M 164 18.09 -9.51 39.50
N ASP M 165 16.93 -8.96 39.12
CA ASP M 165 15.79 -8.92 40.04
C ASP M 165 15.37 -10.32 40.44
N ILE M 166 15.26 -11.23 39.47
CA ILE M 166 14.84 -12.59 39.77
C ILE M 166 15.94 -13.36 40.50
N ALA M 167 17.21 -13.07 40.18
CA ALA M 167 18.31 -13.78 40.81
C ALA M 167 18.46 -13.40 42.28
N THR M 168 18.21 -12.12 42.61
CA THR M 168 18.44 -11.64 43.97
C THR M 168 17.27 -11.93 44.92
N THR M 169 16.15 -12.46 44.42
CA THR M 169 15.02 -12.79 45.27
C THR M 169 14.60 -14.25 45.22
N GLU M 170 15.01 -15.01 44.21
CA GLU M 170 14.64 -16.41 44.09
C GLU M 170 15.82 -17.36 44.17
N LEU M 171 16.95 -17.02 43.56
CA LEU M 171 18.11 -17.90 43.55
C LEU M 171 19.04 -17.60 44.72
N ALA M 172 19.75 -18.63 45.16
CA ALA M 172 20.75 -18.48 46.21
C ALA M 172 22.00 -17.81 45.66
N PRO M 173 22.77 -17.12 46.52
CA PRO M 173 23.99 -16.47 46.03
C PRO M 173 24.98 -17.42 45.38
N THR M 174 25.07 -18.66 45.87
CA THR M 174 25.99 -19.63 45.28
C THR M 174 25.41 -20.33 44.05
N HIS M 175 24.23 -19.94 43.60
CA HIS M 175 23.65 -20.58 42.43
C HIS M 175 24.43 -20.14 41.18
N PRO M 176 24.94 -21.11 40.42
CA PRO M 176 25.72 -20.87 39.20
C PRO M 176 25.05 -19.85 38.27
N ILE M 177 23.76 -20.06 38.01
CA ILE M 177 23.01 -19.16 37.13
C ILE M 177 23.05 -17.72 37.63
N ARG M 178 23.28 -17.55 38.93
CA ARG M 178 23.34 -16.21 39.51
C ARG M 178 24.75 -15.65 39.47
N LEU M 179 25.76 -16.48 39.80
CA LEU M 179 27.14 -16.03 39.77
C LEU M 179 27.58 -15.72 38.34
N GLY M 180 27.18 -16.55 37.38
CA GLY M 180 27.50 -16.28 35.99
C GLY M 180 26.82 -15.02 35.48
N LEU M 181 25.59 -14.78 35.90
CA LEU M 181 24.90 -13.54 35.55
C LEU M 181 25.68 -12.33 36.04
N ALA M 182 26.16 -12.37 37.29
CA ALA M 182 26.88 -11.23 37.84
C ALA M 182 28.23 -11.03 37.18
N LEU M 183 28.89 -12.12 36.76
CA LEU M 183 30.17 -12.00 36.08
C LEU M 183 30.00 -11.29 34.74
N ASN M 184 29.06 -11.76 33.93
CA ASN M 184 28.78 -11.10 32.65
C ASN M 184 28.34 -9.66 32.88
N PHE M 185 27.56 -9.42 33.93
CA PHE M 185 27.09 -8.07 34.25
C PHE M 185 28.27 -7.13 34.48
N SER M 186 29.23 -7.55 35.32
CA SER M 186 30.39 -6.73 35.60
C SER M 186 31.21 -6.50 34.34
N VAL M 187 31.35 -7.53 33.50
CA VAL M 187 32.11 -7.40 32.26
C VAL M 187 31.45 -6.39 31.33
N PHE M 188 30.11 -6.43 31.27
CA PHE M 188 29.38 -5.46 30.45
C PHE M 188 29.65 -4.03 30.92
N TYR M 189 29.78 -3.83 32.24
CA TYR M 189 30.03 -2.50 32.76
C TYR M 189 31.43 -2.01 32.40
N TYR M 190 32.41 -2.90 32.34
CA TYR M 190 33.79 -2.47 32.23
C TYR M 190 34.17 -2.09 30.80
N GLU M 191 33.79 -2.90 29.83
CA GLU M 191 34.23 -2.70 28.45
C GLU M 191 33.20 -2.00 27.58
N ILE M 192 31.91 -2.18 27.86
CA ILE M 192 30.87 -1.58 27.02
C ILE M 192 30.43 -0.23 27.58
N LEU M 193 30.28 -0.12 28.90
CA LEU M 193 29.93 1.15 29.53
C LEU M 193 31.13 1.86 30.14
N ASN M 194 32.28 1.18 30.24
CA ASN M 194 33.52 1.78 30.71
C ASN M 194 33.37 2.37 32.11
N SER M 195 32.74 1.61 33.00
CA SER M 195 32.59 2.00 34.40
C SER M 195 33.21 0.93 35.28
N PRO M 196 34.46 1.11 35.72
CA PRO M 196 35.07 0.10 36.60
C PRO M 196 34.40 -0.02 37.96
N ASP M 197 33.87 1.08 38.50
CA ASP M 197 33.26 1.01 39.82
C ASP M 197 31.87 0.36 39.76
N ARG M 198 31.13 0.61 38.68
CA ARG M 198 29.88 -0.13 38.48
C ARG M 198 30.14 -1.60 38.23
N ALA M 199 31.26 -1.93 37.59
CA ALA M 199 31.64 -3.32 37.36
C ALA M 199 32.11 -3.98 38.65
N CYS M 200 32.97 -3.30 39.41
CA CYS M 200 33.57 -3.91 40.60
C CYS M 200 32.55 -4.04 41.73
N ASN M 201 31.72 -3.02 41.92
CA ASN M 201 30.76 -3.05 43.03
C ASN M 201 29.71 -4.13 42.84
N LEU M 202 29.38 -4.46 41.59
CA LEU M 202 28.44 -5.56 41.34
C LEU M 202 29.11 -6.92 41.52
N ALA M 203 30.38 -7.03 41.12
CA ALA M 203 31.05 -8.32 41.21
C ALA M 203 31.72 -8.53 42.56
N LYS M 204 31.99 -7.47 43.32
CA LYS M 204 32.38 -7.65 44.71
C LYS M 204 31.18 -8.04 45.57
N GLN M 205 30.04 -7.40 45.33
CA GLN M 205 28.82 -7.74 46.07
C GLN M 205 28.43 -9.18 45.86
N ALA M 206 28.48 -9.67 44.62
CA ALA M 206 28.08 -11.03 44.32
C ALA M 206 29.13 -12.05 44.77
N PHE M 207 30.41 -11.66 44.81
CA PHE M 207 31.44 -12.60 45.23
C PHE M 207 31.37 -12.86 46.74
N ASP M 208 31.26 -11.80 47.53
CA ASP M 208 31.29 -11.96 48.98
C ASP M 208 30.04 -12.64 49.52
N GLU M 209 28.90 -12.47 48.86
CA GLU M 209 27.69 -13.17 49.28
C GLU M 209 27.78 -14.67 49.00
N ALA M 210 28.63 -15.08 48.05
CA ALA M 210 28.89 -16.50 47.84
C ALA M 210 29.87 -17.03 48.87
N ILE M 211 30.86 -16.22 49.26
CA ILE M 211 31.78 -16.62 50.32
C ILE M 211 31.05 -16.69 51.65
N ALA M 212 30.19 -15.71 51.93
CA ALA M 212 29.50 -15.67 53.22
C ALA M 212 28.52 -16.83 53.36
N GLU M 213 27.83 -17.20 52.29
CA GLU M 213 26.87 -18.29 52.37
C GLU M 213 27.56 -19.65 52.41
N LEU M 214 28.68 -19.80 51.70
CA LEU M 214 29.42 -21.04 51.68
C LEU M 214 30.13 -21.27 53.02
N GLU M 220 24.24 -28.44 46.91
CA GLU M 220 24.64 -28.09 45.55
C GLU M 220 26.16 -28.02 45.46
N SER M 221 26.73 -28.86 44.59
CA SER M 221 28.19 -28.92 44.47
C SER M 221 28.73 -27.60 43.95
N TYR M 222 29.76 -27.09 44.64
CA TYR M 222 30.30 -25.77 44.35
C TYR M 222 31.50 -25.81 43.40
N LYS M 223 31.89 -27.00 42.94
CA LYS M 223 32.98 -27.10 41.98
C LYS M 223 32.54 -26.31 40.75
N ASP M 224 31.27 -26.46 40.39
CA ASP M 224 30.67 -25.75 39.27
C ASP M 224 30.62 -24.24 39.52
N SER M 225 30.32 -23.85 40.75
CA SER M 225 30.19 -22.45 41.11
C SER M 225 31.54 -21.78 41.33
N THR M 226 32.44 -22.50 42.01
CA THR M 226 33.77 -21.95 42.30
C THR M 226 34.57 -21.71 41.03
N LEU M 227 34.25 -22.39 39.93
CA LEU M 227 34.87 -22.07 38.65
C LEU M 227 34.56 -20.63 38.25
N ILE M 228 33.34 -20.18 38.50
CA ILE M 228 33.00 -18.78 38.25
C ILE M 228 33.57 -17.88 39.35
N MET M 229 33.63 -18.38 40.59
CA MET M 229 34.19 -17.59 41.68
C MET M 229 35.66 -17.32 41.48
N GLN M 230 36.39 -18.25 40.86
CA GLN M 230 37.79 -17.99 40.51
C GLN M 230 37.90 -17.02 39.34
N LEU M 231 36.93 -17.05 38.41
CA LEU M 231 36.92 -16.12 37.30
C LEU M 231 36.39 -14.75 37.69
N LEU M 232 35.55 -14.67 38.72
CA LEU M 232 35.14 -13.38 39.25
C LEU M 232 36.31 -12.67 39.92
N ARG M 233 36.94 -13.32 40.90
CA ARG M 233 38.04 -12.70 41.64
C ARG M 233 39.21 -12.37 40.71
N ASP M 234 39.48 -13.24 39.74
CA ASP M 234 40.53 -12.94 38.75
C ASP M 234 40.23 -11.61 38.04
N ASN M 235 39.01 -11.47 37.52
CA ASN M 235 38.59 -10.24 36.87
C ASN M 235 38.78 -9.03 37.80
N LEU M 236 38.17 -9.08 38.99
CA LEU M 236 38.31 -8.02 39.97
C LEU M 236 39.76 -7.65 40.21
N THR M 237 40.57 -8.64 40.61
CA THR M 237 41.94 -8.37 41.02
C THR M 237 42.73 -7.68 39.92
N LEU M 238 42.63 -8.19 38.68
CA LEU M 238 43.41 -7.61 37.59
C LEU M 238 42.91 -6.21 37.24
N TRP M 239 41.58 -6.00 37.26
CA TRP M 239 41.04 -4.65 37.10
C TRP M 239 41.60 -3.70 38.15
N THR M 240 41.39 -4.03 39.43
CA THR M 240 41.81 -3.15 40.51
C THR M 240 43.29 -2.79 40.41
N SER M 241 44.11 -3.67 39.86
CA SER M 241 45.52 -3.37 39.62
C SER M 241 45.66 -2.08 38.81
N ASP M 242 46.61 -1.25 39.18
CA ASP M 242 46.79 0.03 38.51
C ASP M 242 47.36 -0.06 37.10
N MET M 243 47.86 -1.23 36.73
CA MET M 243 48.53 -1.36 35.44
C MET M 243 47.52 -1.38 34.30
N GLN M 244 48.03 -1.16 33.09
CA GLN M 244 47.21 -0.81 31.94
C GLN M 244 47.33 -1.86 30.85
N ASP M 245 46.17 -2.27 30.32
CA ASP M 245 46.10 -3.24 29.24
C ASP M 245 46.62 -2.66 27.93
N TYR N 1 39.43 -8.36 26.75
CA TYR N 1 38.69 -9.61 26.68
C TYR N 1 38.71 -10.32 28.03
N PHE N 2 38.10 -9.68 29.03
CA PHE N 2 38.11 -10.24 30.37
C PHE N 2 37.20 -11.46 30.45
N SER N 3 37.43 -12.28 31.47
CA SER N 3 36.67 -13.52 31.67
C SER N 3 35.16 -13.28 31.59
N ASN N 5 31.13 -15.76 30.89
CA ASN N 5 30.52 -17.08 30.80
C ASN N 5 29.12 -17.00 30.22
N PRO O 7 48.88 -2.90 -6.62
CA PRO O 7 48.04 -3.90 -5.95
C PRO O 7 47.19 -4.69 -6.93
N THR O 8 47.81 -5.66 -7.61
CA THR O 8 47.10 -6.47 -8.59
C THR O 8 46.10 -7.40 -7.91
N ALA O 9 45.29 -8.06 -8.73
CA ALA O 9 44.28 -8.97 -8.20
C ALA O 9 44.92 -10.19 -7.54
N ARG O 10 46.01 -10.68 -8.12
CA ARG O 10 46.72 -11.82 -7.52
C ARG O 10 47.32 -11.43 -6.17
N GLU O 11 47.85 -10.20 -6.06
CA GLU O 11 48.42 -9.76 -4.79
C GLU O 11 47.37 -9.64 -3.71
N GLU O 12 46.14 -9.24 -4.07
CA GLU O 12 45.08 -9.12 -3.08
C GLU O 12 44.71 -10.48 -2.49
N ASN O 13 44.76 -11.53 -3.30
CA ASN O 13 44.43 -12.87 -2.81
C ASN O 13 45.46 -13.34 -1.78
N VAL O 14 46.73 -13.05 -2.02
CA VAL O 14 47.77 -13.38 -1.03
C VAL O 14 47.51 -12.63 0.26
N TYR O 15 47.13 -11.36 0.16
CA TYR O 15 46.82 -10.58 1.35
C TYR O 15 45.52 -11.05 2.00
N MET O 16 44.53 -11.41 1.19
CA MET O 16 43.25 -11.85 1.72
C MET O 16 43.39 -13.19 2.43
N ALA O 17 44.22 -14.09 1.90
CA ALA O 17 44.43 -15.38 2.56
C ALA O 17 45.11 -15.21 3.91
N LYS O 18 45.93 -14.17 4.07
CA LYS O 18 46.55 -13.91 5.36
C LYS O 18 45.51 -13.60 6.43
N LEU O 19 44.49 -12.81 6.07
CA LEU O 19 43.41 -12.52 6.99
C LEU O 19 42.64 -13.79 7.36
N ALA O 20 42.40 -14.65 6.38
CA ALA O 20 41.75 -15.93 6.67
C ALA O 20 42.67 -16.84 7.46
N GLU O 21 43.98 -16.78 7.17
CA GLU O 21 44.94 -17.59 7.92
C GLU O 21 45.07 -17.10 9.36
N GLN O 22 45.03 -15.79 9.56
CA GLN O 22 45.20 -15.24 10.90
C GLN O 22 43.93 -15.36 11.73
N ALA O 23 42.77 -15.16 11.12
CA ALA O 23 41.50 -15.20 11.83
C ALA O 23 40.97 -16.62 12.04
N GLU O 24 41.79 -17.63 11.78
CA GLU O 24 41.40 -19.04 11.97
C GLU O 24 40.12 -19.37 11.22
N ARG O 25 40.02 -18.85 10.00
CA ARG O 25 38.89 -19.10 9.10
C ARG O 25 39.47 -19.76 7.85
N TYR O 26 39.76 -21.05 7.96
CA TYR O 26 40.60 -21.72 6.97
C TYR O 26 39.86 -22.07 5.69
N GLU O 27 38.54 -22.26 5.75
CA GLU O 27 37.80 -22.67 4.56
C GLU O 27 37.86 -21.61 3.47
N GLU O 28 37.83 -20.34 3.86
CA GLU O 28 37.89 -19.26 2.86
C GLU O 28 39.28 -19.09 2.29
N MET O 29 40.32 -19.35 3.10
CA MET O 29 41.70 -19.20 2.62
C MET O 29 41.97 -20.10 1.42
N VAL O 30 41.36 -21.29 1.40
CA VAL O 30 41.48 -22.17 0.24
C VAL O 30 40.85 -21.51 -0.97
N GLU O 31 39.66 -20.90 -0.80
CA GLU O 31 38.97 -20.27 -1.91
C GLU O 31 39.73 -19.06 -2.44
N PHE O 32 40.28 -18.24 -1.54
CA PHE O 32 41.08 -17.10 -1.97
C PHE O 32 42.33 -17.55 -2.71
N MET O 33 42.97 -18.61 -2.22
CA MET O 33 44.12 -19.18 -2.92
C MET O 33 43.70 -20.01 -4.14
N GLU O 34 42.43 -20.43 -4.21
CA GLU O 34 41.98 -21.19 -5.37
C GLU O 34 41.94 -20.33 -6.62
N LYS O 35 41.47 -19.08 -6.50
CA LYS O 35 41.44 -18.19 -7.65
C LYS O 35 42.84 -17.83 -8.12
N VAL O 36 43.80 -17.70 -7.20
CA VAL O 36 45.16 -17.33 -7.57
C VAL O 36 45.78 -18.39 -8.45
N SER O 37 45.47 -19.67 -8.18
CA SER O 37 46.00 -20.75 -9.01
C SER O 37 45.44 -20.71 -10.43
N ASN O 38 44.18 -20.28 -10.58
CA ASN O 38 43.54 -20.22 -11.89
C ASN O 38 43.81 -18.85 -12.53
N SER O 39 45.06 -18.71 -13.01
CA SER O 39 45.47 -17.49 -13.68
C SER O 39 45.97 -17.82 -15.09
N THR O 46 54.16 -18.70 -6.65
CA THR O 46 55.41 -18.47 -5.95
C THR O 46 55.58 -19.43 -4.78
N VAL O 47 56.69 -19.29 -4.06
CA VAL O 47 56.96 -20.17 -2.93
C VAL O 47 55.96 -19.95 -1.81
N GLU O 48 55.70 -18.68 -1.46
CA GLU O 48 54.73 -18.38 -0.42
C GLU O 48 53.33 -18.80 -0.83
N GLU O 49 52.95 -18.56 -2.09
CA GLU O 49 51.65 -18.99 -2.57
C GLU O 49 51.52 -20.50 -2.53
N ARG O 50 52.61 -21.22 -2.83
CA ARG O 50 52.59 -22.67 -2.72
C ARG O 50 52.32 -23.10 -1.29
N ASN O 51 52.89 -22.39 -0.32
CA ASN O 51 52.58 -22.68 1.08
C ASN O 51 51.19 -22.23 1.45
N LEU O 52 50.70 -21.15 0.82
CA LEU O 52 49.38 -20.62 1.16
C LEU O 52 48.28 -21.62 0.84
N LEU O 53 48.33 -22.22 -0.35
CA LEU O 53 47.34 -23.23 -0.71
C LEU O 53 47.54 -24.52 0.07
N SER O 54 48.78 -24.86 0.40
CA SER O 54 49.03 -26.08 1.15
C SER O 54 48.54 -25.95 2.59
N VAL O 55 48.83 -24.81 3.24
CA VAL O 55 48.48 -24.66 4.65
C VAL O 55 46.97 -24.53 4.83
N ALA O 56 46.31 -23.82 3.92
CA ALA O 56 44.86 -23.64 4.03
C ALA O 56 44.13 -24.97 3.91
N TYR O 57 44.46 -25.77 2.89
CA TYR O 57 43.85 -27.09 2.74
C TYR O 57 44.26 -28.03 3.86
N LYS O 58 45.48 -27.89 4.37
CA LYS O 58 45.96 -28.80 5.42
C LYS O 58 45.11 -28.69 6.67
N ASN O 59 44.77 -27.47 7.08
CA ASN O 59 43.95 -27.29 8.28
C ASN O 59 42.50 -27.64 8.04
N VAL O 60 42.00 -27.46 6.82
CA VAL O 60 40.62 -27.82 6.51
C VAL O 60 40.43 -29.33 6.63
N ILE O 61 41.31 -30.10 6.00
CA ILE O 61 41.20 -31.55 6.08
C ILE O 61 41.53 -32.04 7.48
N GLY O 62 42.43 -31.36 8.19
CA GLY O 62 42.75 -31.74 9.54
C GLY O 62 41.59 -31.62 10.51
N ALA O 63 40.74 -30.61 10.30
CA ALA O 63 39.57 -30.45 11.17
C ALA O 63 38.56 -31.55 10.95
N ARG O 64 38.36 -31.97 9.70
CA ARG O 64 37.35 -32.97 9.40
C ARG O 64 37.79 -34.35 9.85
N ARG O 65 39.06 -34.70 9.65
CA ARG O 65 39.54 -36.03 10.02
C ARG O 65 39.50 -36.23 11.53
N ALA O 66 39.85 -35.19 12.30
CA ALA O 66 39.85 -35.31 13.75
C ALA O 66 38.46 -35.62 14.28
N SER O 67 37.42 -35.04 13.67
CA SER O 67 36.06 -35.36 14.06
C SER O 67 35.72 -36.81 13.76
N TRP O 68 36.25 -37.33 12.65
CA TRP O 68 36.00 -38.72 12.27
C TRP O 68 36.65 -39.70 13.24
N ARG O 69 37.81 -39.34 13.79
CA ARG O 69 38.48 -40.23 14.73
C ARG O 69 37.66 -40.39 16.01
N ILE O 70 37.09 -39.30 16.51
CA ILE O 70 36.25 -39.39 17.70
C ILE O 70 34.90 -40.02 17.38
N ILE O 71 34.38 -39.80 16.17
CA ILE O 71 33.13 -40.45 15.77
C ILE O 71 33.33 -41.95 15.66
N SER O 72 34.43 -42.38 15.03
CA SER O 72 34.73 -43.80 14.96
C SER O 72 34.93 -44.39 16.35
N SER O 73 35.57 -43.64 17.24
CA SER O 73 35.71 -44.09 18.62
C SER O 73 34.36 -44.15 19.32
N ILE O 74 33.49 -43.18 19.06
CA ILE O 74 32.17 -43.18 19.68
C ILE O 74 31.29 -44.26 19.09
N GLU O 75 31.47 -44.58 17.81
CA GLU O 75 30.66 -45.63 17.18
C GLU O 75 31.19 -47.02 17.49
N GLN O 76 32.52 -47.17 17.60
CA GLN O 76 33.08 -48.46 18.01
C GLN O 76 32.80 -48.73 19.49
N LYS O 77 32.69 -47.68 20.30
CA LYS O 77 32.37 -47.86 21.71
C LYS O 77 30.96 -48.43 21.87
N GLU O 78 30.00 -47.93 21.08
CA GLU O 78 28.65 -48.45 21.17
C GLU O 78 28.53 -49.86 20.64
N GLU O 79 29.35 -50.23 19.66
CA GLU O 79 29.36 -51.60 19.17
C GLU O 79 29.91 -52.55 20.24
N SER O 80 30.90 -52.10 21.00
CA SER O 80 31.42 -52.91 22.11
C SER O 80 30.35 -53.09 23.18
N ARG O 81 29.66 -52.02 23.55
CA ARG O 81 28.57 -52.14 24.53
C ARG O 81 27.37 -52.88 23.92
N GLY O 82 27.11 -52.62 22.65
CA GLY O 82 26.00 -53.26 21.97
C GLY O 82 24.75 -52.40 21.89
N ASN O 83 24.82 -51.36 21.07
CA ASN O 83 23.70 -50.45 20.89
C ASN O 83 23.42 -50.26 19.40
N GLU O 84 22.84 -51.29 18.78
CA GLU O 84 22.54 -51.28 17.35
C GLU O 84 21.82 -50.01 16.88
N GLU O 85 20.94 -49.47 17.70
CA GLU O 85 20.18 -48.28 17.34
C GLU O 85 21.04 -47.02 17.51
N HIS O 86 21.76 -46.93 18.62
CA HIS O 86 22.71 -45.83 18.79
C HIS O 86 23.83 -45.91 17.76
N VAL O 87 24.30 -47.13 17.47
CA VAL O 87 25.37 -47.29 16.49
C VAL O 87 24.90 -46.89 15.10
N ASN O 88 23.62 -47.13 14.78
CA ASN O 88 23.09 -46.74 13.48
C ASN O 88 23.15 -45.22 13.30
N SER O 89 22.82 -44.47 14.35
CA SER O 89 22.87 -43.02 14.27
C SER O 89 24.30 -42.54 14.05
N ILE O 90 25.26 -43.13 14.75
CA ILE O 90 26.65 -42.71 14.63
C ILE O 90 27.19 -43.03 13.24
N ARG O 91 26.91 -44.21 12.72
CA ARG O 91 27.39 -44.58 11.39
C ARG O 91 26.78 -43.69 10.31
N GLU O 92 25.52 -43.27 10.49
CA GLU O 92 24.90 -42.35 9.53
C GLU O 92 25.55 -40.97 9.61
N TYR O 93 25.75 -40.47 10.82
CA TYR O 93 26.48 -39.20 10.99
C TYR O 93 27.90 -39.30 10.45
N ARG O 94 28.54 -40.46 10.64
CA ARG O 94 29.89 -40.66 10.11
C ARG O 94 29.91 -40.60 8.59
N SER O 95 28.84 -41.09 7.94
CA SER O 95 28.80 -41.07 6.48
C SER O 95 28.79 -39.63 5.96
N LYS O 96 28.11 -38.72 6.65
CA LYS O 96 28.12 -37.32 6.26
C LYS O 96 29.51 -36.71 6.44
N ILE O 97 30.21 -37.09 7.51
CA ILE O 97 31.56 -36.60 7.72
C ILE O 97 32.50 -37.15 6.65
N GLU O 98 32.36 -38.43 6.31
CA GLU O 98 33.19 -39.01 5.26
C GLU O 98 32.87 -38.39 3.91
N ASN O 99 31.59 -38.08 3.67
CA ASN O 99 31.20 -37.45 2.40
C ASN O 99 31.91 -36.12 2.21
N GLU O 100 32.18 -35.39 3.30
CA GLU O 100 32.92 -34.14 3.18
C GLU O 100 34.39 -34.39 2.85
N LEU O 101 34.97 -35.47 3.36
CA LEU O 101 36.37 -35.78 3.09
C LEU O 101 36.61 -36.03 1.60
N SER O 102 35.60 -36.55 0.89
CA SER O 102 35.75 -36.77 -0.54
C SER O 102 35.82 -35.46 -1.30
N LYS O 103 34.95 -34.51 -0.96
CA LYS O 103 34.93 -33.23 -1.68
C LYS O 103 36.18 -32.41 -1.40
N ILE O 104 36.67 -32.42 -0.16
CA ILE O 104 37.87 -31.67 0.17
C ILE O 104 39.08 -32.26 -0.53
N CYS O 105 39.18 -33.60 -0.56
CA CYS O 105 40.28 -34.24 -1.26
C CYS O 105 40.13 -34.12 -2.78
N ASP O 106 38.88 -34.07 -3.27
CA ASP O 106 38.67 -33.96 -4.71
C ASP O 106 39.21 -32.64 -5.25
N GLY O 107 39.05 -31.55 -4.49
CA GLY O 107 39.50 -30.26 -4.97
C GLY O 107 41.02 -30.15 -5.04
N ILE O 108 41.71 -30.65 -4.01
CA ILE O 108 43.16 -30.55 -3.98
C ILE O 108 43.78 -31.48 -5.01
N LEU O 109 43.26 -32.70 -5.14
CA LEU O 109 43.80 -33.64 -6.11
C LEU O 109 43.54 -33.16 -7.55
N LYS O 110 42.39 -32.55 -7.80
CA LYS O 110 42.10 -32.04 -9.13
C LYS O 110 42.94 -30.80 -9.44
N LEU O 111 43.18 -29.95 -8.44
CA LEU O 111 44.00 -28.76 -8.66
C LEU O 111 45.44 -29.14 -9.01
N LEU O 112 46.01 -30.11 -8.30
CA LEU O 112 47.38 -30.52 -8.58
C LEU O 112 47.47 -31.27 -9.90
N ASP O 113 46.47 -32.10 -10.21
CA ASP O 113 46.53 -32.90 -11.43
C ASP O 113 46.41 -32.04 -12.68
N ALA O 114 45.47 -31.08 -12.68
CA ALA O 114 45.19 -30.32 -13.89
C ALA O 114 46.31 -29.32 -14.19
N LYS O 115 46.77 -28.59 -13.18
CA LYS O 115 47.69 -27.50 -13.45
C LYS O 115 48.96 -27.52 -12.61
N LEU O 116 48.85 -27.85 -11.32
CA LEU O 116 49.98 -27.63 -10.41
C LEU O 116 51.12 -28.61 -10.69
N ILE O 117 50.82 -29.90 -10.80
CA ILE O 117 51.85 -30.91 -10.99
C ILE O 117 52.45 -30.79 -12.38
N PRO O 118 51.63 -30.59 -13.43
CA PRO O 118 52.21 -30.48 -14.77
C PRO O 118 53.05 -29.23 -14.96
N SER O 119 52.62 -28.10 -14.41
CA SER O 119 53.37 -26.85 -14.54
C SER O 119 54.56 -26.76 -13.59
N ALA O 120 54.79 -27.79 -12.77
CA ALA O 120 55.95 -27.80 -11.89
C ALA O 120 57.23 -27.88 -12.73
N ALA O 121 58.04 -26.83 -12.66
CA ALA O 121 59.27 -26.75 -13.44
C ALA O 121 60.47 -27.25 -12.67
N SER O 122 60.74 -26.66 -11.51
CA SER O 122 61.90 -27.05 -10.72
C SER O 122 61.67 -28.39 -10.03
N GLY O 123 62.77 -29.03 -9.66
CA GLY O 123 62.68 -30.32 -8.98
C GLY O 123 62.12 -30.21 -7.58
N ASP O 124 62.35 -29.08 -6.90
CA ASP O 124 61.78 -28.88 -5.58
C ASP O 124 60.26 -28.75 -5.63
N SER O 125 59.71 -28.24 -6.73
CA SER O 125 58.26 -28.13 -6.87
C SER O 125 57.62 -29.47 -7.19
N LYS O 126 58.33 -30.36 -7.89
CA LYS O 126 57.77 -31.66 -8.24
C LYS O 126 57.59 -32.53 -6.99
N VAL O 127 58.53 -32.46 -6.06
CA VAL O 127 58.43 -33.27 -4.85
C VAL O 127 57.31 -32.77 -3.95
N PHE O 128 57.15 -31.45 -3.86
CA PHE O 128 56.13 -30.89 -2.97
C PHE O 128 54.72 -31.21 -3.44
N TYR O 129 54.48 -31.15 -4.75
CA TYR O 129 53.14 -31.40 -5.27
C TYR O 129 52.78 -32.89 -5.18
N LEU O 130 53.72 -33.76 -5.54
CA LEU O 130 53.46 -35.20 -5.48
C LEU O 130 53.32 -35.68 -4.05
N LYS O 131 53.96 -34.98 -3.10
CA LYS O 131 53.77 -35.31 -1.68
C LYS O 131 52.35 -34.98 -1.24
N MET O 132 51.83 -33.82 -1.65
CA MET O 132 50.44 -33.48 -1.35
C MET O 132 49.48 -34.46 -2.02
N LYS O 133 49.83 -34.97 -3.20
CA LYS O 133 49.03 -35.99 -3.84
C LYS O 133 48.96 -37.25 -3.00
N GLY O 134 50.14 -37.72 -2.54
CA GLY O 134 50.17 -38.88 -1.67
C GLY O 134 49.54 -38.62 -0.31
N ASP O 135 49.58 -37.37 0.15
CA ASP O 135 48.95 -37.03 1.42
C ASP O 135 47.44 -37.04 1.31
N TYR O 136 46.90 -36.33 0.32
CA TYR O 136 45.45 -36.29 0.13
C TYR O 136 44.90 -37.63 -0.35
N HIS O 137 45.74 -38.49 -0.94
CA HIS O 137 45.31 -39.84 -1.23
C HIS O 137 45.36 -40.72 0.03
N ARG O 138 46.30 -40.46 0.93
CA ARG O 138 46.32 -41.16 2.20
C ARG O 138 45.09 -40.84 3.04
N TYR O 139 44.56 -39.62 2.90
CA TYR O 139 43.30 -39.29 3.57
C TYR O 139 42.15 -40.13 3.01
N LEU O 140 42.17 -40.41 1.70
CA LEU O 140 41.18 -41.30 1.10
C LEU O 140 41.44 -42.76 1.47
N ALA O 141 42.65 -43.09 1.90
CA ALA O 141 42.97 -44.46 2.28
C ALA O 141 42.51 -44.81 3.70
N GLU O 142 42.23 -43.80 4.53
CA GLU O 142 41.79 -44.07 5.89
C GLU O 142 40.40 -44.68 5.92
N PHE O 143 39.51 -44.23 5.02
CA PHE O 143 38.16 -44.77 4.93
C PHE O 143 37.96 -45.46 3.58
N GLU O 148 37.71 -49.25 -2.68
CA GLU O 148 38.11 -47.85 -2.82
C GLU O 148 39.45 -47.59 -2.14
N ARG O 149 39.67 -48.27 -1.01
CA ARG O 149 40.93 -48.10 -0.29
C ARG O 149 42.10 -48.72 -1.06
N LYS O 150 41.85 -49.82 -1.76
CA LYS O 150 42.91 -50.45 -2.55
C LYS O 150 43.40 -49.51 -3.65
N GLU O 151 42.48 -48.76 -4.26
CA GLU O 151 42.88 -47.76 -5.25
C GLU O 151 43.49 -46.53 -4.60
N ALA O 152 42.98 -46.15 -3.43
CA ALA O 152 43.52 -44.99 -2.72
C ALA O 152 44.97 -45.23 -2.29
N ALA O 153 45.23 -46.37 -1.66
CA ALA O 153 46.60 -46.71 -1.29
C ALA O 153 47.47 -46.92 -2.52
N GLU O 154 46.90 -47.40 -3.62
CA GLU O 154 47.65 -47.52 -4.87
C GLU O 154 48.07 -46.15 -5.37
N SER O 155 47.14 -45.20 -5.43
CA SER O 155 47.48 -43.83 -5.80
C SER O 155 48.35 -43.16 -4.73
N THR O 156 48.31 -43.64 -3.49
CA THR O 156 49.18 -43.11 -2.45
C THR O 156 50.62 -43.59 -2.63
N LEU O 157 50.79 -44.89 -2.90
CA LEU O 157 52.13 -45.42 -3.15
C LEU O 157 52.69 -44.93 -4.48
N THR O 158 51.83 -44.82 -5.50
CA THR O 158 52.28 -44.32 -6.79
C THR O 158 52.73 -42.87 -6.70
N ALA O 159 52.01 -42.05 -5.92
CA ALA O 159 52.41 -40.66 -5.75
C ALA O 159 53.67 -40.54 -4.89
N TYR O 160 53.74 -41.31 -3.81
CA TYR O 160 54.90 -41.24 -2.93
C TYR O 160 56.15 -41.80 -3.61
N LYS O 161 55.99 -42.73 -4.55
CA LYS O 161 57.14 -43.34 -5.19
C LYS O 161 57.86 -42.36 -6.12
N ALA O 162 57.13 -41.74 -7.05
CA ALA O 162 57.74 -40.81 -7.98
C ALA O 162 58.26 -39.56 -7.30
N ALA O 163 57.66 -39.18 -6.16
CA ALA O 163 58.18 -38.04 -5.39
C ALA O 163 59.51 -38.37 -4.74
N GLN O 164 59.78 -39.65 -4.45
CA GLN O 164 61.07 -40.04 -3.90
C GLN O 164 62.16 -40.09 -4.96
N ASP O 165 61.79 -40.43 -6.19
CA ASP O 165 62.74 -40.51 -7.28
C ASP O 165 63.23 -39.13 -7.71
N ILE O 166 62.28 -38.21 -7.88
CA ILE O 166 62.60 -36.85 -8.30
C ILE O 166 62.99 -35.99 -7.10
N GLU O 170 67.07 -35.70 -5.85
CA GLU O 170 67.95 -34.75 -6.51
C GLU O 170 68.23 -33.56 -5.60
N LEU O 171 68.35 -33.82 -4.31
CA LEU O 171 68.61 -32.76 -3.34
C LEU O 171 69.18 -33.35 -2.04
N ALA O 172 69.65 -32.47 -1.16
CA ALA O 172 70.21 -32.89 0.11
C ALA O 172 69.07 -33.36 1.03
N PRO O 173 69.37 -34.26 1.97
CA PRO O 173 68.30 -34.71 2.87
C PRO O 173 67.78 -33.61 3.78
N THR O 174 68.62 -32.63 4.11
CA THR O 174 68.20 -31.56 5.01
C THR O 174 67.16 -30.64 4.38
N HIS O 175 67.08 -30.59 3.06
CA HIS O 175 66.07 -29.76 2.40
C HIS O 175 64.68 -30.19 2.87
N PRO O 176 63.80 -29.24 3.22
CA PRO O 176 62.58 -29.62 3.95
C PRO O 176 61.62 -30.47 3.15
N ILE O 177 61.44 -30.18 1.85
CA ILE O 177 60.46 -30.93 1.06
C ILE O 177 60.82 -32.41 1.00
N ARG O 178 62.12 -32.74 1.05
CA ARG O 178 62.53 -34.13 1.09
C ARG O 178 62.24 -34.76 2.45
N LEU O 179 62.53 -34.02 3.53
CA LEU O 179 62.29 -34.56 4.87
C LEU O 179 60.81 -34.64 5.19
N GLY O 180 60.02 -33.68 4.72
CA GLY O 180 58.58 -33.76 4.90
C GLY O 180 57.95 -34.90 4.14
N LEU O 181 58.49 -35.25 2.98
CA LEU O 181 57.98 -36.38 2.22
C LEU O 181 58.38 -37.71 2.86
N ALA O 182 59.64 -37.82 3.31
CA ALA O 182 60.11 -39.06 3.90
C ALA O 182 59.36 -39.38 5.18
N LEU O 183 58.99 -38.36 5.96
CA LEU O 183 58.22 -38.59 7.16
C LEU O 183 56.78 -38.96 6.83
N ASN O 184 56.19 -38.29 5.85
CA ASN O 184 54.82 -38.62 5.45
C ASN O 184 54.74 -39.99 4.79
N PHE O 185 55.79 -40.40 4.06
CA PHE O 185 55.79 -41.71 3.44
C PHE O 185 56.08 -42.81 4.46
N SER O 186 56.94 -42.54 5.44
CA SER O 186 57.23 -43.54 6.46
C SER O 186 56.02 -43.82 7.34
N VAL O 187 55.11 -42.85 7.48
CA VAL O 187 53.90 -43.07 8.27
C VAL O 187 52.86 -43.82 7.46
N PHE O 188 52.85 -43.66 6.13
CA PHE O 188 51.87 -44.35 5.30
C PHE O 188 52.07 -45.87 5.32
N TYR O 189 53.31 -46.32 5.47
CA TYR O 189 53.58 -47.76 5.51
C TYR O 189 53.26 -48.36 6.87
N TYR O 190 53.31 -47.56 7.94
CA TYR O 190 53.11 -48.09 9.28
C TYR O 190 51.63 -48.31 9.59
N GLU O 191 50.78 -47.35 9.23
CA GLU O 191 49.36 -47.39 9.58
C GLU O 191 48.48 -47.93 8.47
N ILE O 192 48.75 -47.56 7.21
CA ILE O 192 47.91 -48.00 6.10
C ILE O 192 48.33 -49.36 5.57
N LEU O 193 49.63 -49.63 5.54
CA LEU O 193 50.14 -50.91 5.06
C LEU O 193 50.62 -51.84 6.16
N ASN O 194 50.70 -51.37 7.40
CA ASN O 194 51.06 -52.19 8.56
C ASN O 194 52.39 -52.92 8.33
N SER O 195 53.44 -52.13 8.13
CA SER O 195 54.78 -52.65 7.87
C SER O 195 55.80 -51.77 8.56
N PRO O 196 56.06 -52.00 9.85
CA PRO O 196 57.07 -51.20 10.55
C PRO O 196 58.49 -51.44 10.07
N ASP O 197 58.75 -52.58 9.41
CA ASP O 197 60.10 -52.87 8.94
C ASP O 197 60.49 -51.98 7.77
N ARG O 198 59.72 -52.03 6.68
CA ARG O 198 60.02 -51.21 5.51
C ARG O 198 59.76 -49.73 5.75
N ALA O 199 58.93 -49.39 6.74
CA ALA O 199 58.68 -47.99 7.06
C ALA O 199 59.87 -47.38 7.82
N CYS O 200 60.36 -48.09 8.82
CA CYS O 200 61.49 -47.58 9.60
C CYS O 200 62.75 -47.48 8.75
N ASN O 201 62.96 -48.43 7.84
CA ASN O 201 64.11 -48.37 6.94
C ASN O 201 64.08 -47.13 6.06
N LEU O 202 62.89 -46.58 5.80
CA LEU O 202 62.80 -45.34 5.04
C LEU O 202 63.08 -44.12 5.92
N ALA O 203 62.56 -44.12 7.16
CA ALA O 203 62.79 -43.01 8.06
C ALA O 203 64.22 -43.01 8.61
N LYS O 204 64.79 -44.20 8.82
CA LYS O 204 66.17 -44.26 9.31
C LYS O 204 67.16 -43.84 8.23
N GLN O 205 66.92 -44.25 6.98
CA GLN O 205 67.81 -43.87 5.89
C GLN O 205 67.74 -42.37 5.61
N ALA O 206 66.55 -41.77 5.74
CA ALA O 206 66.40 -40.35 5.49
C ALA O 206 66.92 -39.49 6.63
N PHE O 207 66.86 -39.98 7.87
CA PHE O 207 67.29 -39.20 9.02
C PHE O 207 68.81 -39.13 9.11
N ASP O 208 69.48 -40.28 8.99
CA ASP O 208 70.94 -40.31 9.11
C ASP O 208 71.62 -39.57 7.95
N GLU O 209 71.00 -39.57 6.77
CA GLU O 209 71.57 -38.83 5.65
C GLU O 209 71.51 -37.32 5.88
N ALA O 210 70.55 -36.85 6.68
CA ALA O 210 70.51 -35.45 7.05
C ALA O 210 71.50 -35.12 8.16
N ILE O 211 71.78 -36.08 9.04
CA ILE O 211 72.77 -35.84 10.10
C ILE O 211 74.19 -35.91 9.55
N ALA O 212 74.44 -36.76 8.54
CA ALA O 212 75.77 -36.89 7.98
C ALA O 212 76.16 -35.65 7.16
N GLU O 213 75.19 -35.03 6.49
CA GLU O 213 75.49 -33.85 5.67
C GLU O 213 75.50 -32.57 6.50
N LEU O 214 74.72 -32.52 7.57
CA LEU O 214 74.68 -31.33 8.44
C LEU O 214 75.94 -31.24 9.30
N TYR O 222 68.15 -24.32 9.13
CA TYR O 222 67.85 -25.70 9.49
C TYR O 222 66.74 -25.78 10.53
N LYS O 223 66.28 -24.61 10.99
CA LYS O 223 65.20 -24.58 11.98
C LYS O 223 63.92 -25.19 11.41
N ASP O 224 63.66 -24.97 10.12
CA ASP O 224 62.51 -25.60 9.48
C ASP O 224 62.76 -27.08 9.23
N SER O 225 64.00 -27.46 8.94
CA SER O 225 64.33 -28.86 8.69
C SER O 225 64.38 -29.67 9.99
N THR O 226 64.99 -29.11 11.04
CA THR O 226 65.08 -29.82 12.31
C THR O 226 63.71 -30.01 12.95
N LEU O 227 62.72 -29.18 12.60
CA LEU O 227 61.36 -29.40 13.09
C LEU O 227 60.83 -30.74 12.61
N ILE O 228 61.15 -31.13 11.38
CA ILE O 228 60.79 -32.46 10.90
C ILE O 228 61.76 -33.51 11.44
N MET O 229 63.04 -33.16 11.60
CA MET O 229 64.01 -34.10 12.13
C MET O 229 63.66 -34.51 13.57
N GLN O 230 63.08 -33.60 14.35
CA GLN O 230 62.62 -33.97 15.68
C GLN O 230 61.37 -34.84 15.61
N LEU O 231 60.54 -34.66 14.59
CA LEU O 231 59.35 -35.49 14.43
C LEU O 231 59.69 -36.83 13.78
N LEU O 232 60.76 -36.89 12.98
CA LEU O 232 61.20 -38.17 12.44
C LEU O 232 61.68 -39.09 13.56
N ARG O 233 62.38 -38.53 14.55
CA ARG O 233 62.84 -39.33 15.68
C ARG O 233 61.67 -39.75 16.57
N ASP O 234 60.69 -38.85 16.76
CA ASP O 234 59.55 -39.17 17.62
C ASP O 234 58.77 -40.37 17.08
N ASN O 235 58.73 -40.53 15.76
CA ASN O 235 58.06 -41.70 15.19
C ASN O 235 58.89 -42.97 15.39
N LEU O 236 60.20 -42.89 15.15
CA LEU O 236 61.04 -44.08 15.21
C LEU O 236 61.28 -44.54 16.64
N THR O 237 61.51 -43.59 17.56
CA THR O 237 61.82 -43.95 18.94
C THR O 237 60.66 -44.64 19.65
N LEU O 238 59.42 -44.39 19.21
CA LEU O 238 58.25 -45.04 19.78
C LEU O 238 57.74 -46.20 18.92
N TRP O 239 58.21 -46.31 17.68
CA TRP O 239 57.80 -47.42 16.81
C TRP O 239 58.52 -48.71 17.21
N SER P 3 51.93 -37.98 10.99
CA SER P 3 52.55 -39.07 11.74
C SER P 3 51.49 -39.93 12.42
#